data_7BO8
# 
_entry.id   7BO8 
# 
_audit_conform.dict_name       mmcif_pdbx.dic 
_audit_conform.dict_version    5.403 
_audit_conform.dict_location   http://mmcif.pdb.org/dictionaries/ascii/mmcif_pdbx.dic 
# 
loop_
_database_2.database_id 
_database_2.database_code 
_database_2.pdbx_database_accession 
_database_2.pdbx_DOI 
PDB   7BO8         pdb_00007bo8 10.2210/pdb7bo8/pdb 
WWPDB D_1292113339 ?            ?                   
# 
loop_
_pdbx_audit_revision_history.ordinal 
_pdbx_audit_revision_history.data_content_type 
_pdbx_audit_revision_history.major_revision 
_pdbx_audit_revision_history.minor_revision 
_pdbx_audit_revision_history.revision_date 
_pdbx_audit_revision_history.part_number 
1 'Structure model' 1 0 2021-05-19 ? 
2 'Structure model' 1 1 2025-04-09 ? 
# 
_pdbx_audit_revision_details.ordinal             1 
_pdbx_audit_revision_details.revision_ordinal    1 
_pdbx_audit_revision_details.data_content_type   'Structure model' 
_pdbx_audit_revision_details.provider            repository 
_pdbx_audit_revision_details.type                'Initial release' 
_pdbx_audit_revision_details.description         ? 
_pdbx_audit_revision_details.details             ? 
# 
loop_
_pdbx_audit_revision_group.ordinal 
_pdbx_audit_revision_group.revision_ordinal 
_pdbx_audit_revision_group.data_content_type 
_pdbx_audit_revision_group.group 
1 2 'Structure model' 'Data collection'     
2 2 'Structure model' 'Database references' 
3 2 'Structure model' 'Structure summary'   
# 
loop_
_pdbx_audit_revision_category.ordinal 
_pdbx_audit_revision_category.revision_ordinal 
_pdbx_audit_revision_category.data_content_type 
_pdbx_audit_revision_category.category 
1 2 'Structure model' chem_comp_atom            
2 2 'Structure model' chem_comp_bond            
3 2 'Structure model' database_2                
4 2 'Structure model' pdbx_entry_details        
5 2 'Structure model' pdbx_modification_feature 
# 
loop_
_pdbx_audit_revision_item.ordinal 
_pdbx_audit_revision_item.revision_ordinal 
_pdbx_audit_revision_item.data_content_type 
_pdbx_audit_revision_item.item 
1 2 'Structure model' '_database_2.pdbx_DOI'                         
2 2 'Structure model' '_database_2.pdbx_database_accession'          
3 2 'Structure model' '_pdbx_entry_details.has_protein_modification' 
# 
_pdbx_database_status.status_code                     REL 
_pdbx_database_status.status_code_sf                  REL 
_pdbx_database_status.status_code_mr                  ? 
_pdbx_database_status.entry_id                        7BO8 
_pdbx_database_status.recvd_initial_deposition_date   2021-01-24 
_pdbx_database_status.SG_entry                        N 
_pdbx_database_status.deposit_site                    PDBE 
_pdbx_database_status.process_site                    PDBE 
_pdbx_database_status.status_code_cs                  ? 
_pdbx_database_status.status_code_nmr_data            ? 
_pdbx_database_status.methods_development_category    ? 
_pdbx_database_status.pdb_format_compatible           Y 
# 
loop_
_audit_author.name 
_audit_author.pdbx_ordinal 
_audit_author.identifier_ORCID 
'Rhys, G.G.'     1 0000-0002-0247-9495 
'Brady, R.L.'    2 0000-0002-3575-5513 
'Woolfson, D.N.' 3 0000-0002-0394-3202 
# 
_citation.abstract                  ? 
_citation.abstract_id_CAS           ? 
_citation.book_id_ISBN              ? 
_citation.book_publisher            ? 
_citation.book_publisher_city       ? 
_citation.book_title                ? 
_citation.coordinate_linkage        ? 
_citation.country                   US 
_citation.database_id_Medline       ? 
_citation.details                   ? 
_citation.id                        primary 
_citation.journal_abbrev            Biomacromolecules 
_citation.journal_id_ASTM           ? 
_citation.journal_id_CSD            ? 
_citation.journal_id_ISSN           1526-4602 
_citation.journal_full              ? 
_citation.journal_issue             ? 
_citation.journal_volume            22 
_citation.language                  ? 
_citation.page_first                2010 
_citation.page_last                 2019 
_citation.title                     'How Coiled-Coil Assemblies Accommodate Multiple Aromatic Residues.' 
_citation.year                      2021 
_citation.database_id_CSD           ? 
_citation.pdbx_database_id_DOI      10.1021/acs.biomac.1c00131 
_citation.pdbx_database_id_PubMed   33881308 
_citation.unpublished_flag          ? 
# 
loop_
_citation_author.citation_id 
_citation_author.name 
_citation_author.ordinal 
_citation_author.identifier_ORCID 
primary 'Rhys, G.G.'     1 0000-0002-0247-9495 
primary 'Dawson, W.M.'   2 0000-0003-2710-6879 
primary 'Beesley, J.L.'  3 0000-0003-2203-0027 
primary 'Martin, F.J.O.' 4 ?                   
primary 'Brady, R.L.'    5 ?                   
primary 'Thomson, A.R.'  6 0000-0002-1066-1369 
primary 'Woolfson, D.N.' 7 0000-0002-0394-3202 
# 
loop_
_entity.id 
_entity.type 
_entity.src_method 
_entity.pdbx_description 
_entity.formula_weight 
_entity.pdbx_number_of_molecules 
_entity.pdbx_ec 
_entity.pdbx_mutation 
_entity.pdbx_fragment 
_entity.details 
1 polymer     syn 'CC-Type2-(VaYd)4-Y3F-W19(BrPhe)-Y24F' 3386.687 6  ? ? ? ? 
2 non-polymer syn 'OXAMIC ACID'                          89.050   1  ? ? ? ? 
3 non-polymer syn 1,2-ETHANEDIOL                         62.068   1  ? ? ? ? 
4 water       nat water                                  18.015   32 ? ? ? ? 
# 
_entity_poly.entity_id                      1 
_entity_poly.type                           'polypeptide(L)' 
_entity_poly.nstd_linkage                   no 
_entity_poly.nstd_monomer                   yes 
_entity_poly.pdbx_seq_one_letter_code       '(ACE)GEFAQAVKEYAKAVKEYA(4BF)AVKEFAQAVKG(NH2)' 
_entity_poly.pdbx_seq_one_letter_code_can   XGEFAQAVKEYAKAVKEYAYAVKEFAQAVKGX 
_entity_poly.pdbx_strand_id                 A,B,C,D,E,F 
_entity_poly.pdbx_target_identifier         ? 
# 
loop_
_pdbx_entity_nonpoly.entity_id 
_pdbx_entity_nonpoly.name 
_pdbx_entity_nonpoly.comp_id 
2 'OXAMIC ACID'  OXM 
3 1,2-ETHANEDIOL EDO 
4 water          HOH 
# 
loop_
_entity_poly_seq.entity_id 
_entity_poly_seq.num 
_entity_poly_seq.mon_id 
_entity_poly_seq.hetero 
1 1  ACE n 
1 2  GLY n 
1 3  GLU n 
1 4  PHE n 
1 5  ALA n 
1 6  GLN n 
1 7  ALA n 
1 8  VAL n 
1 9  LYS n 
1 10 GLU n 
1 11 TYR n 
1 12 ALA n 
1 13 LYS n 
1 14 ALA n 
1 15 VAL n 
1 16 LYS n 
1 17 GLU n 
1 18 TYR n 
1 19 ALA n 
1 20 4BF n 
1 21 ALA n 
1 22 VAL n 
1 23 LYS n 
1 24 GLU n 
1 25 PHE n 
1 26 ALA n 
1 27 GLN n 
1 28 ALA n 
1 29 VAL n 
1 30 LYS n 
1 31 GLY n 
1 32 NH2 n 
# 
_pdbx_entity_src_syn.entity_id              1 
_pdbx_entity_src_syn.pdbx_src_id            1 
_pdbx_entity_src_syn.pdbx_alt_source_flag   sample 
_pdbx_entity_src_syn.pdbx_beg_seq_num       1 
_pdbx_entity_src_syn.pdbx_end_seq_num       32 
_pdbx_entity_src_syn.organism_scientific    'synthetic construct' 
_pdbx_entity_src_syn.organism_common_name   ? 
_pdbx_entity_src_syn.ncbi_taxonomy_id       32630 
_pdbx_entity_src_syn.details                ? 
# 
loop_
_chem_comp.id 
_chem_comp.type 
_chem_comp.mon_nstd_flag 
_chem_comp.name 
_chem_comp.pdbx_synonyms 
_chem_comp.formula 
_chem_comp.formula_weight 
4BF 'L-peptide linking' n 4-BROMO-L-PHENYLALANINE P-BROMO-L-PHENYLALANINE 'C9 H10 Br N O2' 244.085 
ACE non-polymer         . 'ACETYL GROUP'          ?                       'C2 H4 O'        44.053  
ALA 'L-peptide linking' y ALANINE                 ?                       'C3 H7 N O2'     89.093  
EDO non-polymer         . 1,2-ETHANEDIOL          'ETHYLENE GLYCOL'       'C2 H6 O2'       62.068  
GLN 'L-peptide linking' y GLUTAMINE               ?                       'C5 H10 N2 O3'   146.144 
GLU 'L-peptide linking' y 'GLUTAMIC ACID'         ?                       'C5 H9 N O4'     147.129 
GLY 'peptide linking'   y GLYCINE                 ?                       'C2 H5 N O2'     75.067  
HOH non-polymer         . WATER                   ?                       'H2 O'           18.015  
LYS 'L-peptide linking' y LYSINE                  ?                       'C6 H15 N2 O2 1' 147.195 
NH2 non-polymer         . 'AMINO GROUP'           ?                       'H2 N'           16.023  
OXM non-polymer         . 'OXAMIC ACID'           ?                       'C2 H3 N O3'     89.050  
PHE 'L-peptide linking' y PHENYLALANINE           ?                       'C9 H11 N O2'    165.189 
TYR 'L-peptide linking' y TYROSINE                ?                       'C9 H11 N O3'    181.189 
VAL 'L-peptide linking' y VALINE                  ?                       'C5 H11 N O2'    117.146 
# 
loop_
_pdbx_poly_seq_scheme.asym_id 
_pdbx_poly_seq_scheme.entity_id 
_pdbx_poly_seq_scheme.seq_id 
_pdbx_poly_seq_scheme.mon_id 
_pdbx_poly_seq_scheme.ndb_seq_num 
_pdbx_poly_seq_scheme.pdb_seq_num 
_pdbx_poly_seq_scheme.auth_seq_num 
_pdbx_poly_seq_scheme.pdb_mon_id 
_pdbx_poly_seq_scheme.auth_mon_id 
_pdbx_poly_seq_scheme.pdb_strand_id 
_pdbx_poly_seq_scheme.pdb_ins_code 
_pdbx_poly_seq_scheme.hetero 
A 1 1  ACE 1  0  0  ACE ACE A . n 
A 1 2  GLY 2  1  1  GLY GLY A . n 
A 1 3  GLU 3  2  2  GLU GLU A . n 
A 1 4  PHE 4  3  3  PHE PHE A . n 
A 1 5  ALA 5  4  4  ALA ALA A . n 
A 1 6  GLN 6  5  5  GLN GLN A . n 
A 1 7  ALA 7  6  6  ALA ALA A . n 
A 1 8  VAL 8  7  7  VAL VAL A . n 
A 1 9  LYS 9  8  8  LYS LYS A . n 
A 1 10 GLU 10 9  9  GLU GLU A . n 
A 1 11 TYR 11 10 10 TYR TYR A . n 
A 1 12 ALA 12 11 11 ALA ALA A . n 
A 1 13 LYS 13 12 12 LYS LYS A . n 
A 1 14 ALA 14 13 13 ALA ALA A . n 
A 1 15 VAL 15 14 14 VAL VAL A . n 
A 1 16 LYS 16 15 15 LYS LYS A . n 
A 1 17 GLU 17 16 16 GLU GLU A . n 
A 1 18 TYR 18 17 17 TYR TYR A . n 
A 1 19 ALA 19 18 18 ALA ALA A . n 
A 1 20 4BF 20 19 19 4BF 4BF A . n 
A 1 21 ALA 21 20 20 ALA ALA A . n 
A 1 22 VAL 22 21 21 VAL VAL A . n 
A 1 23 LYS 23 22 22 LYS LYS A . n 
A 1 24 GLU 24 23 23 GLU GLU A . n 
A 1 25 PHE 25 24 24 PHE PHE A . n 
A 1 26 ALA 26 25 25 ALA ALA A . n 
A 1 27 GLN 27 26 26 GLN GLN A . n 
A 1 28 ALA 28 27 27 ALA ALA A . n 
A 1 29 VAL 29 28 28 VAL VAL A . n 
A 1 30 LYS 30 29 29 LYS LYS A . n 
A 1 31 GLY 31 30 30 GLY GLY A . n 
A 1 32 NH2 32 31 ?  ?   ?   A . n 
B 1 1  ACE 1  0  0  ACE ACE B . n 
B 1 2  GLY 2  1  1  GLY GLY B . n 
B 1 3  GLU 3  2  2  GLU GLU B . n 
B 1 4  PHE 4  3  3  PHE PHE B . n 
B 1 5  ALA 5  4  4  ALA ALA B . n 
B 1 6  GLN 6  5  5  GLN GLN B . n 
B 1 7  ALA 7  6  6  ALA ALA B . n 
B 1 8  VAL 8  7  7  VAL VAL B . n 
B 1 9  LYS 9  8  8  LYS LYS B . n 
B 1 10 GLU 10 9  9  GLU GLU B . n 
B 1 11 TYR 11 10 10 TYR TYR B . n 
B 1 12 ALA 12 11 11 ALA ALA B . n 
B 1 13 LYS 13 12 12 LYS LYS B . n 
B 1 14 ALA 14 13 13 ALA ALA B . n 
B 1 15 VAL 15 14 14 VAL VAL B . n 
B 1 16 LYS 16 15 15 LYS LYS B . n 
B 1 17 GLU 17 16 16 GLU GLU B . n 
B 1 18 TYR 18 17 17 TYR TYR B . n 
B 1 19 ALA 19 18 18 ALA ALA B . n 
B 1 20 4BF 20 19 19 4BF 4BF B . n 
B 1 21 ALA 21 20 20 ALA ALA B . n 
B 1 22 VAL 22 21 21 VAL VAL B . n 
B 1 23 LYS 23 22 22 LYS LYS B . n 
B 1 24 GLU 24 23 23 GLU GLU B . n 
B 1 25 PHE 25 24 24 PHE PHE B . n 
B 1 26 ALA 26 25 25 ALA ALA B . n 
B 1 27 GLN 27 26 26 GLN GLN B . n 
B 1 28 ALA 28 27 27 ALA ALA B . n 
B 1 29 VAL 29 28 28 VAL VAL B . n 
B 1 30 LYS 30 29 29 LYS LYS B . n 
B 1 31 GLY 31 30 30 GLY GLY B . n 
B 1 32 NH2 32 31 31 NH2 NH2 B . n 
C 1 1  ACE 1  0  0  ACE ACE C . n 
C 1 2  GLY 2  1  1  GLY GLY C . n 
C 1 3  GLU 3  2  2  GLU GLU C . n 
C 1 4  PHE 4  3  3  PHE PHE C . n 
C 1 5  ALA 5  4  4  ALA ALA C . n 
C 1 6  GLN 6  5  5  GLN GLN C . n 
C 1 7  ALA 7  6  6  ALA ALA C . n 
C 1 8  VAL 8  7  7  VAL VAL C . n 
C 1 9  LYS 9  8  8  LYS LYS C . n 
C 1 10 GLU 10 9  9  GLU GLU C . n 
C 1 11 TYR 11 10 10 TYR TYR C . n 
C 1 12 ALA 12 11 11 ALA ALA C . n 
C 1 13 LYS 13 12 12 LYS LYS C . n 
C 1 14 ALA 14 13 13 ALA ALA C . n 
C 1 15 VAL 15 14 14 VAL VAL C . n 
C 1 16 LYS 16 15 15 LYS LYS C . n 
C 1 17 GLU 17 16 16 GLU GLU C . n 
C 1 18 TYR 18 17 17 TYR TYR C . n 
C 1 19 ALA 19 18 18 ALA ALA C . n 
C 1 20 4BF 20 19 19 4BF 4BF C . n 
C 1 21 ALA 21 20 20 ALA ALA C . n 
C 1 22 VAL 22 21 21 VAL VAL C . n 
C 1 23 LYS 23 22 22 LYS LYS C . n 
C 1 24 GLU 24 23 23 GLU GLU C . n 
C 1 25 PHE 25 24 24 PHE PHE C . n 
C 1 26 ALA 26 25 25 ALA ALA C . n 
C 1 27 GLN 27 26 26 GLN GLN C . n 
C 1 28 ALA 28 27 27 ALA ALA C . n 
C 1 29 VAL 29 28 28 VAL VAL C . n 
C 1 30 LYS 30 29 29 LYS LYS C . n 
C 1 31 GLY 31 30 30 GLY GLY C . n 
C 1 32 NH2 32 31 ?  ?   ?   C . n 
D 1 1  ACE 1  0  0  ACE ACE D . n 
D 1 2  GLY 2  1  1  GLY GLY D . n 
D 1 3  GLU 3  2  2  GLU GLU D . n 
D 1 4  PHE 4  3  3  PHE PHE D . n 
D 1 5  ALA 5  4  4  ALA ALA D . n 
D 1 6  GLN 6  5  5  GLN GLN D . n 
D 1 7  ALA 7  6  6  ALA ALA D . n 
D 1 8  VAL 8  7  7  VAL VAL D . n 
D 1 9  LYS 9  8  8  LYS LYS D . n 
D 1 10 GLU 10 9  9  GLU GLU D . n 
D 1 11 TYR 11 10 10 TYR TYR D . n 
D 1 12 ALA 12 11 11 ALA ALA D . n 
D 1 13 LYS 13 12 12 LYS LYS D . n 
D 1 14 ALA 14 13 13 ALA ALA D . n 
D 1 15 VAL 15 14 14 VAL VAL D . n 
D 1 16 LYS 16 15 15 LYS LYS D . n 
D 1 17 GLU 17 16 16 GLU GLU D . n 
D 1 18 TYR 18 17 17 TYR TYR D . n 
D 1 19 ALA 19 18 18 ALA ALA D . n 
D 1 20 4BF 20 19 19 4BF 4BF D . n 
D 1 21 ALA 21 20 20 ALA ALA D . n 
D 1 22 VAL 22 21 21 VAL VAL D . n 
D 1 23 LYS 23 22 22 LYS LYS D . n 
D 1 24 GLU 24 23 23 GLU GLU D . n 
D 1 25 PHE 25 24 24 PHE PHE D . n 
D 1 26 ALA 26 25 25 ALA ALA D . n 
D 1 27 GLN 27 26 26 GLN GLN D . n 
D 1 28 ALA 28 27 27 ALA ALA D . n 
D 1 29 VAL 29 28 28 VAL VAL D . n 
D 1 30 LYS 30 29 29 LYS LYS D . n 
D 1 31 GLY 31 30 30 GLY GLY D . n 
D 1 32 NH2 32 31 31 NH2 NH2 D . n 
E 1 1  ACE 1  0  ?  ?   ?   E . n 
E 1 2  GLY 2  1  1  GLY GLY E . n 
E 1 3  GLU 3  2  2  GLU GLU E . n 
E 1 4  PHE 4  3  3  PHE PHE E . n 
E 1 5  ALA 5  4  4  ALA ALA E . n 
E 1 6  GLN 6  5  5  GLN GLN E . n 
E 1 7  ALA 7  6  6  ALA ALA E . n 
E 1 8  VAL 8  7  7  VAL VAL E . n 
E 1 9  LYS 9  8  8  LYS LYS E . n 
E 1 10 GLU 10 9  9  GLU GLU E . n 
E 1 11 TYR 11 10 10 TYR TYR E . n 
E 1 12 ALA 12 11 11 ALA ALA E . n 
E 1 13 LYS 13 12 12 LYS LYS E . n 
E 1 14 ALA 14 13 13 ALA ALA E . n 
E 1 15 VAL 15 14 14 VAL VAL E . n 
E 1 16 LYS 16 15 15 LYS LYS E . n 
E 1 17 GLU 17 16 16 GLU GLU E . n 
E 1 18 TYR 18 17 17 TYR TYR E . n 
E 1 19 ALA 19 18 18 ALA ALA E . n 
E 1 20 4BF 20 19 19 4BF 4BF E . n 
E 1 21 ALA 21 20 20 ALA ALA E . n 
E 1 22 VAL 22 21 21 VAL VAL E . n 
E 1 23 LYS 23 22 22 LYS LYS E . n 
E 1 24 GLU 24 23 23 GLU GLU E . n 
E 1 25 PHE 25 24 24 PHE PHE E . n 
E 1 26 ALA 26 25 25 ALA ALA E . n 
E 1 27 GLN 27 26 26 GLN GLN E . n 
E 1 28 ALA 28 27 27 ALA ALA E . n 
E 1 29 VAL 29 28 28 VAL VAL E . n 
E 1 30 LYS 30 29 29 LYS LYS E . n 
E 1 31 GLY 31 30 30 GLY GLY E . n 
E 1 32 NH2 32 31 ?  ?   ?   E . n 
F 1 1  ACE 1  0  0  ACE ACE F . n 
F 1 2  GLY 2  1  1  GLY GLY F . n 
F 1 3  GLU 3  2  2  GLU GLU F . n 
F 1 4  PHE 4  3  3  PHE PHE F . n 
F 1 5  ALA 5  4  4  ALA ALA F . n 
F 1 6  GLN 6  5  5  GLN GLN F . n 
F 1 7  ALA 7  6  6  ALA ALA F . n 
F 1 8  VAL 8  7  7  VAL VAL F . n 
F 1 9  LYS 9  8  8  LYS LYS F . n 
F 1 10 GLU 10 9  9  GLU GLU F . n 
F 1 11 TYR 11 10 10 TYR TYR F . n 
F 1 12 ALA 12 11 11 ALA ALA F . n 
F 1 13 LYS 13 12 12 LYS LYS F . n 
F 1 14 ALA 14 13 13 ALA ALA F . n 
F 1 15 VAL 15 14 14 VAL VAL F . n 
F 1 16 LYS 16 15 15 LYS LYS F . n 
F 1 17 GLU 17 16 16 GLU GLU F . n 
F 1 18 TYR 18 17 17 TYR TYR F . n 
F 1 19 ALA 19 18 18 ALA ALA F . n 
F 1 20 4BF 20 19 19 4BF 4BF F . n 
F 1 21 ALA 21 20 20 ALA ALA F . n 
F 1 22 VAL 22 21 21 VAL VAL F . n 
F 1 23 LYS 23 22 22 LYS LYS F . n 
F 1 24 GLU 24 23 23 GLU GLU F . n 
F 1 25 PHE 25 24 24 PHE PHE F . n 
F 1 26 ALA 26 25 25 ALA ALA F . n 
F 1 27 GLN 27 26 26 GLN GLN F . n 
F 1 28 ALA 28 27 27 ALA ALA F . n 
F 1 29 VAL 29 28 28 VAL VAL F . n 
F 1 30 LYS 30 29 29 LYS LYS F . n 
F 1 31 GLY 31 30 30 GLY GLY F . n 
F 1 32 NH2 32 31 ?  ?   ?   F . n 
# 
loop_
_pdbx_nonpoly_scheme.asym_id 
_pdbx_nonpoly_scheme.entity_id 
_pdbx_nonpoly_scheme.mon_id 
_pdbx_nonpoly_scheme.ndb_seq_num 
_pdbx_nonpoly_scheme.pdb_seq_num 
_pdbx_nonpoly_scheme.auth_seq_num 
_pdbx_nonpoly_scheme.pdb_mon_id 
_pdbx_nonpoly_scheme.auth_mon_id 
_pdbx_nonpoly_scheme.pdb_strand_id 
_pdbx_nonpoly_scheme.pdb_ins_code 
G 2 OXM 1 101 2  OXM OXM B . 
H 3 EDO 1 101 1  EDO EDO F . 
I 4 HOH 1 101 2  HOH HOH A . 
I 4 HOH 2 102 30 HOH HOH A . 
I 4 HOH 3 103 1  HOH HOH A . 
I 4 HOH 4 104 19 HOH HOH A . 
I 4 HOH 5 105 5  HOH HOH A . 
J 4 HOH 1 201 3  HOH HOH B . 
J 4 HOH 2 202 10 HOH HOH B . 
J 4 HOH 3 203 9  HOH HOH B . 
J 4 HOH 4 204 21 HOH HOH B . 
J 4 HOH 5 205 27 HOH HOH B . 
J 4 HOH 6 206 28 HOH HOH B . 
J 4 HOH 7 207 12 HOH HOH B . 
J 4 HOH 8 208 15 HOH HOH B . 
K 4 HOH 1 101 13 HOH HOH C . 
K 4 HOH 2 102 18 HOH HOH C . 
K 4 HOH 3 103 17 HOH HOH C . 
L 4 HOH 1 101 24 HOH HOH D . 
L 4 HOH 2 102 29 HOH HOH D . 
L 4 HOH 3 103 14 HOH HOH D . 
L 4 HOH 4 104 16 HOH HOH D . 
L 4 HOH 5 105 25 HOH HOH D . 
L 4 HOH 6 106 11 HOH HOH D . 
M 4 HOH 1 101 8  HOH HOH E . 
M 4 HOH 2 102 7  HOH HOH E . 
M 4 HOH 3 103 4  HOH HOH E . 
M 4 HOH 4 104 23 HOH HOH E . 
M 4 HOH 5 105 31 HOH HOH E . 
M 4 HOH 6 106 22 HOH HOH E . 
N 4 HOH 1 201 6  HOH HOH F . 
N 4 HOH 2 202 26 HOH HOH F . 
N 4 HOH 3 203 20 HOH HOH F . 
N 4 HOH 4 204 32 HOH HOH F . 
# 
loop_
_software.citation_id 
_software.classification 
_software.compiler_name 
_software.compiler_version 
_software.contact_author 
_software.contact_author_email 
_software.date 
_software.description 
_software.dependencies 
_software.hardware 
_software.language 
_software.location 
_software.mods 
_software.name 
_software.os 
_software.os_version 
_software.type 
_software.version 
_software.pdbx_ordinal 
? 'data reduction'  ? ? ? ? ? ? ? ? ? ? ? XDS         ? ? ? 'Jun 1, 2017'               1 
? 'data scaling'    ? ? ? ? ? ? ? ? ? ? ? XSCALE      ? ? ? 'Jun 1, 2017'               2 
? 'data scaling'    ? ? ? ? ? ? ? ? ? ? ? xia2        ? ? ? 0.5.438-g5f426072-dials-1.7 3 
? phasing           ? ? ? ? ? ? ? ? ? ? ? CRANK2      ? ? ? .                           4 
? refinement        ? ? ? ? ? ? ? ? ? ? ? REFMAC      ? ? ? 5.8.0238                    5 
? 'data extraction' ? ? ? ? ? ? ? ? ? ? ? PDB_EXTRACT ? ? ? 3.25                        6 
# 
_cell.angle_alpha                  90.000 
_cell.angle_alpha_esd              ? 
_cell.angle_beta                   90.000 
_cell.angle_beta_esd               ? 
_cell.angle_gamma                  90.000 
_cell.angle_gamma_esd              ? 
_cell.entry_id                     7BO8 
_cell.details                      ? 
_cell.formula_units_Z              ? 
_cell.length_a                     31.150 
_cell.length_a_esd                 ? 
_cell.length_b                     53.250 
_cell.length_b_esd                 ? 
_cell.length_c                     111.880 
_cell.length_c_esd                 ? 
_cell.volume                       ? 
_cell.volume_esd                   ? 
_cell.Z_PDB                        24 
_cell.reciprocal_angle_alpha       ? 
_cell.reciprocal_angle_beta        ? 
_cell.reciprocal_angle_gamma       ? 
_cell.reciprocal_angle_alpha_esd   ? 
_cell.reciprocal_angle_beta_esd    ? 
_cell.reciprocal_angle_gamma_esd   ? 
_cell.reciprocal_length_a          ? 
_cell.reciprocal_length_b          ? 
_cell.reciprocal_length_c          ? 
_cell.reciprocal_length_a_esd      ? 
_cell.reciprocal_length_b_esd      ? 
_cell.reciprocal_length_c_esd      ? 
_cell.pdbx_unique_axis             ? 
# 
_symmetry.entry_id                         7BO8 
_symmetry.cell_setting                     ? 
_symmetry.Int_Tables_number                19 
_symmetry.space_group_name_Hall            ? 
_symmetry.space_group_name_H-M             'P 21 21 21' 
_symmetry.pdbx_full_space_group_name_H-M   ? 
# 
_exptl.absorpt_coefficient_mu     ? 
_exptl.absorpt_correction_T_max   ? 
_exptl.absorpt_correction_T_min   ? 
_exptl.absorpt_correction_type    ? 
_exptl.absorpt_process_details    ? 
_exptl.entry_id                   7BO8 
_exptl.crystals_number            1 
_exptl.details                    ? 
_exptl.method                     'X-RAY DIFFRACTION' 
_exptl.method_details             ? 
# 
_exptl_crystal.colour                      ? 
_exptl_crystal.density_diffrn              ? 
_exptl_crystal.density_Matthews            2.28 
_exptl_crystal.density_method              ? 
_exptl_crystal.density_percent_sol         46.13 
_exptl_crystal.description                 ? 
_exptl_crystal.F_000                       ? 
_exptl_crystal.id                          1 
_exptl_crystal.preparation                 ? 
_exptl_crystal.size_max                    ? 
_exptl_crystal.size_mid                    ? 
_exptl_crystal.size_min                    ? 
_exptl_crystal.size_rad                    ? 
_exptl_crystal.colour_lustre               ? 
_exptl_crystal.colour_modifier             ? 
_exptl_crystal.colour_primary              ? 
_exptl_crystal.density_meas                ? 
_exptl_crystal.density_meas_esd            ? 
_exptl_crystal.density_meas_gt             ? 
_exptl_crystal.density_meas_lt             ? 
_exptl_crystal.density_meas_temp           ? 
_exptl_crystal.density_meas_temp_esd       ? 
_exptl_crystal.density_meas_temp_gt        ? 
_exptl_crystal.density_meas_temp_lt        ? 
_exptl_crystal.pdbx_crystal_image_url      ? 
_exptl_crystal.pdbx_crystal_image_format   ? 
_exptl_crystal.pdbx_mosaicity              ? 
_exptl_crystal.pdbx_mosaicity_esd          ? 
# 
_exptl_crystal_grow.apparatus       ? 
_exptl_crystal_grow.atmosphere      ? 
_exptl_crystal_grow.crystal_id      1 
_exptl_crystal_grow.details         ? 
_exptl_crystal_grow.method          'VAPOR DIFFUSION, SITTING DROP' 
_exptl_crystal_grow.method_ref      ? 
_exptl_crystal_grow.pH              8.5 
_exptl_crystal_grow.pressure        ? 
_exptl_crystal_grow.pressure_esd    ? 
_exptl_crystal_grow.seeding         ? 
_exptl_crystal_grow.seeding_ref     ? 
_exptl_crystal_grow.temp            292 
_exptl_crystal_grow.temp_details    ? 
_exptl_crystal_grow.temp_esd        ? 
_exptl_crystal_grow.time            ? 
_exptl_crystal_grow.pdbx_details    
;After 1:1 dilution with the peptide solution the resulting conditions were 0.05 M Sodium formate, 0.05 M Ammonium acetate, 0.05 M Sodium citrate tribasic dihydrate, 0.05 M Potassium sodium tartrate tetrahydrate, 0.05 M Sodium oxamate, 0.05 M Tris, 0.05 M BICINE, 6% v/v Ethylene glycol and 3% w/v PEG 8000
;
_exptl_crystal_grow.pdbx_pH_range   ? 
# 
_diffrn.ambient_environment              ? 
_diffrn.ambient_temp                     80 
_diffrn.ambient_temp_details             ? 
_diffrn.ambient_temp_esd                 ? 
_diffrn.crystal_id                       1 
_diffrn.crystal_support                  ? 
_diffrn.crystal_treatment                ? 
_diffrn.details                          ? 
_diffrn.id                               1 
_diffrn.ambient_pressure                 ? 
_diffrn.ambient_pressure_esd             ? 
_diffrn.ambient_pressure_gt              ? 
_diffrn.ambient_pressure_lt              ? 
_diffrn.ambient_temp_gt                  ? 
_diffrn.ambient_temp_lt                  ? 
_diffrn.pdbx_serial_crystal_experiment   N 
# 
_diffrn_detector.details                      ? 
_diffrn_detector.detector                     PIXEL 
_diffrn_detector.diffrn_id                    1 
_diffrn_detector.type                         'DECTRIS PILATUS3 6M' 
_diffrn_detector.area_resol_mean              ? 
_diffrn_detector.dtime                        ? 
_diffrn_detector.pdbx_frames_total            ? 
_diffrn_detector.pdbx_collection_time_total   ? 
_diffrn_detector.pdbx_collection_date         2017-10-05 
_diffrn_detector.pdbx_frequency               ? 
# 
_diffrn_radiation.collimation                      ? 
_diffrn_radiation.diffrn_id                        1 
_diffrn_radiation.filter_edge                      ? 
_diffrn_radiation.inhomogeneity                    ? 
_diffrn_radiation.monochromator                    ? 
_diffrn_radiation.polarisn_norm                    ? 
_diffrn_radiation.polarisn_ratio                   ? 
_diffrn_radiation.probe                            ? 
_diffrn_radiation.type                             ? 
_diffrn_radiation.xray_symbol                      ? 
_diffrn_radiation.wavelength_id                    1 
_diffrn_radiation.pdbx_monochromatic_or_laue_m_l   M 
_diffrn_radiation.pdbx_wavelength_list             ? 
_diffrn_radiation.pdbx_wavelength                  ? 
_diffrn_radiation.pdbx_diffrn_protocol             'SINGLE WAVELENGTH' 
_diffrn_radiation.pdbx_analyzer                    ? 
_diffrn_radiation.pdbx_scattering_type             x-ray 
# 
_diffrn_radiation_wavelength.id           1 
_diffrn_radiation_wavelength.wavelength   0.91983 
_diffrn_radiation_wavelength.wt           1.0 
# 
_diffrn_source.current                     ? 
_diffrn_source.details                     ? 
_diffrn_source.diffrn_id                   1 
_diffrn_source.power                       ? 
_diffrn_source.size                        ? 
_diffrn_source.source                      SYNCHROTRON 
_diffrn_source.target                      ? 
_diffrn_source.type                        'DIAMOND BEAMLINE I03' 
_diffrn_source.voltage                     ? 
_diffrn_source.take-off_angle              ? 
_diffrn_source.pdbx_wavelength_list        0.91983 
_diffrn_source.pdbx_wavelength             ? 
_diffrn_source.pdbx_synchrotron_beamline   I03 
_diffrn_source.pdbx_synchrotron_site       Diamond 
# 
_reflns.B_iso_Wilson_estimate            45.32 
_reflns.entry_id                         7BO8 
_reflns.data_reduction_details           ? 
_reflns.data_reduction_method            ? 
_reflns.d_resolution_high                1.840 
_reflns.d_resolution_low                 38.570 
_reflns.details                          ? 
_reflns.limit_h_max                      ? 
_reflns.limit_h_min                      ? 
_reflns.limit_k_max                      ? 
_reflns.limit_k_min                      ? 
_reflns.limit_l_max                      ? 
_reflns.limit_l_min                      ? 
_reflns.number_all                       ? 
_reflns.number_obs                       16884 
_reflns.observed_criterion               ? 
_reflns.observed_criterion_F_max         ? 
_reflns.observed_criterion_F_min         ? 
_reflns.observed_criterion_I_max         ? 
_reflns.observed_criterion_I_min         ? 
_reflns.observed_criterion_sigma_F       ? 
_reflns.observed_criterion_sigma_I       ? 
_reflns.percent_possible_obs             99.900 
_reflns.R_free_details                   ? 
_reflns.Rmerge_F_all                     ? 
_reflns.Rmerge_F_obs                     ? 
_reflns.Friedel_coverage                 ? 
_reflns.number_gt                        ? 
_reflns.threshold_expression             ? 
_reflns.pdbx_redundancy                  32.1 
_reflns.pdbx_Rmerge_I_obs                0.176 
_reflns.pdbx_Rmerge_I_all                ? 
_reflns.pdbx_Rsym_value                  ? 
_reflns.pdbx_netI_over_av_sigmaI         ? 
_reflns.pdbx_netI_over_sigmaI            11.3 
_reflns.pdbx_res_netI_over_av_sigmaI_2   ? 
_reflns.pdbx_res_netI_over_sigmaI_2      ? 
_reflns.pdbx_chi_squared                 ? 
_reflns.pdbx_scaling_rejects             ? 
_reflns.pdbx_d_res_high_opt              ? 
_reflns.pdbx_d_res_low_opt               ? 
_reflns.pdbx_d_res_opt_method            ? 
_reflns.phase_calculation_details        ? 
_reflns.pdbx_Rrim_I_all                  0.176 
_reflns.pdbx_Rpim_I_all                  0.030 
_reflns.pdbx_d_opt                       ? 
_reflns.pdbx_number_measured_all         ? 
_reflns.pdbx_diffrn_id                   1 
_reflns.pdbx_ordinal                     1 
_reflns.pdbx_CC_half                     0.998 
_reflns.pdbx_CC_star                     ? 
_reflns.pdbx_R_split                     ? 
# 
loop_
_reflns_shell.d_res_high 
_reflns_shell.d_res_low 
_reflns_shell.meanI_over_sigI_all 
_reflns_shell.meanI_over_sigI_obs 
_reflns_shell.number_measured_all 
_reflns_shell.number_measured_obs 
_reflns_shell.number_possible 
_reflns_shell.number_unique_all 
_reflns_shell.number_unique_obs 
_reflns_shell.percent_possible_all 
_reflns_shell.percent_possible_obs 
_reflns_shell.Rmerge_F_all 
_reflns_shell.Rmerge_F_obs 
_reflns_shell.Rmerge_I_all 
_reflns_shell.Rmerge_I_obs 
_reflns_shell.meanI_over_sigI_gt 
_reflns_shell.meanI_over_uI_all 
_reflns_shell.meanI_over_uI_gt 
_reflns_shell.number_measured_gt 
_reflns_shell.number_unique_gt 
_reflns_shell.percent_possible_gt 
_reflns_shell.Rmerge_F_gt 
_reflns_shell.Rmerge_I_gt 
_reflns_shell.pdbx_redundancy 
_reflns_shell.pdbx_Rsym_value 
_reflns_shell.pdbx_chi_squared 
_reflns_shell.pdbx_netI_over_sigmaI_all 
_reflns_shell.pdbx_netI_over_sigmaI_obs 
_reflns_shell.pdbx_Rrim_I_all 
_reflns_shell.pdbx_Rpim_I_all 
_reflns_shell.pdbx_rejects 
_reflns_shell.pdbx_ordinal 
_reflns_shell.pdbx_diffrn_id 
_reflns_shell.pdbx_CC_half 
_reflns_shell.pdbx_CC_star 
_reflns_shell.pdbx_R_split 
1.840 1.890 ? 0.8  ? ? ? ? 1199 100.000 ? ? ? ? 2.209 ? ? ? ? ? ? ? ? 13.0 ? ? ? ? 2.299 0.632 ? 1 1 0.61  0.861 ? 
8.23  38.57 ? 29.2 ? ? ? ? 237  97.7    ? ? ? ? 0.113 ? ? ? ? ? ? ? ? 28.0 ? ? ? ? 0.115 0.021 ? 2 1 0.997 ?     ? 
# 
_refine.aniso_B[1][1]                            -0.8100 
_refine.aniso_B[1][2]                            0.0000 
_refine.aniso_B[1][3]                            0.0000 
_refine.aniso_B[2][2]                            1.0400 
_refine.aniso_B[2][3]                            0.0000 
_refine.aniso_B[3][3]                            -0.2200 
_refine.B_iso_max                                107.150 
_refine.B_iso_mean                               47.7970 
_refine.B_iso_min                                32.220 
_refine.correlation_coeff_Fo_to_Fc               0.9670 
_refine.correlation_coeff_Fo_to_Fc_free          0.9430 
_refine.details                                  
'HYDROGENS HAVE BEEN ADDED IN THE RIDING POSITIONS U VALUES      : REFINED INDIVIDUALLY' 
_refine.diff_density_max                         ? 
_refine.diff_density_max_esd                     ? 
_refine.diff_density_min                         ? 
_refine.diff_density_min_esd                     ? 
_refine.diff_density_rms                         ? 
_refine.diff_density_rms_esd                     ? 
_refine.entry_id                                 7BO8 
_refine.pdbx_refine_id                           'X-RAY DIFFRACTION' 
_refine.ls_abs_structure_details                 ? 
_refine.ls_abs_structure_Flack                   ? 
_refine.ls_abs_structure_Flack_esd               ? 
_refine.ls_abs_structure_Rogers                  ? 
_refine.ls_abs_structure_Rogers_esd              ? 
_refine.ls_d_res_high                            1.8400 
_refine.ls_d_res_low                             38.5700 
_refine.ls_extinction_coef                       ? 
_refine.ls_extinction_coef_esd                   ? 
_refine.ls_extinction_expression                 ? 
_refine.ls_extinction_method                     ? 
_refine.ls_goodness_of_fit_all                   ? 
_refine.ls_goodness_of_fit_all_esd               ? 
_refine.ls_goodness_of_fit_obs                   ? 
_refine.ls_goodness_of_fit_obs_esd               ? 
_refine.ls_hydrogen_treatment                    ? 
_refine.ls_matrix_type                           ? 
_refine.ls_number_constraints                    ? 
_refine.ls_number_parameters                     ? 
_refine.ls_number_reflns_all                     ? 
_refine.ls_number_reflns_obs                     16006 
_refine.ls_number_reflns_R_free                  824 
_refine.ls_number_reflns_R_work                  ? 
_refine.ls_number_restraints                     ? 
_refine.ls_percent_reflns_obs                    99.8800 
_refine.ls_percent_reflns_R_free                 4.9000 
_refine.ls_R_factor_all                          ? 
_refine.ls_R_factor_obs                          0.2040 
_refine.ls_R_factor_R_free                       0.2665 
_refine.ls_R_factor_R_free_error                 ? 
_refine.ls_R_factor_R_free_error_details         ? 
_refine.ls_R_factor_R_work                       0.2009 
_refine.ls_R_Fsqd_factor_obs                     ? 
_refine.ls_R_I_factor_obs                        ? 
_refine.ls_redundancy_reflns_all                 ? 
_refine.ls_redundancy_reflns_obs                 ? 
_refine.ls_restrained_S_all                      ? 
_refine.ls_restrained_S_obs                      ? 
_refine.ls_shift_over_esd_max                    ? 
_refine.ls_shift_over_esd_mean                   ? 
_refine.ls_structure_factor_coef                 ? 
_refine.ls_weighting_details                     ? 
_refine.ls_weighting_scheme                      ? 
_refine.ls_wR_factor_all                         ? 
_refine.ls_wR_factor_obs                         ? 
_refine.ls_wR_factor_R_free                      ? 
_refine.ls_wR_factor_R_work                      ? 
_refine.occupancy_max                            ? 
_refine.occupancy_min                            ? 
_refine.solvent_model_details                    MASK 
_refine.solvent_model_param_bsol                 ? 
_refine.solvent_model_param_ksol                 ? 
_refine.pdbx_R_complete                          ? 
_refine.ls_R_factor_gt                           ? 
_refine.ls_goodness_of_fit_gt                    ? 
_refine.ls_goodness_of_fit_ref                   ? 
_refine.ls_shift_over_su_max                     ? 
_refine.ls_shift_over_su_max_lt                  ? 
_refine.ls_shift_over_su_mean                    ? 
_refine.ls_shift_over_su_mean_lt                 ? 
_refine.pdbx_ls_sigma_I                          ? 
_refine.pdbx_ls_sigma_F                          0.000 
_refine.pdbx_ls_sigma_Fsqd                       ? 
_refine.pdbx_data_cutoff_high_absF               ? 
_refine.pdbx_data_cutoff_high_rms_absF           ? 
_refine.pdbx_data_cutoff_low_absF                ? 
_refine.pdbx_isotropic_thermal_model             ? 
_refine.pdbx_ls_cross_valid_method               THROUGHOUT 
_refine.pdbx_method_to_determine_struct          SAD 
_refine.pdbx_starting_model                      ? 
_refine.pdbx_stereochemistry_target_values       'MAXIMUM LIKELIHOOD' 
_refine.pdbx_R_Free_selection_details            RANDOM 
_refine.pdbx_stereochem_target_val_spec_case     ? 
_refine.pdbx_overall_ESU_R                       0.1430 
_refine.pdbx_overall_ESU_R_Free                  0.1510 
_refine.pdbx_solvent_vdw_probe_radii             1.2000 
_refine.pdbx_solvent_ion_probe_radii             0.8000 
_refine.pdbx_solvent_shrinkage_radii             0.8000 
_refine.pdbx_real_space_R                        ? 
_refine.pdbx_density_correlation                 ? 
_refine.pdbx_pd_number_of_powder_patterns        ? 
_refine.pdbx_pd_number_of_points                 ? 
_refine.pdbx_pd_meas_number_of_points            ? 
_refine.pdbx_pd_proc_ls_prof_R_factor            ? 
_refine.pdbx_pd_proc_ls_prof_wR_factor           ? 
_refine.pdbx_pd_Marquardt_correlation_coeff      ? 
_refine.pdbx_pd_Fsqrd_R_factor                   ? 
_refine.pdbx_pd_ls_matrix_band_width             ? 
_refine.pdbx_overall_phase_error                 ? 
_refine.pdbx_overall_SU_R_free_Cruickshank_DPI   ? 
_refine.pdbx_overall_SU_R_free_Blow_DPI          ? 
_refine.pdbx_overall_SU_R_Blow_DPI               ? 
_refine.pdbx_TLS_residual_ADP_flag               ? 
_refine.pdbx_diffrn_id                           1 
_refine.overall_SU_B                             4.2080 
_refine.overall_SU_ML                            0.1200 
_refine.overall_SU_R_Cruickshank_DPI             ? 
_refine.overall_SU_R_free                        ? 
_refine.overall_FOM_free_R_set                   ? 
_refine.overall_FOM_work_R_set                   ? 
_refine.pdbx_average_fsc_overall                 ? 
_refine.pdbx_average_fsc_work                    ? 
_refine.pdbx_average_fsc_free                    ? 
# 
_refine_hist.pdbx_refine_id                   'X-RAY DIFFRACTION' 
_refine_hist.cycle_id                         final 
_refine_hist.details                          ? 
_refine_hist.d_res_high                       1.8400 
_refine_hist.d_res_low                        38.5700 
_refine_hist.number_atoms_solvent             32 
_refine_hist.number_atoms_total               1457 
_refine_hist.number_reflns_all                ? 
_refine_hist.number_reflns_obs                ? 
_refine_hist.number_reflns_R_free             ? 
_refine_hist.number_reflns_R_work             ? 
_refine_hist.R_factor_all                     ? 
_refine_hist.R_factor_obs                     ? 
_refine_hist.R_factor_R_free                  ? 
_refine_hist.R_factor_R_work                  ? 
_refine_hist.pdbx_number_residues_total       187 
_refine_hist.pdbx_B_iso_mean_ligand           61.52 
_refine_hist.pdbx_B_iso_mean_solvent          48.45 
_refine_hist.pdbx_number_atoms_protein        1415 
_refine_hist.pdbx_number_atoms_nucleic_acid   0 
_refine_hist.pdbx_number_atoms_ligand         10 
_refine_hist.pdbx_number_atoms_lipid          ? 
_refine_hist.pdbx_number_atoms_carb           ? 
_refine_hist.pdbx_pseudo_atom_details         ? 
# 
loop_
_refine_ls_restr.pdbx_refine_id 
_refine_ls_restr.criterion 
_refine_ls_restr.dev_ideal 
_refine_ls_restr.dev_ideal_target 
_refine_ls_restr.number 
_refine_ls_restr.rejects 
_refine_ls_restr.type 
_refine_ls_restr.weight 
_refine_ls_restr.pdbx_restraint_function 
'X-RAY DIFFRACTION' ? 0.009  0.013  1457 ? r_bond_refined_d       ? ? 
'X-RAY DIFFRACTION' ? 0.001  0.018  1402 ? r_bond_other_d         ? ? 
'X-RAY DIFFRACTION' ? 1.418  1.666  1907 ? r_angle_refined_deg    ? ? 
'X-RAY DIFFRACTION' ? 1.347  1.607  3235 ? r_angle_other_deg      ? ? 
'X-RAY DIFFRACTION' ? 4.196  5.000  164  ? r_dihedral_angle_1_deg ? ? 
'X-RAY DIFFRACTION' ? 37.365 24.254 67   ? r_dihedral_angle_2_deg ? ? 
'X-RAY DIFFRACTION' ? 15.702 15.000 242  ? r_dihedral_angle_3_deg ? ? 
'X-RAY DIFFRACTION' ? 0.079  0.200  169  ? r_chiral_restr         ? ? 
'X-RAY DIFFRACTION' ? 0.008  0.020  1583 ? r_gen_planes_refined   ? ? 
'X-RAY DIFFRACTION' ? 0.001  0.020  301  ? r_gen_planes_other     ? ? 
# 
_refine_ls_shell.pdbx_refine_id                   'X-RAY DIFFRACTION' 
_refine_ls_shell.d_res_high                       1.8400 
_refine_ls_shell.d_res_low                        1.8880 
_refine_ls_shell.number_reflns_all                1193 
_refine_ls_shell.number_reflns_obs                ? 
_refine_ls_shell.number_reflns_R_free             48 
_refine_ls_shell.number_reflns_R_work             1145 
_refine_ls_shell.percent_reflns_obs               99.8300 
_refine_ls_shell.percent_reflns_R_free            ? 
_refine_ls_shell.R_factor_all                     ? 
_refine_ls_shell.R_factor_obs                     ? 
_refine_ls_shell.R_factor_R_free                  0.2950 
_refine_ls_shell.R_factor_R_free_error            0.0000 
_refine_ls_shell.R_factor_R_work                  0.3210 
_refine_ls_shell.redundancy_reflns_all            ? 
_refine_ls_shell.redundancy_reflns_obs            ? 
_refine_ls_shell.wR_factor_all                    ? 
_refine_ls_shell.wR_factor_obs                    ? 
_refine_ls_shell.wR_factor_R_free                 ? 
_refine_ls_shell.wR_factor_R_work                 ? 
_refine_ls_shell.pdbx_R_complete                  ? 
_refine_ls_shell.pdbx_total_number_of_bins_used   20 
_refine_ls_shell.pdbx_phase_error                 ? 
_refine_ls_shell.pdbx_fsc_work                    ? 
_refine_ls_shell.pdbx_fsc_free                    ? 
# 
_struct.entry_id                     7BO8 
_struct.title                        'A hexameric de novo coiled-coil assembly: CC-Type2-(VaYd)4-Y3F-W19(BrPhe)-Y24F.' 
_struct.pdbx_model_details           ? 
_struct.pdbx_formula_weight          ? 
_struct.pdbx_formula_weight_method   ? 
_struct.pdbx_model_type_details      ? 
_struct.pdbx_CASP_flag               N 
# 
_struct_keywords.entry_id        7BO8 
_struct_keywords.text            
'Coiled coil, synthetic peptide, homomeric assembly, tyrosine-tyrosine interactions, DE NOVO PROTEIN' 
_struct_keywords.pdbx_keywords   'DE NOVO PROTEIN' 
# 
loop_
_struct_asym.id 
_struct_asym.pdbx_blank_PDB_chainid_flag 
_struct_asym.pdbx_modified 
_struct_asym.entity_id 
_struct_asym.details 
A N N 1 ? 
B N N 1 ? 
C N N 1 ? 
D N N 1 ? 
E N N 1 ? 
F N N 1 ? 
G N N 2 ? 
H N N 3 ? 
I N N 4 ? 
J N N 4 ? 
K N N 4 ? 
L N N 4 ? 
M N N 4 ? 
N N N 4 ? 
# 
_struct_ref.id                         1 
_struct_ref.db_name                    PDB 
_struct_ref.db_code                    7BO8 
_struct_ref.pdbx_db_accession          7BO8 
_struct_ref.pdbx_db_isoform            ? 
_struct_ref.entity_id                  1 
_struct_ref.pdbx_seq_one_letter_code   ? 
_struct_ref.pdbx_align_begin           1 
# 
loop_
_struct_ref_seq.align_id 
_struct_ref_seq.ref_id 
_struct_ref_seq.pdbx_PDB_id_code 
_struct_ref_seq.pdbx_strand_id 
_struct_ref_seq.seq_align_beg 
_struct_ref_seq.pdbx_seq_align_beg_ins_code 
_struct_ref_seq.seq_align_end 
_struct_ref_seq.pdbx_seq_align_end_ins_code 
_struct_ref_seq.pdbx_db_accession 
_struct_ref_seq.db_align_beg 
_struct_ref_seq.pdbx_db_align_beg_ins_code 
_struct_ref_seq.db_align_end 
_struct_ref_seq.pdbx_db_align_end_ins_code 
_struct_ref_seq.pdbx_auth_seq_align_beg 
_struct_ref_seq.pdbx_auth_seq_align_end 
1 1 7BO8 A 1 ? 32 ? 7BO8 0 ? 31 ? 0 31 
2 1 7BO8 B 1 ? 32 ? 7BO8 0 ? 31 ? 0 31 
3 1 7BO8 C 1 ? 32 ? 7BO8 0 ? 31 ? 0 31 
4 1 7BO8 D 1 ? 32 ? 7BO8 0 ? 31 ? 0 31 
5 1 7BO8 E 1 ? 32 ? 7BO8 0 ? 31 ? 0 31 
6 1 7BO8 F 1 ? 32 ? 7BO8 0 ? 31 ? 0 31 
# 
_pdbx_struct_assembly.id                   1 
_pdbx_struct_assembly.details              author_and_software_defined_assembly 
_pdbx_struct_assembly.method_details       PISA 
_pdbx_struct_assembly.oligomeric_details   hexameric 
_pdbx_struct_assembly.oligomeric_count     6 
# 
loop_
_pdbx_struct_assembly_prop.biol_id 
_pdbx_struct_assembly_prop.type 
_pdbx_struct_assembly_prop.value 
_pdbx_struct_assembly_prop.details 
1 'ABSA (A^2)' 10140 ? 
1 MORE         -89   ? 
1 'SSA (A^2)'  9660  ? 
# 
_pdbx_struct_assembly_gen.assembly_id       1 
_pdbx_struct_assembly_gen.oper_expression   1 
_pdbx_struct_assembly_gen.asym_id_list      A,B,C,D,E,F,G,H,I,J,K,L,M,N 
# 
_pdbx_struct_assembly_auth_evidence.id                     1 
_pdbx_struct_assembly_auth_evidence.assembly_id            1 
_pdbx_struct_assembly_auth_evidence.experimental_support   'equilibrium centrifugation' 
_pdbx_struct_assembly_auth_evidence.details                ? 
# 
_pdbx_struct_oper_list.id                   1 
_pdbx_struct_oper_list.type                 'identity operation' 
_pdbx_struct_oper_list.name                 1_555 
_pdbx_struct_oper_list.symmetry_operation   x,y,z 
_pdbx_struct_oper_list.matrix[1][1]         1.0000000000 
_pdbx_struct_oper_list.matrix[1][2]         0.0000000000 
_pdbx_struct_oper_list.matrix[1][3]         0.0000000000 
_pdbx_struct_oper_list.vector[1]            0.0000000000 
_pdbx_struct_oper_list.matrix[2][1]         0.0000000000 
_pdbx_struct_oper_list.matrix[2][2]         1.0000000000 
_pdbx_struct_oper_list.matrix[2][3]         0.0000000000 
_pdbx_struct_oper_list.vector[2]            0.0000000000 
_pdbx_struct_oper_list.matrix[3][1]         0.0000000000 
_pdbx_struct_oper_list.matrix[3][2]         0.0000000000 
_pdbx_struct_oper_list.matrix[3][3]         1.0000000000 
_pdbx_struct_oper_list.vector[3]            0.0000000000 
# 
loop_
_struct_conf.conf_type_id 
_struct_conf.id 
_struct_conf.pdbx_PDB_helix_id 
_struct_conf.beg_label_comp_id 
_struct_conf.beg_label_asym_id 
_struct_conf.beg_label_seq_id 
_struct_conf.pdbx_beg_PDB_ins_code 
_struct_conf.end_label_comp_id 
_struct_conf.end_label_asym_id 
_struct_conf.end_label_seq_id 
_struct_conf.pdbx_end_PDB_ins_code 
_struct_conf.beg_auth_comp_id 
_struct_conf.beg_auth_asym_id 
_struct_conf.beg_auth_seq_id 
_struct_conf.end_auth_comp_id 
_struct_conf.end_auth_asym_id 
_struct_conf.end_auth_seq_id 
_struct_conf.pdbx_PDB_helix_class 
_struct_conf.details 
_struct_conf.pdbx_PDB_helix_length 
HELX_P HELX_P1 AA1 GLY A 2 ? GLY A 31 ? GLY A 1 GLY A 30 1 ? 30 
HELX_P HELX_P2 AA2 GLY B 2 ? GLY B 31 ? GLY B 1 GLY B 30 1 ? 30 
HELX_P HELX_P3 AA3 GLY C 2 ? GLY C 31 ? GLY C 1 GLY C 30 1 ? 30 
HELX_P HELX_P4 AA4 GLY D 2 ? GLY D 31 ? GLY D 1 GLY D 30 1 ? 30 
HELX_P HELX_P5 AA5 GLU E 3 ? GLY E 31 ? GLU E 2 GLY E 30 1 ? 29 
HELX_P HELX_P6 AA6 GLY F 2 ? GLY F 31 ? GLY F 1 GLY F 30 1 ? 30 
# 
_struct_conf_type.id          HELX_P 
_struct_conf_type.criteria    ? 
_struct_conf_type.reference   ? 
# 
loop_
_struct_conn.id 
_struct_conn.conn_type_id 
_struct_conn.pdbx_leaving_atom_flag 
_struct_conn.pdbx_PDB_id 
_struct_conn.ptnr1_label_asym_id 
_struct_conn.ptnr1_label_comp_id 
_struct_conn.ptnr1_label_seq_id 
_struct_conn.ptnr1_label_atom_id 
_struct_conn.pdbx_ptnr1_label_alt_id 
_struct_conn.pdbx_ptnr1_PDB_ins_code 
_struct_conn.pdbx_ptnr1_standard_comp_id 
_struct_conn.ptnr1_symmetry 
_struct_conn.ptnr2_label_asym_id 
_struct_conn.ptnr2_label_comp_id 
_struct_conn.ptnr2_label_seq_id 
_struct_conn.ptnr2_label_atom_id 
_struct_conn.pdbx_ptnr2_label_alt_id 
_struct_conn.pdbx_ptnr2_PDB_ins_code 
_struct_conn.ptnr1_auth_asym_id 
_struct_conn.ptnr1_auth_comp_id 
_struct_conn.ptnr1_auth_seq_id 
_struct_conn.ptnr2_auth_asym_id 
_struct_conn.ptnr2_auth_comp_id 
_struct_conn.ptnr2_auth_seq_id 
_struct_conn.ptnr2_symmetry 
_struct_conn.pdbx_ptnr3_label_atom_id 
_struct_conn.pdbx_ptnr3_label_seq_id 
_struct_conn.pdbx_ptnr3_label_comp_id 
_struct_conn.pdbx_ptnr3_label_asym_id 
_struct_conn.pdbx_ptnr3_label_alt_id 
_struct_conn.pdbx_ptnr3_PDB_ins_code 
_struct_conn.details 
_struct_conn.pdbx_dist_value 
_struct_conn.pdbx_value_order 
_struct_conn.pdbx_role 
covale1  covale both ? A ACE 1  C ? ? ? 1_555 A GLY 2  N ? ? A ACE 0  A GLY 1  1_555 ? ? ? ? ? ? ? 1.360 ? ? 
covale2  covale both ? A ALA 19 C ? ? ? 1_555 A 4BF 20 N ? ? A ALA 18 A 4BF 19 1_555 ? ? ? ? ? ? ? 1.289 ? ? 
covale3  covale both ? A 4BF 20 C ? ? ? 1_555 A ALA 21 N ? ? A 4BF 19 A ALA 20 1_555 ? ? ? ? ? ? ? 1.304 ? ? 
covale4  covale both ? B ACE 1  C ? ? ? 1_555 B GLY 2  N ? ? B ACE 0  B GLY 1  1_555 ? ? ? ? ? ? ? 1.342 ? ? 
covale5  covale both ? B ALA 19 C ? ? ? 1_555 B 4BF 20 N ? ? B ALA 18 B 4BF 19 1_555 ? ? ? ? ? ? ? 1.292 ? ? 
covale6  covale both ? B 4BF 20 C ? ? ? 1_555 B ALA 21 N ? ? B 4BF 19 B ALA 20 1_555 ? ? ? ? ? ? ? 1.306 ? ? 
covale7  covale both ? B GLY 31 C ? ? ? 1_555 B NH2 32 N ? ? B GLY 30 B NH2 31 1_555 ? ? ? ? ? ? ? 1.219 ? ? 
covale8  covale both ? C ACE 1  C ? ? ? 1_555 C GLY 2  N ? ? C ACE 0  C GLY 1  1_555 ? ? ? ? ? ? ? 1.347 ? ? 
covale9  covale both ? C ALA 19 C ? ? ? 1_555 C 4BF 20 N ? ? C ALA 18 C 4BF 19 1_555 ? ? ? ? ? ? ? 1.294 ? ? 
covale10 covale both ? C 4BF 20 C ? ? ? 1_555 C ALA 21 N ? ? C 4BF 19 C ALA 20 1_555 ? ? ? ? ? ? ? 1.311 ? ? 
covale11 covale both ? D ACE 1  C ? ? ? 1_555 D GLY 2  N ? ? D ACE 0  D GLY 1  1_555 ? ? ? ? ? ? ? 1.336 ? ? 
covale12 covale both ? D ALA 19 C ? ? ? 1_555 D 4BF 20 N ? ? D ALA 18 D 4BF 19 1_555 ? ? ? ? ? ? ? 1.315 ? ? 
covale13 covale both ? D 4BF 20 C ? ? ? 1_555 D ALA 21 N ? ? D 4BF 19 D ALA 20 1_555 ? ? ? ? ? ? ? 1.313 ? ? 
covale14 covale both ? D GLY 31 C ? ? ? 1_555 D NH2 32 N ? ? D GLY 30 D NH2 31 1_555 ? ? ? ? ? ? ? 1.229 ? ? 
covale15 covale both ? E ALA 19 C ? ? ? 1_555 E 4BF 20 N ? ? E ALA 18 E 4BF 19 1_555 ? ? ? ? ? ? ? 1.250 ? ? 
covale16 covale both ? E 4BF 20 C ? ? ? 1_555 E ALA 21 N ? ? E 4BF 19 E ALA 20 1_555 ? ? ? ? ? ? ? 1.313 ? ? 
covale17 covale both ? F ACE 1  C ? ? ? 1_555 F GLY 2  N ? ? F ACE 0  F GLY 1  1_555 ? ? ? ? ? ? ? 1.345 ? ? 
covale18 covale both ? F ALA 19 C ? ? ? 1_555 F 4BF 20 N ? ? F ALA 18 F 4BF 19 1_555 ? ? ? ? ? ? ? 1.300 ? ? 
covale19 covale both ? F 4BF 20 C ? ? ? 1_555 F ALA 21 N ? ? F 4BF 19 F ALA 20 1_555 ? ? ? ? ? ? ? 1.302 ? ? 
# 
_struct_conn_type.id          covale 
_struct_conn_type.criteria    ? 
_struct_conn_type.reference   ? 
# 
loop_
_pdbx_modification_feature.ordinal 
_pdbx_modification_feature.label_comp_id 
_pdbx_modification_feature.label_asym_id 
_pdbx_modification_feature.label_seq_id 
_pdbx_modification_feature.label_alt_id 
_pdbx_modification_feature.modified_residue_label_comp_id 
_pdbx_modification_feature.modified_residue_label_asym_id 
_pdbx_modification_feature.modified_residue_label_seq_id 
_pdbx_modification_feature.modified_residue_label_alt_id 
_pdbx_modification_feature.auth_comp_id 
_pdbx_modification_feature.auth_asym_id 
_pdbx_modification_feature.auth_seq_id 
_pdbx_modification_feature.PDB_ins_code 
_pdbx_modification_feature.symmetry 
_pdbx_modification_feature.modified_residue_auth_comp_id 
_pdbx_modification_feature.modified_residue_auth_asym_id 
_pdbx_modification_feature.modified_residue_auth_seq_id 
_pdbx_modification_feature.modified_residue_PDB_ins_code 
_pdbx_modification_feature.modified_residue_symmetry 
_pdbx_modification_feature.comp_id_linking_atom 
_pdbx_modification_feature.modified_residue_id_linking_atom 
_pdbx_modification_feature.modified_residue_id 
_pdbx_modification_feature.ref_pcm_id 
_pdbx_modification_feature.ref_comp_id 
_pdbx_modification_feature.type 
_pdbx_modification_feature.category 
1  4BF A 20 ? .   . .  . 4BF A 19 ? 1_555 .   . .  . .     . . PHE 1  4BF Bromination 'Named protein modification' 
2  4BF B 20 ? .   . .  . 4BF B 19 ? 1_555 .   . .  . .     . . PHE 1  4BF Bromination 'Named protein modification' 
3  4BF C 20 ? .   . .  . 4BF C 19 ? 1_555 .   . .  . .     . . PHE 1  4BF Bromination 'Named protein modification' 
4  4BF D 20 ? .   . .  . 4BF D 19 ? 1_555 .   . .  . .     . . PHE 1  4BF Bromination 'Named protein modification' 
5  4BF E 20 ? .   . .  . 4BF E 19 ? 1_555 .   . .  . .     . . PHE 1  4BF Bromination 'Named protein modification' 
6  4BF F 20 ? .   . .  . 4BF F 19 ? 1_555 .   . .  . .     . . PHE 1  4BF Bromination 'Named protein modification' 
7  ACE A 1  ? GLY A 2  ? ACE A 0  ? 1_555 GLY A 1  ? 1_555 . . GLY 12 ACE None        'Terminal acetylation'       
8  ACE B 1  ? GLY B 2  ? ACE B 0  ? 1_555 GLY B 1  ? 1_555 . . GLY 12 ACE None        'Terminal acetylation'       
9  ACE C 1  ? GLY C 2  ? ACE C 0  ? 1_555 GLY C 1  ? 1_555 . . GLY 12 ACE None        'Terminal acetylation'       
10 ACE D 1  ? GLY D 2  ? ACE D 0  ? 1_555 GLY D 1  ? 1_555 . . GLY 12 ACE None        'Terminal acetylation'       
11 ACE F 1  ? GLY F 2  ? ACE F 0  ? 1_555 GLY F 1  ? 1_555 . . GLY 12 ACE None        'Terminal acetylation'       
12 NH2 B 32 ? GLY B 31 ? NH2 B 31 ? 1_555 GLY B 30 ? 1_555 . . GLY 12 NH2 None        'Terminal amidation'         
13 NH2 D 32 ? GLY D 31 ? NH2 D 31 ? 1_555 GLY D 30 ? 1_555 . . GLY 12 NH2 None        'Terminal amidation'         
# 
_pdbx_entry_details.entry_id                   7BO8 
_pdbx_entry_details.nonpolymer_details         ? 
_pdbx_entry_details.sequence_details           ? 
_pdbx_entry_details.compound_details           ? 
_pdbx_entry_details.source_details             ? 
_pdbx_entry_details.has_ligand_of_interest     N 
_pdbx_entry_details.has_protein_modification   Y 
# 
_phasing.method   MR 
# 
loop_
_pdbx_unobs_or_zero_occ_residues.id 
_pdbx_unobs_or_zero_occ_residues.PDB_model_num 
_pdbx_unobs_or_zero_occ_residues.polymer_flag 
_pdbx_unobs_or_zero_occ_residues.occupancy_flag 
_pdbx_unobs_or_zero_occ_residues.auth_asym_id 
_pdbx_unobs_or_zero_occ_residues.auth_comp_id 
_pdbx_unobs_or_zero_occ_residues.auth_seq_id 
_pdbx_unobs_or_zero_occ_residues.PDB_ins_code 
_pdbx_unobs_or_zero_occ_residues.label_asym_id 
_pdbx_unobs_or_zero_occ_residues.label_comp_id 
_pdbx_unobs_or_zero_occ_residues.label_seq_id 
1 1 Y 1 A NH2 31 ? A NH2 32 
2 1 Y 1 C NH2 31 ? C NH2 32 
3 1 Y 1 E ACE 0  ? E ACE 1  
4 1 Y 1 E NH2 31 ? E NH2 32 
5 1 Y 1 F NH2 31 ? F NH2 32 
# 
loop_
_chem_comp_atom.comp_id 
_chem_comp_atom.atom_id 
_chem_comp_atom.type_symbol 
_chem_comp_atom.pdbx_aromatic_flag 
_chem_comp_atom.pdbx_stereo_config 
_chem_comp_atom.pdbx_ordinal 
4BF CD1  C  Y N 1   
4BF CE1  C  Y N 2   
4BF CZ   C  Y N 3   
4BF BR   BR N N 4   
4BF CE2  C  Y N 5   
4BF CD2  C  Y N 6   
4BF CG   C  Y N 7   
4BF CB   C  N N 8   
4BF CA   C  N S 9   
4BF N    N  N N 10  
4BF C    C  N N 11  
4BF OXT  O  N N 12  
4BF O    O  N N 13  
4BF HD1  H  N N 14  
4BF HE1  H  N N 15  
4BF HE2  H  N N 16  
4BF HD2  H  N N 17  
4BF HB3  H  N N 18  
4BF HB2  H  N N 19  
4BF HA   H  N N 20  
4BF H    H  N N 21  
4BF H2   H  N N 22  
4BF HXT  H  N N 23  
ACE C    C  N N 24  
ACE O    O  N N 25  
ACE CH3  C  N N 26  
ACE H    H  N N 27  
ACE H1   H  N N 28  
ACE H2   H  N N 29  
ACE H3   H  N N 30  
ALA N    N  N N 31  
ALA CA   C  N S 32  
ALA C    C  N N 33  
ALA O    O  N N 34  
ALA CB   C  N N 35  
ALA OXT  O  N N 36  
ALA H    H  N N 37  
ALA H2   H  N N 38  
ALA HA   H  N N 39  
ALA HB1  H  N N 40  
ALA HB2  H  N N 41  
ALA HB3  H  N N 42  
ALA HXT  H  N N 43  
EDO C1   C  N N 44  
EDO O1   O  N N 45  
EDO C2   C  N N 46  
EDO O2   O  N N 47  
EDO H11  H  N N 48  
EDO H12  H  N N 49  
EDO HO1  H  N N 50  
EDO H21  H  N N 51  
EDO H22  H  N N 52  
EDO HO2  H  N N 53  
GLN N    N  N N 54  
GLN CA   C  N S 55  
GLN C    C  N N 56  
GLN O    O  N N 57  
GLN CB   C  N N 58  
GLN CG   C  N N 59  
GLN CD   C  N N 60  
GLN OE1  O  N N 61  
GLN NE2  N  N N 62  
GLN OXT  O  N N 63  
GLN H    H  N N 64  
GLN H2   H  N N 65  
GLN HA   H  N N 66  
GLN HB2  H  N N 67  
GLN HB3  H  N N 68  
GLN HG2  H  N N 69  
GLN HG3  H  N N 70  
GLN HE21 H  N N 71  
GLN HE22 H  N N 72  
GLN HXT  H  N N 73  
GLU N    N  N N 74  
GLU CA   C  N S 75  
GLU C    C  N N 76  
GLU O    O  N N 77  
GLU CB   C  N N 78  
GLU CG   C  N N 79  
GLU CD   C  N N 80  
GLU OE1  O  N N 81  
GLU OE2  O  N N 82  
GLU OXT  O  N N 83  
GLU H    H  N N 84  
GLU H2   H  N N 85  
GLU HA   H  N N 86  
GLU HB2  H  N N 87  
GLU HB3  H  N N 88  
GLU HG2  H  N N 89  
GLU HG3  H  N N 90  
GLU HE2  H  N N 91  
GLU HXT  H  N N 92  
GLY N    N  N N 93  
GLY CA   C  N N 94  
GLY C    C  N N 95  
GLY O    O  N N 96  
GLY OXT  O  N N 97  
GLY H    H  N N 98  
GLY H2   H  N N 99  
GLY HA2  H  N N 100 
GLY HA3  H  N N 101 
GLY HXT  H  N N 102 
HOH O    O  N N 103 
HOH H1   H  N N 104 
HOH H2   H  N N 105 
LYS N    N  N N 106 
LYS CA   C  N S 107 
LYS C    C  N N 108 
LYS O    O  N N 109 
LYS CB   C  N N 110 
LYS CG   C  N N 111 
LYS CD   C  N N 112 
LYS CE   C  N N 113 
LYS NZ   N  N N 114 
LYS OXT  O  N N 115 
LYS H    H  N N 116 
LYS H2   H  N N 117 
LYS HA   H  N N 118 
LYS HB2  H  N N 119 
LYS HB3  H  N N 120 
LYS HG2  H  N N 121 
LYS HG3  H  N N 122 
LYS HD2  H  N N 123 
LYS HD3  H  N N 124 
LYS HE2  H  N N 125 
LYS HE3  H  N N 126 
LYS HZ1  H  N N 127 
LYS HZ2  H  N N 128 
LYS HZ3  H  N N 129 
LYS HXT  H  N N 130 
NH2 N    N  N N 131 
NH2 HN1  H  N N 132 
NH2 HN2  H  N N 133 
OXM C1   C  N N 134 
OXM N1   N  N N 135 
OXM O1   O  N N 136 
OXM C2   C  N N 137 
OXM O2   O  N N 138 
OXM O3   O  N N 139 
OXM HN1  H  N N 140 
OXM HN2  H  N N 141 
OXM HO3  H  N N 142 
PHE N    N  N N 143 
PHE CA   C  N S 144 
PHE C    C  N N 145 
PHE O    O  N N 146 
PHE CB   C  N N 147 
PHE CG   C  Y N 148 
PHE CD1  C  Y N 149 
PHE CD2  C  Y N 150 
PHE CE1  C  Y N 151 
PHE CE2  C  Y N 152 
PHE CZ   C  Y N 153 
PHE OXT  O  N N 154 
PHE H    H  N N 155 
PHE H2   H  N N 156 
PHE HA   H  N N 157 
PHE HB2  H  N N 158 
PHE HB3  H  N N 159 
PHE HD1  H  N N 160 
PHE HD2  H  N N 161 
PHE HE1  H  N N 162 
PHE HE2  H  N N 163 
PHE HZ   H  N N 164 
PHE HXT  H  N N 165 
TYR N    N  N N 166 
TYR CA   C  N S 167 
TYR C    C  N N 168 
TYR O    O  N N 169 
TYR CB   C  N N 170 
TYR CG   C  Y N 171 
TYR CD1  C  Y N 172 
TYR CD2  C  Y N 173 
TYR CE1  C  Y N 174 
TYR CE2  C  Y N 175 
TYR CZ   C  Y N 176 
TYR OH   O  N N 177 
TYR OXT  O  N N 178 
TYR H    H  N N 179 
TYR H2   H  N N 180 
TYR HA   H  N N 181 
TYR HB2  H  N N 182 
TYR HB3  H  N N 183 
TYR HD1  H  N N 184 
TYR HD2  H  N N 185 
TYR HE1  H  N N 186 
TYR HE2  H  N N 187 
TYR HH   H  N N 188 
TYR HXT  H  N N 189 
VAL N    N  N N 190 
VAL CA   C  N S 191 
VAL C    C  N N 192 
VAL O    O  N N 193 
VAL CB   C  N N 194 
VAL CG1  C  N N 195 
VAL CG2  C  N N 196 
VAL OXT  O  N N 197 
VAL H    H  N N 198 
VAL H2   H  N N 199 
VAL HA   H  N N 200 
VAL HB   H  N N 201 
VAL HG11 H  N N 202 
VAL HG12 H  N N 203 
VAL HG13 H  N N 204 
VAL HG21 H  N N 205 
VAL HG22 H  N N 206 
VAL HG23 H  N N 207 
VAL HXT  H  N N 208 
# 
loop_
_chem_comp_bond.comp_id 
_chem_comp_bond.atom_id_1 
_chem_comp_bond.atom_id_2 
_chem_comp_bond.value_order 
_chem_comp_bond.pdbx_aromatic_flag 
_chem_comp_bond.pdbx_stereo_config 
_chem_comp_bond.pdbx_ordinal 
4BF CD1 CE1  doub Y N 1   
4BF CD1 CG   sing Y N 2   
4BF CD1 HD1  sing N N 3   
4BF CE1 CZ   sing Y N 4   
4BF CE1 HE1  sing N N 5   
4BF CZ  BR   sing N N 6   
4BF CZ  CE2  doub Y N 7   
4BF CE2 CD2  sing Y N 8   
4BF CE2 HE2  sing N N 9   
4BF CD2 CG   doub Y N 10  
4BF CD2 HD2  sing N N 11  
4BF CG  CB   sing N N 12  
4BF CB  CA   sing N N 13  
4BF CB  HB3  sing N N 14  
4BF CB  HB2  sing N N 15  
4BF CA  N    sing N N 16  
4BF CA  C    sing N N 17  
4BF CA  HA   sing N N 18  
4BF N   H    sing N N 19  
4BF N   H2   sing N N 20  
4BF C   OXT  sing N N 21  
4BF C   O    doub N N 22  
4BF OXT HXT  sing N N 23  
ACE C   O    doub N N 24  
ACE C   CH3  sing N N 25  
ACE C   H    sing N N 26  
ACE CH3 H1   sing N N 27  
ACE CH3 H2   sing N N 28  
ACE CH3 H3   sing N N 29  
ALA N   CA   sing N N 30  
ALA N   H    sing N N 31  
ALA N   H2   sing N N 32  
ALA CA  C    sing N N 33  
ALA CA  CB   sing N N 34  
ALA CA  HA   sing N N 35  
ALA C   O    doub N N 36  
ALA C   OXT  sing N N 37  
ALA CB  HB1  sing N N 38  
ALA CB  HB2  sing N N 39  
ALA CB  HB3  sing N N 40  
ALA OXT HXT  sing N N 41  
EDO C1  O1   sing N N 42  
EDO C1  C2   sing N N 43  
EDO C1  H11  sing N N 44  
EDO C1  H12  sing N N 45  
EDO O1  HO1  sing N N 46  
EDO C2  O2   sing N N 47  
EDO C2  H21  sing N N 48  
EDO C2  H22  sing N N 49  
EDO O2  HO2  sing N N 50  
GLN N   CA   sing N N 51  
GLN N   H    sing N N 52  
GLN N   H2   sing N N 53  
GLN CA  C    sing N N 54  
GLN CA  CB   sing N N 55  
GLN CA  HA   sing N N 56  
GLN C   O    doub N N 57  
GLN C   OXT  sing N N 58  
GLN CB  CG   sing N N 59  
GLN CB  HB2  sing N N 60  
GLN CB  HB3  sing N N 61  
GLN CG  CD   sing N N 62  
GLN CG  HG2  sing N N 63  
GLN CG  HG3  sing N N 64  
GLN CD  OE1  doub N N 65  
GLN CD  NE2  sing N N 66  
GLN NE2 HE21 sing N N 67  
GLN NE2 HE22 sing N N 68  
GLN OXT HXT  sing N N 69  
GLU N   CA   sing N N 70  
GLU N   H    sing N N 71  
GLU N   H2   sing N N 72  
GLU CA  C    sing N N 73  
GLU CA  CB   sing N N 74  
GLU CA  HA   sing N N 75  
GLU C   O    doub N N 76  
GLU C   OXT  sing N N 77  
GLU CB  CG   sing N N 78  
GLU CB  HB2  sing N N 79  
GLU CB  HB3  sing N N 80  
GLU CG  CD   sing N N 81  
GLU CG  HG2  sing N N 82  
GLU CG  HG3  sing N N 83  
GLU CD  OE1  doub N N 84  
GLU CD  OE2  sing N N 85  
GLU OE2 HE2  sing N N 86  
GLU OXT HXT  sing N N 87  
GLY N   CA   sing N N 88  
GLY N   H    sing N N 89  
GLY N   H2   sing N N 90  
GLY CA  C    sing N N 91  
GLY CA  HA2  sing N N 92  
GLY CA  HA3  sing N N 93  
GLY C   O    doub N N 94  
GLY C   OXT  sing N N 95  
GLY OXT HXT  sing N N 96  
HOH O   H1   sing N N 97  
HOH O   H2   sing N N 98  
LYS N   CA   sing N N 99  
LYS N   H    sing N N 100 
LYS N   H2   sing N N 101 
LYS CA  C    sing N N 102 
LYS CA  CB   sing N N 103 
LYS CA  HA   sing N N 104 
LYS C   O    doub N N 105 
LYS C   OXT  sing N N 106 
LYS CB  CG   sing N N 107 
LYS CB  HB2  sing N N 108 
LYS CB  HB3  sing N N 109 
LYS CG  CD   sing N N 110 
LYS CG  HG2  sing N N 111 
LYS CG  HG3  sing N N 112 
LYS CD  CE   sing N N 113 
LYS CD  HD2  sing N N 114 
LYS CD  HD3  sing N N 115 
LYS CE  NZ   sing N N 116 
LYS CE  HE2  sing N N 117 
LYS CE  HE3  sing N N 118 
LYS NZ  HZ1  sing N N 119 
LYS NZ  HZ2  sing N N 120 
LYS NZ  HZ3  sing N N 121 
LYS OXT HXT  sing N N 122 
NH2 N   HN1  sing N N 123 
NH2 N   HN2  sing N N 124 
OXM C1  N1   sing N N 125 
OXM C1  O1   doub N N 126 
OXM C1  C2   sing N N 127 
OXM N1  HN1  sing N N 128 
OXM N1  HN2  sing N N 129 
OXM C2  O2   doub N N 130 
OXM C2  O3   sing N N 131 
OXM O3  HO3  sing N N 132 
PHE N   CA   sing N N 133 
PHE N   H    sing N N 134 
PHE N   H2   sing N N 135 
PHE CA  C    sing N N 136 
PHE CA  CB   sing N N 137 
PHE CA  HA   sing N N 138 
PHE C   O    doub N N 139 
PHE C   OXT  sing N N 140 
PHE CB  CG   sing N N 141 
PHE CB  HB2  sing N N 142 
PHE CB  HB3  sing N N 143 
PHE CG  CD1  doub Y N 144 
PHE CG  CD2  sing Y N 145 
PHE CD1 CE1  sing Y N 146 
PHE CD1 HD1  sing N N 147 
PHE CD2 CE2  doub Y N 148 
PHE CD2 HD2  sing N N 149 
PHE CE1 CZ   doub Y N 150 
PHE CE1 HE1  sing N N 151 
PHE CE2 CZ   sing Y N 152 
PHE CE2 HE2  sing N N 153 
PHE CZ  HZ   sing N N 154 
PHE OXT HXT  sing N N 155 
TYR N   CA   sing N N 156 
TYR N   H    sing N N 157 
TYR N   H2   sing N N 158 
TYR CA  C    sing N N 159 
TYR CA  CB   sing N N 160 
TYR CA  HA   sing N N 161 
TYR C   O    doub N N 162 
TYR C   OXT  sing N N 163 
TYR CB  CG   sing N N 164 
TYR CB  HB2  sing N N 165 
TYR CB  HB3  sing N N 166 
TYR CG  CD1  doub Y N 167 
TYR CG  CD2  sing Y N 168 
TYR CD1 CE1  sing Y N 169 
TYR CD1 HD1  sing N N 170 
TYR CD2 CE2  doub Y N 171 
TYR CD2 HD2  sing N N 172 
TYR CE1 CZ   doub Y N 173 
TYR CE1 HE1  sing N N 174 
TYR CE2 CZ   sing Y N 175 
TYR CE2 HE2  sing N N 176 
TYR CZ  OH   sing N N 177 
TYR OH  HH   sing N N 178 
TYR OXT HXT  sing N N 179 
VAL N   CA   sing N N 180 
VAL N   H    sing N N 181 
VAL N   H2   sing N N 182 
VAL CA  C    sing N N 183 
VAL CA  CB   sing N N 184 
VAL CA  HA   sing N N 185 
VAL C   O    doub N N 186 
VAL C   OXT  sing N N 187 
VAL CB  CG1  sing N N 188 
VAL CB  CG2  sing N N 189 
VAL CB  HB   sing N N 190 
VAL CG1 HG11 sing N N 191 
VAL CG1 HG12 sing N N 192 
VAL CG1 HG13 sing N N 193 
VAL CG2 HG21 sing N N 194 
VAL CG2 HG22 sing N N 195 
VAL CG2 HG23 sing N N 196 
VAL OXT HXT  sing N N 197 
# 
loop_
_pdbx_audit_support.funding_organization 
_pdbx_audit_support.country 
_pdbx_audit_support.grant_number 
_pdbx_audit_support.ordinal 
'European Research Council (ERC)'                    'European Union' 340764       1 
'Engineering and Physical Sciences Research Council' 'United Kingdom' EP/G036764/1 2 
# 
_atom_sites.entry_id                    7BO8 
_atom_sites.Cartn_transf_matrix[1][1]   ? 
_atom_sites.Cartn_transf_matrix[1][2]   ? 
_atom_sites.Cartn_transf_matrix[1][3]   ? 
_atom_sites.Cartn_transf_matrix[2][1]   ? 
_atom_sites.Cartn_transf_matrix[2][2]   ? 
_atom_sites.Cartn_transf_matrix[2][3]   ? 
_atom_sites.Cartn_transf_matrix[3][1]   ? 
_atom_sites.Cartn_transf_matrix[3][2]   ? 
_atom_sites.Cartn_transf_matrix[3][3]   ? 
_atom_sites.Cartn_transf_vector[1]      ? 
_atom_sites.Cartn_transf_vector[2]      ? 
_atom_sites.Cartn_transf_vector[3]      ? 
_atom_sites.fract_transf_matrix[1][1]   -0.01540069 
_atom_sites.fract_transf_matrix[1][2]   0.01763980 
_atom_sites.fract_transf_matrix[1][3]   0.02196039 
_atom_sites.fract_transf_matrix[2][1]   0.01491491 
_atom_sites.fract_transf_matrix[2][2]   -0.00111543 
_atom_sites.fract_transf_matrix[2][3]   0.01135571 
_atom_sites.fract_transf_matrix[3][1]   0.00333299 
_atom_sites.fract_transf_matrix[3][2]   0.00744889 
_atom_sites.fract_transf_matrix[3][3]   -0.00364596 
_atom_sites.fract_transf_vector[1]      0.806937 
_atom_sites.fract_transf_vector[2]      0.168204 
_atom_sites.fract_transf_vector[3]      0.688096 
_atom_sites.solution_primary            ? 
_atom_sites.solution_secondary          ? 
_atom_sites.solution_hydrogens          ? 
_atom_sites.special_details             ? 
# 
loop_
_atom_type.symbol 
BR 
C  
N  
O  
# 
loop_
_atom_site.group_PDB 
_atom_site.id 
_atom_site.type_symbol 
_atom_site.label_atom_id 
_atom_site.label_alt_id 
_atom_site.label_comp_id 
_atom_site.label_asym_id 
_atom_site.label_entity_id 
_atom_site.label_seq_id 
_atom_site.pdbx_PDB_ins_code 
_atom_site.Cartn_x 
_atom_site.Cartn_y 
_atom_site.Cartn_z 
_atom_site.occupancy 
_atom_site.B_iso_or_equiv 
_atom_site.pdbx_formal_charge 
_atom_site.auth_seq_id 
_atom_site.auth_comp_id 
_atom_site.auth_asym_id 
_atom_site.auth_atom_id 
_atom_site.pdbx_PDB_model_num 
HETATM 1    C  C   . ACE A 1 1  ? 4.978   20.902  -12.566 1.00 80.58  ? 0   ACE A C   1 
HETATM 2    O  O   . ACE A 1 1  ? 5.742   20.193  -11.979 1.00 74.32  ? 0   ACE A O   1 
HETATM 3    C  CH3 . ACE A 1 1  ? 4.439   20.437  -13.922 1.00 78.42  ? 0   ACE A CH3 1 
ATOM   4    N  N   . GLY A 1 2  ? 4.538   22.040  -11.964 1.00 76.77  ? 1   GLY A N   1 
ATOM   5    C  CA  . GLY A 1 2  ? 3.187   22.629  -12.188 1.00 63.64  ? 1   GLY A CA  1 
ATOM   6    C  C   . GLY A 1 2  ? 2.117   21.585  -11.902 1.00 62.01  ? 1   GLY A C   1 
ATOM   7    O  O   . GLY A 1 2  ? 1.891   21.247  -10.722 1.00 51.49  ? 1   GLY A O   1 
ATOM   8    N  N   . GLU A 1 3  ? 1.534   21.022  -12.958 1.00 63.13  ? 2   GLU A N   1 
ATOM   9    C  CA  . GLU A 1 3  ? 0.530   19.939  -12.860 1.00 66.16  ? 2   GLU A CA  1 
ATOM   10   C  C   . GLU A 1 3  ? 1.136   18.746  -12.109 1.00 62.24  ? 2   GLU A C   1 
ATOM   11   O  O   . GLU A 1 3  ? 0.449   18.254  -11.201 1.00 52.33  ? 2   GLU A O   1 
ATOM   12   C  CB  . GLU A 1 3  ? 0.019   19.568  -14.246 1.00 74.90  ? 2   GLU A CB  1 
ATOM   13   C  CG  . GLU A 1 3  ? -0.915  20.616  -14.813 1.00 84.42  ? 2   GLU A CG  1 
ATOM   14   C  CD  . GLU A 1 3  ? -1.154  20.472  -16.301 1.00 93.28  ? 2   GLU A CD  1 
ATOM   15   O  OE1 . GLU A 1 3  ? -0.158  20.494  -17.059 1.00 104.87 ? 2   GLU A OE1 1 
ATOM   16   O  OE2 . GLU A 1 3  ? -2.327  20.321  -16.690 1.00 98.51  ? 2   GLU A OE2 1 
ATOM   17   N  N   . PHE A 1 4  ? 2.370   18.324  -12.426 1.00 57.04  ? 3   PHE A N   1 
ATOM   18   C  CA  . PHE A 1 4  ? 2.975   17.087  -11.853 1.00 51.76  ? 3   PHE A CA  1 
ATOM   19   C  C   . PHE A 1 4  ? 3.348   17.285  -10.375 1.00 52.88  ? 3   PHE A C   1 
ATOM   20   O  O   . PHE A 1 4  ? 3.160   16.314  -9.616  1.00 46.58  ? 3   PHE A O   1 
ATOM   21   C  CB  . PHE A 1 4  ? 4.152   16.561  -12.671 1.00 48.62  ? 3   PHE A CB  1 
ATOM   22   C  CG  . PHE A 1 4  ? 4.711   15.269  -12.119 1.00 50.38  ? 3   PHE A CG  1 
ATOM   23   C  CD1 . PHE A 1 4  ? 3.937   14.115  -12.110 1.00 50.28  ? 3   PHE A CD1 1 
ATOM   24   C  CD2 . PHE A 1 4  ? 5.992   15.208  -11.587 1.00 49.57  ? 3   PHE A CD2 1 
ATOM   25   C  CE1 . PHE A 1 4  ? 4.447   12.930  -11.593 1.00 52.79  ? 3   PHE A CE1 1 
ATOM   26   C  CE2 . PHE A 1 4  ? 6.501   14.023  -11.065 1.00 50.35  ? 3   PHE A CE2 1 
ATOM   27   C  CZ  . PHE A 1 4  ? 5.727   12.887  -11.076 1.00 49.56  ? 3   PHE A CZ  1 
ATOM   28   N  N   . ALA A 1 5  ? 3.801   18.476  -9.947  1.00 49.20  ? 4   ALA A N   1 
ATOM   29   C  CA  . ALA A 1 5  ? 4.087   18.791  -8.522  1.00 47.67  ? 4   ALA A CA  1 
ATOM   30   C  C   . ALA A 1 5  ? 2.809   18.646  -7.689  1.00 51.01  ? 4   ALA A C   1 
ATOM   31   O  O   . ALA A 1 5  ? 2.867   18.005  -6.611  1.00 46.44  ? 4   ALA A O   1 
ATOM   32   C  CB  . ALA A 1 5  ? 4.657   20.173  -8.360  1.00 51.57  ? 4   ALA A CB  1 
ATOM   33   N  N   . GLN A 1 6  ? 1.689   19.171  -8.197  1.00 50.07  ? 5   GLN A N   1 
ATOM   34   C  CA  . GLN A 1 6  ? 0.355   19.060  -7.549  1.00 50.23  ? 5   GLN A CA  1 
ATOM   35   C  C   . GLN A 1 6  ? -0.050  17.577  -7.425  1.00 43.40  ? 5   GLN A C   1 
ATOM   36   O  O   . GLN A 1 6  ? -0.559  17.218  -6.356  1.00 46.51  ? 5   GLN A O   1 
ATOM   37   C  CB  . GLN A 1 6  ? -0.691  19.885  -8.304  1.00 51.30  ? 5   GLN A CB  1 
ATOM   38   C  CG  . GLN A 1 6  ? -2.073  19.892  -7.660  1.00 58.51  ? 5   GLN A CG  1 
ATOM   39   C  CD  . GLN A 1 6  ? -2.087  20.320  -6.207  1.00 68.96  ? 5   GLN A CD  1 
ATOM   40   O  OE1 . GLN A 1 6  ? -1.246  21.091  -5.733  1.00 73.10  ? 5   GLN A OE1 1 
ATOM   41   N  NE2 . GLN A 1 6  ? -3.067  19.820  -5.475  1.00 70.38  ? 5   GLN A NE2 1 
ATOM   42   N  N   . ALA A 1 7  ? 0.085   16.775  -8.481  1.00 42.42  ? 6   ALA A N   1 
ATOM   43   C  CA  . ALA A 1 7  ? -0.299  15.342  -8.472  1.00 42.11  ? 6   ALA A CA  1 
ATOM   44   C  C   . ALA A 1 7  ? 0.571   14.611  -7.449  1.00 40.62  ? 6   ALA A C   1 
ATOM   45   O  O   . ALA A 1 7  ? 0.026   13.743  -6.761  1.00 39.57  ? 6   ALA A O   1 
ATOM   46   C  CB  . ALA A 1 7  ? -0.197  14.709  -9.833  1.00 44.30  ? 6   ALA A CB  1 
ATOM   47   N  N   . VAL A 1 8  ? 1.852   14.957  -7.328  1.00 41.56  ? 7   VAL A N   1 
ATOM   48   C  CA  . VAL A 1 8  ? 2.752   14.314  -6.327  1.00 40.51  ? 7   VAL A CA  1 
ATOM   49   C  C   . VAL A 1 8  ? 2.281   14.679  -4.924  1.00 47.47  ? 7   VAL A C   1 
ATOM   50   O  O   . VAL A 1 8  ? 2.230   13.777  -4.023  1.00 38.16  ? 7   VAL A O   1 
ATOM   51   C  CB  . VAL A 1 8  ? 4.237   14.648  -6.524  1.00 38.22  ? 7   VAL A CB  1 
ATOM   52   C  CG1 . VAL A 1 8  ? 5.080   13.994  -5.435  1.00 42.79  ? 7   VAL A CG1 1 
ATOM   53   C  CG2 . VAL A 1 8  ? 4.752   14.197  -7.885  1.00 40.99  ? 7   VAL A CG2 1 
ATOM   54   N  N   . LYS A 1 9  ? 1.934   15.950  -4.725  1.00 44.52  ? 8   LYS A N   1 
ATOM   55   C  CA  . LYS A 1 9  ? 1.427   16.409  -3.413  1.00 43.76  ? 8   LYS A CA  1 
ATOM   56   C  C   . LYS A 1 9  ? 0.147   15.638  -3.049  1.00 39.83  ? 8   LYS A C   1 
ATOM   57   O  O   . LYS A 1 9  ? 0.024   15.259  -1.865  1.00 39.97  ? 8   LYS A O   1 
ATOM   58   C  CB  . LYS A 1 9  ? 1.195   17.922  -3.429  1.00 51.22  ? 8   LYS A CB  1 
ATOM   59   C  CG  . LYS A 1 9  ? 0.486   18.483  -2.204  1.00 60.32  ? 8   LYS A CG  1 
ATOM   60   C  CD  . LYS A 1 9  ? 0.322   19.998  -2.236  1.00 63.65  ? 8   LYS A CD  1 
ATOM   61   C  CE  . LYS A 1 9  ? -0.822  20.491  -1.373  1.00 67.72  ? 8   LYS A CE  1 
ATOM   62   N  NZ  . LYS A 1 9  ? -0.753  21.964  -1.193  1.00 74.07  ? 8   LYS A NZ  1 
ATOM   63   N  N   . GLU A 1 10 ? -0.780  15.451  -3.990  1.00 38.87  ? 9   GLU A N   1 
ATOM   64   C  CA  . GLU A 1 10 ? -2.076  14.771  -3.727  1.00 42.72  ? 9   GLU A CA  1 
ATOM   65   C  C   . GLU A 1 10 ? -1.832  13.269  -3.469  1.00 39.71  ? 9   GLU A C   1 
ATOM   66   O  O   . GLU A 1 10 ? -2.430  12.726  -2.552  1.00 36.95  ? 9   GLU A O   1 
ATOM   67   C  CB  . GLU A 1 10 ? -3.035  15.022  -4.883  1.00 49.91  ? 9   GLU A CB  1 
ATOM   68   C  CG  . GLU A 1 10 ? -3.666  16.405  -4.806  1.00 62.59  ? 9   GLU A CG  1 
ATOM   69   C  CD  . GLU A 1 10 ? -4.620  16.725  -5.944  1.00 70.00  ? 9   GLU A CD  1 
ATOM   70   O  OE1 . GLU A 1 10 ? -5.276  15.786  -6.447  1.00 71.67  ? 9   GLU A OE1 1 
ATOM   71   O  OE2 . GLU A 1 10 ? -4.698  17.914  -6.334  1.00 68.44  ? 9   GLU A OE2 1 
ATOM   72   N  N   . TYR A 1 11 ? -0.905  12.661  -4.200  1.00 37.50  ? 10  TYR A N   1 
ATOM   73   C  CA  . TYR A 1 11 ? -0.468  11.262  -3.946  1.00 39.68  ? 10  TYR A CA  1 
ATOM   74   C  C   . TYR A 1 11 ? 0.135   11.142  -2.543  1.00 37.87  ? 10  TYR A C   1 
ATOM   75   O  O   . TYR A 1 11 ? -0.254  10.226  -1.831  1.00 36.01  ? 10  TYR A O   1 
ATOM   76   C  CB  . TYR A 1 11 ? 0.500   10.826  -5.034  1.00 36.92  ? 10  TYR A CB  1 
ATOM   77   C  CG  . TYR A 1 11 ? 1.028   9.415   -4.892  1.00 39.52  ? 10  TYR A CG  1 
ATOM   78   C  CD1 . TYR A 1 11 ? 0.196   8.323   -4.712  1.00 40.08  ? 10  TYR A CD1 1 
ATOM   79   C  CD2 . TYR A 1 11 ? 2.379   9.182   -5.043  1.00 38.57  ? 10  TYR A CD2 1 
ATOM   80   C  CE1 . TYR A 1 11 ? 0.710   7.029   -4.682  1.00 43.46  ? 10  TYR A CE1 1 
ATOM   81   C  CE2 . TYR A 1 11 ? 2.906   7.905   -5.006  1.00 43.77  ? 10  TYR A CE2 1 
ATOM   82   C  CZ  . TYR A 1 11 ? 2.072   6.820   -4.828  1.00 41.88  ? 10  TYR A CZ  1 
ATOM   83   O  OH  . TYR A 1 11 ? 2.664   5.584   -4.804  1.00 43.89  ? 10  TYR A OH  1 
ATOM   84   N  N   . ALA A 1 12 ? 0.999   12.079  -2.114  1.00 38.43  ? 11  ALA A N   1 
ATOM   85   C  CA  . ALA A 1 12 ? 1.556   12.117  -0.738  1.00 39.04  ? 11  ALA A CA  1 
ATOM   86   C  C   . ALA A 1 12 ? 0.450   12.099  0.336   1.00 40.02  ? 11  ALA A C   1 
ATOM   87   O  O   . ALA A 1 12 ? 0.604   11.334  1.344   1.00 35.94  ? 11  ALA A O   1 
ATOM   88   C  CB  . ALA A 1 12 ? 2.445   13.320  -0.559  1.00 42.81  ? 11  ALA A CB  1 
ATOM   89   N  N   . LYS A 1 13 ? -0.600  12.915  0.177   1.00 40.48  ? 12  LYS A N   1 
ATOM   90   C  CA  . LYS A 1 13 ? -1.745  13.007  1.134   1.00 38.03  ? 12  LYS A CA  1 
ATOM   91   C  C   . LYS A 1 13 ? -2.477  11.658  1.207   1.00 34.05  ? 12  LYS A C   1 
ATOM   92   O  O   . LYS A 1 13 ? -2.847  11.265  2.316   1.00 38.17  ? 12  LYS A O   1 
ATOM   93   C  CB  . LYS A 1 13 ? -2.755  14.083  0.716   1.00 44.61  ? 12  LYS A CB  1 
ATOM   94   C  CG  . LYS A 1 13 ? -2.248  15.513  0.785   1.00 59.34  ? 12  LYS A CG  1 
ATOM   95   C  CD  . LYS A 1 13 ? -3.310  16.529  0.409   1.00 66.17  ? 12  LYS A CD  1 
ATOM   96   C  CE  . LYS A 1 13 ? -2.753  17.925  0.221   1.00 74.84  ? 12  LYS A CE  1 
ATOM   97   N  NZ  . LYS A 1 13 ? -1.676  18.203  1.204   1.00 75.90  ? 12  LYS A NZ  1 
ATOM   98   N  N   . ALA A 1 14 ? -2.713  11.012  0.061   1.00 37.30  ? 13  ALA A N   1 
ATOM   99   C  CA  . ALA A 1 14 ? -3.365  9.685   -0.042  1.00 36.87  ? 13  ALA A CA  1 
ATOM   100  C  C   . ALA A 1 14 ? -2.502  8.620   0.654   1.00 36.13  ? 13  ALA A C   1 
ATOM   101  O  O   . ALA A 1 14 ? -3.092  7.778   1.351   1.00 40.73  ? 13  ALA A O   1 
ATOM   102  C  CB  . ALA A 1 14 ? -3.618  9.314   -1.472  1.00 40.55  ? 13  ALA A CB  1 
ATOM   103  N  N   . VAL A 1 15 ? -1.171  8.665   0.499   1.00 35.35  ? 14  VAL A N   1 
ATOM   104  C  CA  . VAL A 1 15 ? -0.261  7.672   1.154   1.00 34.04  ? 14  VAL A CA  1 
ATOM   105  C  C   . VAL A 1 15 ? -0.405  7.910   2.655   1.00 36.42  ? 14  VAL A C   1 
ATOM   106  O  O   . VAL A 1 15 ? -0.624  6.945   3.402   1.00 35.99  ? 14  VAL A O   1 
ATOM   107  C  CB  . VAL A 1 15 ? 1.202   7.716   0.675   1.00 33.30  ? 14  VAL A CB  1 
ATOM   108  C  CG1 . VAL A 1 15 ? 2.076   6.665   1.371   1.00 35.11  ? 14  VAL A CG1 1 
ATOM   109  C  CG2 . VAL A 1 15 ? 1.344   7.573   -0.829  1.00 35.95  ? 14  VAL A CG2 1 
ATOM   110  N  N   . LYS A 1 16 ? -0.375  9.173   3.082   1.00 40.48  ? 15  LYS A N   1 
ATOM   111  C  CA  . LYS A 1 16 ? -0.509  9.536   4.510   1.00 37.51  ? 15  LYS A CA  1 
ATOM   112  C  C   . LYS A 1 16 ? -1.847  9.034   5.073   1.00 39.20  ? 15  LYS A C   1 
ATOM   113  O  O   . LYS A 1 16 ? -1.825  8.549   6.228   1.00 36.56  ? 15  LYS A O   1 
ATOM   114  C  CB  . LYS A 1 16 ? -0.296  11.042  4.703   1.00 40.25  ? 15  LYS A CB  1 
ATOM   115  C  CG  . LYS A 1 16 ? -0.348  11.492  6.148   1.00 45.04  ? 15  LYS A CG  1 
ATOM   116  C  CD  . LYS A 1 16 ? -0.094  12.970  6.323   1.00 48.99  ? 15  LYS A CD  1 
ATOM   117  C  CE  . LYS A 1 16 ? 0.149   13.318  7.771   1.00 53.31  ? 15  LYS A CE  1 
ATOM   118  N  NZ  . LYS A 1 16 ? 0.350   14.775  7.948   1.00 64.63  ? 15  LYS A NZ  1 
ATOM   119  N  N   . GLU A 1 17 ? -2.957  9.185   4.335   1.00 36.30  ? 16  GLU A N   1 
ATOM   120  C  CA  . GLU A 1 17 ? -4.292  8.670   4.705   1.00 39.72  ? 16  GLU A CA  1 
ATOM   121  C  C   . GLU A 1 17 ? -4.233  7.156   4.848   1.00 38.71  ? 16  GLU A C   1 
ATOM   122  O  O   . GLU A 1 17 ? -4.800  6.635   5.816   1.00 37.55  ? 16  GLU A O   1 
ATOM   123  C  CB  . GLU A 1 17 ? -5.371  8.991   3.674   1.00 43.98  ? 16  GLU A CB  1 
ATOM   124  C  CG  . GLU A 1 17 ? -5.685  10.476  3.579   1.00 55.95  ? 16  GLU A CG  1 
ATOM   125  C  CD  . GLU A 1 17 ? -6.707  11.030  4.561   1.00 63.85  ? 16  GLU A CD  1 
ATOM   126  O  OE1 . GLU A 1 17 ? -7.138  10.281  5.487   1.00 67.90  ? 16  GLU A OE1 1 
ATOM   127  O  OE2 . GLU A 1 17 ? -7.063  12.217  4.397   1.00 64.16  ? 16  GLU A OE2 1 
ATOM   128  N  N   . TYR A 1 18 ? -3.580  6.479   3.911   1.00 38.28  ? 17  TYR A N   1 
ATOM   129  C  CA  . TYR A 1 18 ? -3.519  5.001   3.923   1.00 36.96  ? 17  TYR A CA  1 
ATOM   130  C  C   . TYR A 1 18 ? -2.679  4.567   5.122   1.00 34.18  ? 17  TYR A C   1 
ATOM   131  O  O   . TYR A 1 18 ? -3.097  3.668   5.791   1.00 35.42  ? 17  TYR A O   1 
ATOM   132  C  CB  . TYR A 1 18 ? -3.037  4.430   2.588   1.00 36.14  ? 17  TYR A CB  1 
ATOM   133  C  CG  . TYR A 1 18 ? -3.181  2.930   2.532   1.00 34.04  ? 17  TYR A CG  1 
ATOM   134  C  CD1 . TYR A 1 18 ? -4.406  2.337   2.747   1.00 34.12  ? 17  TYR A CD1 1 
ATOM   135  C  CD2 . TYR A 1 18 ? -2.104  2.112   2.260   1.00 36.21  ? 17  TYR A CD2 1 
ATOM   136  C  CE1 . TYR A 1 18 ? -4.563  0.964   2.693   1.00 38.10  ? 17  TYR A CE1 1 
ATOM   137  C  CE2 . TYR A 1 18 ? -2.233  0.733   2.222   1.00 37.78  ? 17  TYR A CE2 1 
ATOM   138  C  CZ  . TYR A 1 18 ? -3.465  0.155   2.463   1.00 37.33  ? 17  TYR A CZ  1 
ATOM   139  O  OH  . TYR A 1 18 ? -3.597  -1.196  2.376   1.00 38.19  ? 17  TYR A OH  1 
ATOM   140  N  N   . ALA A 1 19 ? -1.583  5.245   5.447   1.00 37.87  ? 18  ALA A N   1 
ATOM   141  C  CA  . ALA A 1 19 ? -0.737  4.923   6.639   1.00 36.58  ? 18  ALA A CA  1 
ATOM   142  C  C   . ALA A 1 19 ? -1.567  4.943   7.927   1.00 40.01  ? 18  ALA A C   1 
ATOM   143  O  O   . ALA A 1 19 ? -1.427  3.998   8.716   1.00 36.94  ? 18  ALA A O   1 
ATOM   144  C  CB  . ALA A 1 19 ? 0.438   5.862   6.751   1.00 35.85  ? 18  ALA A CB  1 
HETATM 145  C  CD1 . 4BF A 1 20 ? -4.788  8.013   11.468  1.00 51.68  ? 19  4BF A CD1 1 
HETATM 146  C  CE1 . 4BF A 1 20 ? -5.759  8.121   12.449  1.00 50.04  ? 19  4BF A CE1 1 
HETATM 147  C  CZ  . 4BF A 1 20 ? -7.055  7.783   12.142  1.00 57.29  ? 19  4BF A CZ  1 
HETATM 148  BR BR  . 4BF A 1 20 ? -8.433  7.929   13.458  1.00 65.43  ? 19  4BF A BR  1 
HETATM 149  C  CE2 . 4BF A 1 20 ? -7.393  7.333   10.895  1.00 42.80  ? 19  4BF A CE2 1 
HETATM 150  C  CD2 . 4BF A 1 20 ? -6.404  7.224   9.923   1.00 41.43  ? 19  4BF A CD2 1 
HETATM 151  C  CG  . 4BF A 1 20 ? -5.095  7.560   10.191  1.00 41.77  ? 19  4BF A CG  1 
HETATM 152  C  CB  . 4BF A 1 20 ? -4.021  7.403   9.146   1.00 40.29  ? 19  4BF A CB  1 
HETATM 153  C  CA  . 4BF A 1 20 ? -3.302  6.053   9.203   1.00 39.17  ? 19  4BF A CA  1 
HETATM 154  N  N   . 4BF A 1 20 ? -2.385  5.934   8.034   1.00 40.60  ? 19  4BF A N   1 
HETATM 155  C  C   . 4BF A 1 20 ? -4.290  4.859   9.215   1.00 39.03  ? 19  4BF A C   1 
HETATM 156  O  O   . 4BF A 1 20 ? -4.424  4.264   10.321  1.00 35.52  ? 19  4BF A O   1 
ATOM   157  N  N   . ALA A 1 21 ? -4.906  4.447   8.142   1.00 39.64  ? 20  ALA A N   1 
ATOM   158  C  CA  . ALA A 1 21 ? -5.828  3.281   8.020   1.00 37.72  ? 20  ALA A CA  1 
ATOM   159  C  C   . ALA A 1 21 ? -5.078  1.985   8.341   1.00 38.26  ? 20  ALA A C   1 
ATOM   160  O  O   . ALA A 1 21 ? -5.685  1.173   9.048   1.00 37.96  ? 20  ALA A O   1 
ATOM   161  C  CB  . ALA A 1 21 ? -6.470  3.205   6.687   1.00 41.80  ? 20  ALA A CB  1 
ATOM   162  N  N   . VAL A 1 22 ? -3.832  1.816   7.875   1.00 36.37  ? 21  VAL A N   1 
ATOM   163  C  CA  . VAL A 1 22 ? -3.031  0.589   8.174   1.00 38.96  ? 21  VAL A CA  1 
ATOM   164  C  C   . VAL A 1 22 ? -2.721  0.528   9.677   1.00 41.10  ? 21  VAL A C   1 
ATOM   165  O  O   . VAL A 1 22 ? -2.886  -0.552  10.255  1.00 37.78  ? 21  VAL A O   1 
ATOM   166  C  CB  . VAL A 1 22 ? -1.772  0.464   7.298   1.00 37.79  ? 21  VAL A CB  1 
ATOM   167  C  CG1 . VAL A 1 22 ? -0.930  -0.735  7.689   1.00 40.62  ? 21  VAL A CG1 1 
ATOM   168  C  CG2 . VAL A 1 22 ? -2.155  0.401   5.849   1.00 34.72  ? 21  VAL A CG2 1 
ATOM   169  N  N   . LYS A 1 23 ? -2.335  1.644   10.292  1.00 39.36  ? 22  LYS A N   1 
ATOM   170  C  CA  . LYS A 1 23 ? -2.067  1.723   11.753  1.00 41.61  ? 22  LYS A CA  1 
ATOM   171  C  C   . LYS A 1 23 ? -3.334  1.344   12.545  1.00 38.90  ? 22  LYS A C   1 
ATOM   172  O  O   . LYS A 1 23 ? -3.205  0.634   13.541  1.00 37.33  ? 22  LYS A O   1 
ATOM   173  C  CB  . LYS A 1 23 ? -1.568  3.124   12.120  1.00 48.39  ? 22  LYS A CB  1 
ATOM   174  C  CG  . LYS A 1 23 ? -1.211  3.317   13.587  1.00 58.25  ? 22  LYS A CG  1 
ATOM   175  C  CD  . LYS A 1 23 ? -0.764  4.735   13.946  1.00 65.20  ? 22  LYS A CD  1 
ATOM   176  C  CE  . LYS A 1 23 ? -1.744  5.828   13.546  1.00 73.62  ? 22  LYS A CE  1 
ATOM   177  N  NZ  . LYS A 1 23 ? -3.156  5.541   13.928  1.00 74.36  ? 22  LYS A NZ  1 
ATOM   178  N  N   . GLU A 1 24 ? -4.503  1.854   12.153  1.00 37.33  ? 23  GLU A N   1 
ATOM   179  C  CA  . GLU A 1 24 ? -5.826  1.532   12.754  1.00 41.50  ? 23  GLU A CA  1 
ATOM   180  C  C   . GLU A 1 24 ? -6.132  0.049   12.577  1.00 43.36  ? 23  GLU A C   1 
ATOM   181  O  O   . GLU A 1 24 ? -6.598  -0.563  13.555  1.00 42.71  ? 23  GLU A O   1 
ATOM   182  C  CB  . GLU A 1 24 ? -6.958  2.363   12.151  1.00 45.28  ? 23  GLU A CB  1 
ATOM   183  C  CG  . GLU A 1 24 ? -6.946  3.823   12.608  1.00 54.10  ? 23  GLU A CG  1 
ATOM   184  C  CD  . GLU A 1 24 ? -6.891  4.011   14.119  1.00 61.26  ? 23  GLU A CD  1 
ATOM   185  O  OE1 . GLU A 1 24 ? -7.856  3.580   14.779  1.00 65.37  ? 23  GLU A OE1 1 
ATOM   186  O  OE2 . GLU A 1 24 ? -5.864  4.552   14.639  1.00 57.62  ? 23  GLU A OE2 1 
ATOM   187  N  N   . PHE A 1 25 ? -5.881  -0.517  11.398  1.00 38.47  ? 24  PHE A N   1 
ATOM   188  C  CA  . PHE A 1 25 ? -6.088  -1.975  11.184  1.00 41.51  ? 24  PHE A CA  1 
ATOM   189  C  C   . PHE A 1 25 ? -5.159  -2.762  12.114  1.00 44.27  ? 24  PHE A C   1 
ATOM   190  O  O   . PHE A 1 25 ? -5.634  -3.719  12.744  1.00 43.51  ? 24  PHE A O   1 
ATOM   191  C  CB  . PHE A 1 25 ? -5.927  -2.377  9.724   1.00 39.20  ? 24  PHE A CB  1 
ATOM   192  C  CG  . PHE A 1 25 ? -6.459  -3.763  9.465   1.00 39.43  ? 24  PHE A CG  1 
ATOM   193  C  CD1 . PHE A 1 25 ? -7.758  -4.099  9.816   1.00 42.24  ? 24  PHE A CD1 1 
ATOM   194  C  CD2 . PHE A 1 25 ? -5.658  -4.737  8.909   1.00 40.22  ? 24  PHE A CD2 1 
ATOM   195  C  CE1 . PHE A 1 25 ? -8.250  -5.378  9.588   1.00 42.99  ? 24  PHE A CE1 1 
ATOM   196  C  CE2 . PHE A 1 25 ? -6.152  -6.012  8.674   1.00 40.49  ? 24  PHE A CE2 1 
ATOM   197  C  CZ  . PHE A 1 25 ? -7.442  -6.327  9.004   1.00 42.29  ? 24  PHE A CZ  1 
ATOM   198  N  N   . ALA A 1 26 ? -3.889  -2.368  12.216  1.00 42.43  ? 25  ALA A N   1 
ATOM   199  C  CA  . ALA A 1 26 ? -2.892  -3.058  13.070  1.00 44.19  ? 25  ALA A CA  1 
ATOM   200  C  C   . ALA A 1 26 ? -3.398  -3.097  14.510  1.00 46.02  ? 25  ALA A C   1 
ATOM   201  O  O   . ALA A 1 26 ? -3.335  -4.177  15.119  1.00 43.89  ? 25  ALA A O   1 
ATOM   202  C  CB  . ALA A 1 26 ? -1.531  -2.413  12.995  1.00 44.81  ? 25  ALA A CB  1 
ATOM   203  N  N   . GLN A 1 27 ? -3.923  -1.974  15.007  1.00 43.84  ? 26  GLN A N   1 
ATOM   204  C  CA  . GLN A 1 27 ? -4.505  -1.883  16.367  1.00 45.86  ? 26  GLN A CA  1 
ATOM   205  C  C   . GLN A 1 27 ? -5.723  -2.795  16.463  1.00 49.45  ? 26  GLN A C   1 
ATOM   206  O  O   . GLN A 1 27 ? -5.823  -3.503  17.474  1.00 49.33  ? 26  GLN A O   1 
ATOM   207  C  CB  . GLN A 1 27 ? -4.819  -0.437  16.735  1.00 52.35  ? 26  GLN A CB  1 
ATOM   208  C  CG  . GLN A 1 27 ? -3.541  0.361   16.945  1.00 61.23  ? 26  GLN A CG  1 
ATOM   209  C  CD  . GLN A 1 27 ? -3.781  1.614   17.742  1.00 73.20  ? 26  GLN A CD  1 
ATOM   210  O  OE1 . GLN A 1 27 ? -3.637  2.722   17.232  1.00 74.05  ? 26  GLN A OE1 1 
ATOM   211  N  NE2 . GLN A 1 27 ? -4.163  1.441   18.998  1.00 80.26  ? 26  GLN A NE2 1 
ATOM   212  N  N   . ALA A 1 28 ? -6.578  -2.833  15.441  1.00 48.33  ? 27  ALA A N   1 
ATOM   213  C  CA  . ALA A 1 28 ? -7.807  -3.670  15.439  1.00 48.97  ? 27  ALA A CA  1 
ATOM   214  C  C   . ALA A 1 28 ? -7.424  -5.157  15.493  1.00 51.28  ? 27  ALA A C   1 
ATOM   215  O  O   . ALA A 1 28 ? -8.120  -5.925  16.201  1.00 47.72  ? 27  ALA A O   1 
ATOM   216  C  CB  . ALA A 1 28 ? -8.687  -3.353  14.257  1.00 48.59  ? 27  ALA A CB  1 
ATOM   217  N  N   . VAL A 1 29 ? -6.346  -5.554  14.820  1.00 48.43  ? 28  VAL A N   1 
ATOM   218  C  CA  . VAL A 1 29 ? -5.890  -6.983  14.803  1.00 54.31  ? 28  VAL A CA  1 
ATOM   219  C  C   . VAL A 1 29 ? -5.406  -7.403  16.197  1.00 55.96  ? 28  VAL A C   1 
ATOM   220  O  O   . VAL A 1 29 ? -5.753  -8.525  16.645  1.00 60.07  ? 28  VAL A O   1 
ATOM   221  C  CB  . VAL A 1 29 ? -4.787  -7.248  13.771  1.00 49.68  ? 28  VAL A CB  1 
ATOM   222  C  CG1 . VAL A 1 29 ? -4.280  -8.682  13.887  1.00 53.33  ? 28  VAL A CG1 1 
ATOM   223  C  CG2 . VAL A 1 29 ? -5.273  -6.965  12.355  1.00 48.71  ? 28  VAL A CG2 1 
ATOM   224  N  N   . LYS A 1 30 ? -4.648  -6.525  16.839  1.00 50.78  ? 29  LYS A N   1 
ATOM   225  C  CA  . LYS A 1 30 ? -4.038  -6.724  18.179  1.00 62.13  ? 29  LYS A CA  1 
ATOM   226  C  C   . LYS A 1 30 ? -5.104  -6.812  19.293  1.00 58.28  ? 29  LYS A C   1 
ATOM   227  O  O   . LYS A 1 30 ? -4.875  -7.553  20.246  1.00 58.50  ? 29  LYS A O   1 
ATOM   228  C  CB  . LYS A 1 30 ? -3.056  -5.578  18.430  1.00 63.01  ? 29  LYS A CB  1 
ATOM   229  C  CG  . LYS A 1 30 ? -1.781  -5.971  19.150  1.00 74.29  ? 29  LYS A CG  1 
ATOM   230  C  CD  . LYS A 1 30 ? -0.753  -4.867  19.153  1.00 81.44  ? 29  LYS A CD  1 
ATOM   231  C  CE  . LYS A 1 30 ? 0.483   -5.223  19.954  1.00 91.27  ? 29  LYS A CE  1 
ATOM   232  N  NZ  . LYS A 1 30 ? 0.272   -5.024  21.408  1.00 96.35  ? 29  LYS A NZ  1 
ATOM   233  N  N   . GLY A 1 31 ? -6.215  -6.074  19.203  1.00 61.81  ? 30  GLY A N   1 
ATOM   234  C  CA  . GLY A 1 31 ? -7.215  -5.939  20.289  1.00 70.43  ? 30  GLY A CA  1 
ATOM   235  C  C   . GLY A 1 31 ? -7.547  -7.264  20.988  1.00 80.15  ? 30  GLY A C   1 
ATOM   236  O  O   . GLY A 1 31 ? -7.832  -8.355  20.430  1.00 71.63  ? 30  GLY A O   1 
HETATM 237  C  C   . ACE B 1 1  ? -16.866 -10.061 14.787  1.00 77.17  ? 0   ACE B C   1 
HETATM 238  O  O   . ACE B 1 1  ? -16.352 -9.493  13.877  1.00 66.82  ? 0   ACE B O   1 
HETATM 239  C  CH3 . ACE B 1 1  ? -16.346 -11.418 15.239  1.00 72.83  ? 0   ACE B CH3 1 
ATOM   240  N  N   . GLY B 1 2  ? -17.904 -9.573  15.483  1.00 77.81  ? 1   GLY B N   1 
ATOM   241  C  CA  . GLY B 1 2  ? -18.661 -8.322  15.151  1.00 69.01  ? 1   GLY B CA  1 
ATOM   242  C  C   . GLY B 1 2  ? -17.772 -7.091  15.077  1.00 72.73  ? 1   GLY B C   1 
ATOM   243  O  O   . GLY B 1 2  ? -17.812 -6.399  14.037  1.00 68.82  ? 1   GLY B O   1 
ATOM   244  N  N   . GLU B 1 3  ? -17.008 -6.795  16.131  1.00 73.27  ? 2   GLU B N   1 
ATOM   245  C  CA  . GLU B 1 3  ? -16.203 -5.546  16.190  1.00 71.94  ? 2   GLU B CA  1 
ATOM   246  C  C   . GLU B 1 3  ? -15.043 -5.697  15.205  1.00 69.62  ? 2   GLU B C   1 
ATOM   247  O  O   . GLU B 1 3  ? -14.782 -4.750  14.426  1.00 65.36  ? 2   GLU B O   1 
ATOM   248  C  CB  . GLU B 1 3  ? -15.778 -5.219  17.619  1.00 77.34  ? 2   GLU B CB  1 
ATOM   249  C  CG  . GLU B 1 3  ? -14.402 -5.720  18.015  1.00 87.15  ? 2   GLU B CG  1 
ATOM   250  C  CD  . GLU B 1 3  ? -13.954 -5.218  19.377  1.00 91.69  ? 2   GLU B CD  1 
ATOM   251  O  OE1 . GLU B 1 3  ? -14.583 -4.260  19.886  1.00 97.24  ? 2   GLU B OE1 1 
ATOM   252  O  OE2 . GLU B 1 3  ? -12.984 -5.782  19.931  1.00 92.45  ? 2   GLU B OE2 1 
ATOM   253  N  N   . PHE B 1 4  ? -14.411 -6.866  15.176  1.00 61.72  ? 3   PHE B N   1 
ATOM   254  C  CA  . PHE B 1 4  ? -13.325 -7.133  14.206  1.00 57.61  ? 3   PHE B CA  1 
ATOM   255  C  C   . PHE B 1 4  ? -13.866 -7.109  12.770  1.00 61.04  ? 3   PHE B C   1 
ATOM   256  O  O   . PHE B 1 4  ? -13.163 -6.541  11.902  1.00 56.11  ? 3   PHE B O   1 
ATOM   257  C  CB  . PHE B 1 4  ? -12.591 -8.437  14.480  1.00 54.03  ? 3   PHE B CB  1 
ATOM   258  C  CG  . PHE B 1 4  ? -11.428 -8.605  13.549  1.00 53.02  ? 3   PHE B CG  1 
ATOM   259  C  CD1 . PHE B 1 4  ? -10.443 -7.627  13.478  1.00 57.92  ? 3   PHE B CD1 1 
ATOM   260  C  CD2 . PHE B 1 4  ? -11.346 -9.684  12.692  1.00 51.14  ? 3   PHE B CD2 1 
ATOM   261  C  CE1 . PHE B 1 4  ? -9.379  -7.758  12.604  1.00 50.63  ? 3   PHE B CE1 1 
ATOM   262  C  CE2 . PHE B 1 4  ? -10.275 -9.814  11.824  1.00 51.04  ? 3   PHE B CE2 1 
ATOM   263  C  CZ  . PHE B 1 4  ? -9.293  -8.855  11.791  1.00 51.71  ? 3   PHE B CZ  1 
ATOM   264  N  N   . ALA B 1 5  ? -15.052 -7.670  12.491  1.00 51.79  ? 4   ALA B N   1 
ATOM   265  C  CA  . ALA B 1 5  ? -15.589 -7.681  11.110  1.00 57.22  ? 4   ALA B CA  1 
ATOM   266  C  C   . ALA B 1 5  ? -15.738 -6.224  10.636  1.00 56.56  ? 4   ALA B C   1 
ATOM   267  O  O   . ALA B 1 5  ? -15.538 -5.942  9.429   1.00 49.30  ? 4   ALA B O   1 
ATOM   268  C  CB  . ALA B 1 5  ? -16.886 -8.434  11.023  1.00 63.96  ? 4   ALA B CB  1 
ATOM   269  N  N   . GLN B 1 6  ? -16.078 -5.322  11.546  1.00 51.27  ? 5   GLN B N   1 
ATOM   270  C  CA  . GLN B 1 6  ? -16.327 -3.902  11.202  1.00 54.50  ? 5   GLN B CA  1 
ATOM   271  C  C   . GLN B 1 6  ? -14.978 -3.266  10.858  1.00 54.96  ? 5   GLN B C   1 
ATOM   272  O  O   . GLN B 1 6  ? -14.958 -2.471  9.918   1.00 54.16  ? 5   GLN B O   1 
ATOM   273  C  CB  . GLN B 1 6  ? -17.045 -3.159  12.334  1.00 58.51  ? 5   GLN B CB  1 
ATOM   274  C  CG  . GLN B 1 6  ? -17.362 -1.696  12.025  1.00 59.71  ? 5   GLN B CG  1 
ATOM   275  C  CD  . GLN B 1 6  ? -18.345 -1.491  10.889  1.00 70.07  ? 5   GLN B CD  1 
ATOM   276  O  OE1 . GLN B 1 6  ? -19.273 -2.276  10.682  1.00 73.04  ? 5   GLN B OE1 1 
ATOM   277  N  NE2 . GLN B 1 6  ? -18.159 -0.408  10.139  1.00 76.51  ? 5   GLN B NE2 1 
ATOM   278  N  N   . ALA B 1 7  ? -13.903 -3.655  11.553  1.00 47.31  ? 6   ALA B N   1 
ATOM   279  C  CA  . ALA B 1 7  ? -12.541 -3.109  11.344  1.00 49.45  ? 6   ALA B CA  1 
ATOM   280  C  C   . ALA B 1 7  ? -12.003 -3.612  9.997   1.00 49.00  ? 6   ALA B C   1 
ATOM   281  O  O   . ALA B 1 7  ? -11.305 -2.856  9.308   1.00 45.80  ? 6   ALA B O   1 
ATOM   282  C  CB  . ALA B 1 7  ? -11.655 -3.480  12.499  1.00 51.97  ? 6   ALA B CB  1 
ATOM   283  N  N   . VAL B 1 8  ? -12.389 -4.819  9.587   1.00 44.12  ? 7   VAL B N   1 
ATOM   284  C  CA  . VAL B 1 8  ? -12.054 -5.362  8.246   1.00 48.51  ? 7   VAL B CA  1 
ATOM   285  C  C   . VAL B 1 8  ? -12.843 -4.565  7.199   1.00 51.49  ? 7   VAL B C   1 
ATOM   286  O  O   . VAL B 1 8  ? -12.255 -4.242  6.153   1.00 49.44  ? 7   VAL B O   1 
ATOM   287  C  CB  . VAL B 1 8  ? -12.325 -6.878  8.165   1.00 53.82  ? 7   VAL B CB  1 
ATOM   288  C  CG1 . VAL B 1 8  ? -12.363 -7.374  6.722   1.00 55.46  ? 7   VAL B CG1 1 
ATOM   289  C  CG2 . VAL B 1 8  ? -11.320 -7.673  8.990   1.00 53.20  ? 7   VAL B CG2 1 
ATOM   290  N  N   . LYS B 1 9  ? -14.112 -4.236  7.475   1.00 50.66  ? 8   LYS B N   1 
ATOM   291  C  CA  . LYS B 1 9  ? -14.972 -3.440  6.555   1.00 55.67  ? 8   LYS B CA  1 
ATOM   292  C  C   . LYS B 1 9  ? -14.384 -2.033  6.366   1.00 49.20  ? 8   LYS B C   1 
ATOM   293  O  O   . LYS B 1 9  ? -14.357 -1.551  5.209   1.00 49.81  ? 8   LYS B O   1 
ATOM   294  C  CB  . LYS B 1 9  ? -16.400 -3.315  7.087   1.00 58.18  ? 8   LYS B CB  1 
ATOM   295  C  CG  . LYS B 1 9  ? -17.294 -4.507  6.792   1.00 66.09  ? 8   LYS B CG  1 
ATOM   296  C  CD  . LYS B 1 9  ? -18.743 -4.244  7.142   1.00 69.94  ? 8   LYS B CD  1 
ATOM   297  C  CE  . LYS B 1 9  ? -19.612 -5.476  7.017   1.00 72.68  ? 8   LYS B CE  1 
ATOM   298  N  NZ  . LYS B 1 9  ? -21.049 -5.114  7.053   1.00 70.06  ? 8   LYS B NZ  1 
ATOM   299  N  N   . GLU B 1 10 ? -14.001 -1.390  7.464   1.00 47.91  ? 9   GLU B N   1 
ATOM   300  C  CA  . GLU B 1 10 ? -13.441 -0.013  7.472   1.00 56.35  ? 9   GLU B CA  1 
ATOM   301  C  C   . GLU B 1 10 ? -12.064 -0.043  6.812   1.00 47.46  ? 9   GLU B C   1 
ATOM   302  O  O   . GLU B 1 10 ? -11.760 0.908   6.092   1.00 45.98  ? 9   GLU B O   1 
ATOM   303  C  CB  . GLU B 1 10 ? -13.455 0.592   8.878   1.00 61.01  ? 9   GLU B CB  1 
ATOM   304  C  CG  . GLU B 1 10 ? -14.873 0.823   9.434   1.00 69.11  ? 9   GLU B CG  1 
ATOM   305  C  CD  . GLU B 1 10 ? -15.968 1.302   8.470   1.00 81.68  ? 9   GLU B CD  1 
ATOM   306  O  OE1 . GLU B 1 10 ? -16.012 2.522   8.166   1.00 87.51  ? 9   GLU B OE1 1 
ATOM   307  O  OE2 . GLU B 1 10 ? -16.795 0.457   8.023   1.00 81.49  ? 9   GLU B OE2 1 
ATOM   308  N  N   . TYR B 1 11 ? -11.308 -1.137  6.929   1.00 40.11  ? 10  TYR B N   1 
ATOM   309  C  CA  . TYR B 1 11 ? -9.996  -1.251  6.235   1.00 39.70  ? 10  TYR B CA  1 
ATOM   310  C  C   . TYR B 1 11 ? -10.222 -1.423  4.736   1.00 39.95  ? 10  TYR B C   1 
ATOM   311  O  O   . TYR B 1 11 ? -9.509  -0.744  3.948   1.00 38.94  ? 10  TYR B O   1 
ATOM   312  C  CB  . TYR B 1 11 ? -9.113  -2.329  6.862   1.00 43.26  ? 10  TYR B CB  1 
ATOM   313  C  CG  . TYR B 1 11 ? -7.754  -2.449  6.234   1.00 39.36  ? 10  TYR B CG  1 
ATOM   314  C  CD1 . TYR B 1 11 ? -6.888  -1.378  6.206   1.00 38.92  ? 10  TYR B CD1 1 
ATOM   315  C  CD2 . TYR B 1 11 ? -7.330  -3.637  5.666   1.00 41.83  ? 10  TYR B CD2 1 
ATOM   316  C  CE1 . TYR B 1 11 ? -5.625  -1.477  5.642   1.00 39.18  ? 10  TYR B CE1 1 
ATOM   317  C  CE2 . TYR B 1 11 ? -6.080  -3.753  5.076   1.00 41.99  ? 10  TYR B CE2 1 
ATOM   318  C  CZ  . TYR B 1 11 ? -5.209  -2.674  5.079   1.00 41.47  ? 10  TYR B CZ  1 
ATOM   319  O  OH  . TYR B 1 11 ? -3.974  -2.758  4.478   1.00 40.40  ? 10  TYR B OH  1 
ATOM   320  N  N   . ALA B 1 12 ? -11.175 -2.276  4.327   1.00 39.43  ? 11  ALA B N   1 
ATOM   321  C  CA  . ALA B 1 12 ? -11.525 -2.499  2.905   1.00 40.18  ? 11  ALA B CA  1 
ATOM   322  C  C   . ALA B 1 12 ? -11.849 -1.143  2.246   1.00 38.68  ? 11  ALA B C   1 
ATOM   323  O  O   . ALA B 1 12 ? -11.406 -0.926  1.126   1.00 44.29  ? 11  ALA B O   1 
ATOM   324  C  CB  . ALA B 1 12 ? -12.689 -3.479  2.773   1.00 43.56  ? 11  ALA B CB  1 
ATOM   325  N  N   . LYS B 1 13 ? -12.554 -0.246  2.915   1.00 40.73  ? 12  LYS B N   1 
ATOM   326  C  CA  . LYS B 1 13 ? -12.882 1.099   2.340   1.00 45.93  ? 12  LYS B CA  1 
ATOM   327  C  C   . LYS B 1 13 ? -11.582 1.898   2.128   1.00 44.99  ? 12  LYS B C   1 
ATOM   328  O  O   . LYS B 1 13 ? -11.484 2.544   1.091   1.00 45.78  ? 12  LYS B O   1 
ATOM   329  C  CB  . LYS B 1 13 ? -13.814 1.912   3.235   1.00 49.09  ? 12  LYS B CB  1 
ATOM   330  C  CG  . LYS B 1 13 ? -15.271 1.458   3.258   1.00 57.87  ? 12  LYS B CG  1 
ATOM   331  C  CD  . LYS B 1 13 ? -16.032 1.994   4.466   1.00 61.29  ? 12  LYS B CD  1 
ATOM   332  C  CE  . LYS B 1 13 ? -17.509 1.656   4.446   1.00 66.47  ? 12  LYS B CE  1 
ATOM   333  N  NZ  . LYS B 1 13 ? -17.722 0.201   4.304   1.00 65.73  ? 12  LYS B NZ  1 
ATOM   334  N  N   . ALA B 1 14 ? -10.604 1.797   3.040   1.00 42.64  ? 13  ALA B N   1 
ATOM   335  C  CA  . ALA B 1 14 ? -9.324  2.551   2.950   1.00 40.45  ? 13  ALA B CA  1 
ATOM   336  C  C   . ALA B 1 14 ? -8.455  1.987   1.808   1.00 37.29  ? 13  ALA B C   1 
ATOM   337  O  O   . ALA B 1 14 ? -7.771  2.764   1.103   1.00 39.36  ? 13  ALA B O   1 
ATOM   338  C  CB  . ALA B 1 14 ? -8.629  2.512   4.278   1.00 42.60  ? 13  ALA B CB  1 
ATOM   339  N  N   . VAL B 1 15 ? -8.494  0.673   1.601   1.00 38.41  ? 14  VAL B N   1 
ATOM   340  C  CA  . VAL B 1 15 ? -7.761  -0.012  0.511   1.00 37.96  ? 14  VAL B CA  1 
ATOM   341  C  C   . VAL B 1 15 ? -8.314  0.504   -0.822  1.00 37.83  ? 14  VAL B C   1 
ATOM   342  O  O   . VAL B 1 15 ? -7.503  0.885   -1.699  1.00 38.38  ? 14  VAL B O   1 
ATOM   343  C  CB  . VAL B 1 15 ? -7.844  -1.541  0.674   1.00 37.34  ? 14  VAL B CB  1 
ATOM   344  C  CG1 . VAL B 1 15 ? -7.343  -2.252  -0.560  1.00 36.66  ? 14  VAL B CG1 1 
ATOM   345  C  CG2 . VAL B 1 15 ? -7.076  -2.016  1.919   1.00 38.79  ? 14  VAL B CG2 1 
ATOM   346  N  N   . LYS B 1 16 ? -9.649  0.567   -0.968  1.00 41.42  ? 15  LYS B N   1 
ATOM   347  C  CA  . LYS B 1 16 ? -10.310 1.060   -2.213  1.00 44.46  ? 15  LYS B CA  1 
ATOM   348  C  C   . LYS B 1 16 ? -9.949  2.530   -2.446  1.00 40.74  ? 15  LYS B C   1 
ATOM   349  O  O   . LYS B 1 16 ? -9.671  2.876   -3.600  1.00 42.14  ? 15  LYS B O   1 
ATOM   350  C  CB  . LYS B 1 16 ? -11.834 0.930   -2.156  1.00 52.26  ? 15  LYS B CB  1 
ATOM   351  C  CG  . LYS B 1 16 ? -12.362 -0.494  -2.124  1.00 60.90  ? 15  LYS B CG  1 
ATOM   352  C  CD  . LYS B 1 16 ? -13.838 -0.547  -1.795  1.00 69.18  ? 15  LYS B CD  1 
ATOM   353  C  CE  . LYS B 1 16 ? -14.667 0.345   -2.693  1.00 69.82  ? 15  LYS B CE  1 
ATOM   354  N  NZ  . LYS B 1 16 ? -14.374 0.086   -4.122  1.00 75.82  ? 15  LYS B NZ  1 
ATOM   355  N  N   . GLU B 1 17 ? -10.011 3.363   -1.405  1.00 38.97  ? 16  GLU B N   1 
ATOM   356  C  CA  . GLU B 1 17 ? -9.650  4.804   -1.509  1.00 46.97  ? 16  GLU B CA  1 
ATOM   357  C  C   . GLU B 1 17 ? -8.189  4.941   -1.924  1.00 42.37  ? 16  GLU B C   1 
ATOM   358  O  O   . GLU B 1 17 ? -7.887  5.735   -2.797  1.00 39.14  ? 16  GLU B O   1 
ATOM   359  C  CB  . GLU B 1 17 ? -9.808  5.520   -0.170  1.00 52.43  ? 16  GLU B CB  1 
ATOM   360  C  CG  . GLU B 1 17 ? -11.253 5.725   0.216   1.00 64.67  ? 16  GLU B CG  1 
ATOM   361  C  CD  . GLU B 1 17 ? -11.399 6.669   1.391   1.00 71.72  ? 16  GLU B CD  1 
ATOM   362  O  OE1 . GLU B 1 17 ? -10.381 7.289   1.763   1.00 83.74  ? 16  GLU B OE1 1 
ATOM   363  O  OE2 . GLU B 1 17 ? -12.520 6.776   1.927   1.00 80.72  ? 16  GLU B OE2 1 
ATOM   364  N  N   . TYR B 1 18 ? -7.291  4.204   -1.280  1.00 36.96  ? 17  TYR B N   1 
ATOM   365  C  CA  . TYR B 1 18 ? -5.871  4.204   -1.686  1.00 35.99  ? 17  TYR B CA  1 
ATOM   366  C  C   . TYR B 1 18 ? -5.722  3.708   -3.135  1.00 37.63  ? 17  TYR B C   1 
ATOM   367  O  O   . TYR B 1 18 ? -5.011  4.368   -3.909  1.00 35.00  ? 17  TYR B O   1 
ATOM   368  C  CB  . TYR B 1 18 ? -5.033  3.429   -0.670  1.00 36.98  ? 17  TYR B CB  1 
ATOM   369  C  CG  . TYR B 1 18 ? -3.574  3.598   -0.934  1.00 36.05  ? 17  TYR B CG  1 
ATOM   370  C  CD1 . TYR B 1 18 ? -3.028  4.864   -1.069  1.00 36.76  ? 17  TYR B CD1 1 
ATOM   371  C  CD2 . TYR B 1 18 ? -2.756  2.501   -1.126  1.00 37.48  ? 17  TYR B CD2 1 
ATOM   372  C  CE1 . TYR B 1 18 ? -1.681  5.038   -1.322  1.00 36.07  ? 17  TYR B CE1 1 
ATOM   373  C  CE2 . TYR B 1 18 ? -1.412  2.659   -1.387  1.00 36.31  ? 17  TYR B CE2 1 
ATOM   374  C  CZ  . TYR B 1 18 ? -0.874  3.926   -1.502  1.00 37.39  ? 17  TYR B CZ  1 
ATOM   375  O  OH  . TYR B 1 18 ? 0.464   4.080   -1.722  1.00 35.94  ? 17  TYR B OH  1 
ATOM   376  N  N   . ALA B 1 19 ? -6.438  2.656   -3.554  1.00 36.32  ? 18  ALA B N   1 
ATOM   377  C  CA  . ALA B 1 19 ? -6.356  2.121   -4.936  1.00 38.59  ? 18  ALA B CA  1 
ATOM   378  C  C   . ALA B 1 19 ? -6.749  3.213   -5.940  1.00 40.23  ? 18  ALA B C   1 
ATOM   379  O  O   . ALA B 1 19 ? -6.040  3.380   -6.953  1.00 38.15  ? 18  ALA B O   1 
ATOM   380  C  CB  . ALA B 1 19 ? -7.217  0.882   -5.104  1.00 41.47  ? 18  ALA B CB  1 
HETATM 381  C  CD1 . 4BF B 1 20 ? -9.522  8.175   -6.299  1.00 44.84  ? 19  4BF B CD1 1 
HETATM 382  C  CE1 . 4BF B 1 20 ? -9.976  9.290   -6.975  1.00 45.93  ? 19  4BF B CE1 1 
HETATM 383  C  CZ  . 4BF B 1 20 ? -10.880 9.132   -7.992  1.00 48.56  ? 19  4BF B CZ  1 
HETATM 384  BR BR  . 4BF B 1 20 ? -11.466 10.696  -8.918  1.00 67.49  ? 19  4BF B BR  1 
HETATM 385  C  CE2 . 4BF B 1 20 ? -11.352 7.892   -8.346  1.00 46.47  ? 19  4BF B CE2 1 
HETATM 386  C  CD2 . 4BF B 1 20 ? -10.886 6.777   -7.657  1.00 47.63  ? 19  4BF B CD2 1 
HETATM 387  C  CG  . 4BF B 1 20 ? -9.964  6.909   -6.624  1.00 44.92  ? 19  4BF B CG  1 
HETATM 388  C  CB  . 4BF B 1 20 ? -9.442  5.714   -5.874  1.00 42.14  ? 19  4BF B CB  1 
HETATM 389  C  CA  . 4BF B 1 20 ? -8.168  5.105   -6.468  1.00 40.29  ? 19  4BF B CA  1 
HETATM 390  N  N   . 4BF B 1 20 ? -7.741  3.969   -5.604  1.00 42.57  ? 19  4BF B N   1 
HETATM 391  C  C   . 4BF B 1 20 ? -7.022  6.133   -6.559  1.00 41.86  ? 19  4BF B C   1 
HETATM 392  O  O   . 4BF B 1 20 ? -6.765  6.642   -7.683  1.00 39.40  ? 19  4BF B O   1 
ATOM   393  N  N   . ALA B 1 21 ? -6.413  6.527   -5.473  1.00 42.26  ? 20  ALA B N   1 
ATOM   394  C  CA  . ALA B 1 21 ? -5.293  7.524   -5.435  1.00 37.60  ? 20  ALA B CA  1 
ATOM   395  C  C   . ALA B 1 21 ? -4.098  6.996   -6.232  1.00 36.54  ? 20  ALA B C   1 
ATOM   396  O  O   . ALA B 1 21 ? -3.496  7.781   -6.978  1.00 36.78  ? 20  ALA B O   1 
ATOM   397  C  CB  . ALA B 1 21 ? -4.944  7.882   -4.037  1.00 39.40  ? 20  ALA B CB  1 
ATOM   398  N  N   . VAL B 1 22 ? -3.775  5.710   -6.105  1.00 34.54  ? 21  VAL B N   1 
ATOM   399  C  CA  . VAL B 1 22 ? -2.677  5.076   -6.880  1.00 37.52  ? 21  VAL B CA  1 
ATOM   400  C  C   . VAL B 1 22 ? -2.991  5.220   -8.382  1.00 42.73  ? 21  VAL B C   1 
ATOM   401  O  O   . VAL B 1 22 ? -2.061  5.595   -9.138  1.00 38.01  ? 21  VAL B O   1 
ATOM   402  C  CB  . VAL B 1 22 ? -2.438  3.615   -6.461  1.00 39.04  ? 21  VAL B CB  1 
ATOM   403  C  CG1 . VAL B 1 22 ? -1.481  2.906   -7.400  1.00 38.60  ? 21  VAL B CG1 1 
ATOM   404  C  CG2 . VAL B 1 22 ? -1.942  3.495   -5.020  1.00 38.37  ? 21  VAL B CG2 1 
ATOM   405  N  N   . LYS B 1 23 ? -4.232  4.958   -8.815  1.00 42.14  ? 22  LYS B N   1 
ATOM   406  C  CA  . LYS B 1 23 ? -4.623  5.067   -10.258 1.00 44.26  ? 22  LYS B CA  1 
ATOM   407  C  C   . LYS B 1 23 ? -4.526  6.522   -10.706 1.00 39.78  ? 22  LYS B C   1 
ATOM   408  O  O   . LYS B 1 23 ? -4.016  6.753   -11.836 1.00 41.60  ? 22  LYS B O   1 
ATOM   409  C  CB  . LYS B 1 23 ? -6.032  4.529   -10.546 1.00 49.66  ? 22  LYS B CB  1 
ATOM   410  C  CG  . LYS B 1 23 ? -6.152  3.012   -10.501 1.00 63.39  ? 22  LYS B CG  1 
ATOM   411  C  CD  . LYS B 1 23 ? -7.443  2.417   -11.058 1.00 70.86  ? 22  LYS B CD  1 
ATOM   412  C  CE  . LYS B 1 23 ? -7.509  0.918   -10.820 1.00 77.71  ? 22  LYS B CE  1 
ATOM   413  N  NZ  . LYS B 1 23 ? -8.689  0.296   -11.458 1.00 79.22  ? 22  LYS B NZ  1 
ATOM   414  N  N   . GLU B 1 24 ? -4.984  7.452   -9.880  1.00 41.75  ? 23  GLU B N   1 
ATOM   415  C  CA  . GLU B 1 24 ? -4.926  8.912   -10.181 1.00 43.08  ? 23  GLU B CA  1 
ATOM   416  C  C   . GLU B 1 24 ? -3.473  9.346   -10.346 1.00 40.58  ? 23  GLU B C   1 
ATOM   417  O  O   . GLU B 1 24 ? -3.161  10.035  -11.328 1.00 37.82  ? 23  GLU B O   1 
ATOM   418  C  CB  . GLU B 1 24 ? -5.553  9.751   -9.063  1.00 47.29  ? 23  GLU B CB  1 
ATOM   419  C  CG  . GLU B 1 24 ? -7.074  9.780   -9.082  1.00 52.56  ? 23  GLU B CG  1 
ATOM   420  C  CD  . GLU B 1 24 ? -7.641  10.463  -10.322 1.00 59.11  ? 23  GLU B CD  1 
ATOM   421  O  OE1 . GLU B 1 24 ? -7.635  11.704  -10.367 1.00 65.84  ? 23  GLU B OE1 1 
ATOM   422  O  OE2 . GLU B 1 24 ? -8.061  9.742   -11.248 1.00 64.71  ? 23  GLU B OE2 1 
ATOM   423  N  N   . PHE B 1 25 ? -2.589  8.911   -9.452  1.00 38.64  ? 24  PHE B N   1 
ATOM   424  C  CA  . PHE B 1 25 ? -1.145  9.225   -9.568  1.00 37.15  ? 24  PHE B CA  1 
ATOM   425  C  C   . PHE B 1 25 ? -0.537  8.560   -10.816 1.00 36.60  ? 24  PHE B C   1 
ATOM   426  O  O   . PHE B 1 25 ? 0.239   9.254   -11.514 1.00 39.99  ? 24  PHE B O   1 
ATOM   427  C  CB  . PHE B 1 25 ? -0.357  8.924   -8.297  1.00 34.63  ? 24  PHE B CB  1 
ATOM   428  C  CG  . PHE B 1 25 ? 1.074   9.372   -8.429  1.00 38.25  ? 24  PHE B CG  1 
ATOM   429  C  CD1 . PHE B 1 25 ? 1.381   10.712  -8.621  1.00 40.03  ? 24  PHE B CD1 1 
ATOM   430  C  CD2 . PHE B 1 25 ? 2.122   8.462   -8.413  1.00 38.19  ? 24  PHE B CD2 1 
ATOM   431  C  CE1 . PHE B 1 25 ? 2.696   11.132  -8.731  1.00 40.71  ? 24  PHE B CE1 1 
ATOM   432  C  CE2 . PHE B 1 25 ? 3.441   8.896   -8.486  1.00 38.47  ? 24  PHE B CE2 1 
ATOM   433  C  CZ  . PHE B 1 25 ? 3.726   10.227  -8.644  1.00 41.04  ? 24  PHE B CZ  1 
ATOM   434  N  N   . ALA B 1 26 ? -0.901  7.320   -11.130 1.00 37.47  ? 25  ALA B N   1 
ATOM   435  C  CA  . ALA B 1 26 ? -0.460  6.631   -12.362 1.00 38.62  ? 25  ALA B CA  1 
ATOM   436  C  C   . ALA B 1 26 ? -0.831  7.508   -13.572 1.00 42.82  ? 25  ALA B C   1 
ATOM   437  O  O   . ALA B 1 26 ? 0.082   7.790   -14.368 1.00 41.08  ? 25  ALA B O   1 
ATOM   438  C  CB  . ALA B 1 26 ? -1.060  5.245   -12.462 1.00 40.10  ? 25  ALA B CB  1 
ATOM   439  N  N   . GLN B 1 27 ? -2.092  7.983   -13.657 1.00 46.88  ? 26  GLN B N   1 
ATOM   440  C  CA  . GLN B 1 27 ? -2.587  8.853   -14.774 1.00 45.93  ? 26  GLN B CA  1 
ATOM   441  C  C   . GLN B 1 27 ? -1.743  10.125  -14.881 1.00 46.46  ? 26  GLN B C   1 
ATOM   442  O  O   . GLN B 1 27 ? -1.496  10.551  -16.013 1.00 49.20  ? 26  GLN B O   1 
ATOM   443  C  CB  . GLN B 1 27 ? -4.048  9.260   -14.596 1.00 47.78  ? 26  GLN B CB  1 
ATOM   444  C  CG  . GLN B 1 27 ? -5.002  8.094   -14.497 1.00 55.95  ? 26  GLN B CG  1 
ATOM   445  C  CD  . GLN B 1 27 ? -4.744  7.030   -15.536 1.00 71.45  ? 26  GLN B CD  1 
ATOM   446  O  OE1 . GLN B 1 27 ? -4.209  5.950   -15.249 1.00 72.53  ? 26  GLN B OE1 1 
ATOM   447  N  NE2 . GLN B 1 27 ? -5.151  7.329   -16.759 1.00 67.35  ? 26  GLN B NE2 1 
ATOM   448  N  N   . ALA B 1 28 ? -1.319  10.728  -13.767 1.00 50.24  ? 27  ALA B N   1 
ATOM   449  C  CA  . ALA B 1 28 ? -0.434  11.926  -13.748 1.00 51.79  ? 27  ALA B CA  1 
ATOM   450  C  C   . ALA B 1 28 ? 0.968   11.579  -14.266 1.00 53.51  ? 27  ALA B C   1 
ATOM   451  O  O   . ALA B 1 28 ? 1.546   12.388  -15.034 1.00 46.41  ? 27  ALA B O   1 
ATOM   452  C  CB  . ALA B 1 28 ? -0.371  12.548  -12.377 1.00 45.87  ? 27  ALA B CB  1 
ATOM   453  N  N   . VAL B 1 29 ? 1.496   10.407  -13.926 1.00 47.74  ? 28  VAL B N   1 
ATOM   454  C  CA  . VAL B 1 29 ? 2.808   9.953   -14.490 1.00 47.58  ? 28  VAL B CA  1 
ATOM   455  C  C   . VAL B 1 29 ? 2.666   9.690   -15.995 1.00 50.45  ? 28  VAL B C   1 
ATOM   456  O  O   . VAL B 1 29 ? 3.567   10.092  -16.746 1.00 50.07  ? 28  VAL B O   1 
ATOM   457  C  CB  . VAL B 1 29 ? 3.350   8.720   -13.747 1.00 44.55  ? 28  VAL B CB  1 
ATOM   458  C  CG1 . VAL B 1 29 ? 4.615   8.189   -14.403 1.00 47.17  ? 28  VAL B CG1 1 
ATOM   459  C  CG2 . VAL B 1 29 ? 3.571   9.044   -12.282 1.00 43.01  ? 28  VAL B CG2 1 
ATOM   460  N  N   . LYS B 1 30 ? 1.586   9.047   -16.434 1.00 43.43  ? 29  LYS B N   1 
ATOM   461  C  CA  . LYS B 1 30 ? 1.345   8.771   -17.876 1.00 49.67  ? 29  LYS B CA  1 
ATOM   462  C  C   . LYS B 1 30 ? 1.219   10.102  -18.636 1.00 56.04  ? 29  LYS B C   1 
ATOM   463  O  O   . LYS B 1 30 ? 1.573   10.136  -19.825 1.00 58.97  ? 29  LYS B O   1 
ATOM   464  C  CB  . LYS B 1 30 ? 0.083   7.924   -18.095 1.00 49.91  ? 29  LYS B CB  1 
ATOM   465  C  CG  . LYS B 1 30 ? 0.217   6.460   -17.698 1.00 53.73  ? 29  LYS B CG  1 
ATOM   466  C  CD  . LYS B 1 30 ? -1.109  5.708   -17.562 1.00 57.51  ? 29  LYS B CD  1 
ATOM   467  C  CE  . LYS B 1 30 ? -0.926  4.370   -16.867 1.00 65.39  ? 29  LYS B CE  1 
ATOM   468  N  NZ  . LYS B 1 30 ? -2.196  3.618   -16.788 1.00 66.03  ? 29  LYS B NZ  1 
ATOM   469  N  N   . GLY B 1 31 ? 0.673   11.129  -17.983 1.00 61.01  ? 30  GLY B N   1 
ATOM   470  C  CA  . GLY B 1 31 ? 0.242   12.383  -18.617 1.00 64.81  ? 30  GLY B CA  1 
ATOM   471  C  C   . GLY B 1 31 ? 1.422   13.305  -18.784 1.00 63.67  ? 30  GLY B C   1 
ATOM   472  O  O   . GLY B 1 31 ? 2.456   13.084  -18.147 1.00 66.49  ? 30  GLY B O   1 
HETATM 473  N  N   . NH2 B 1 32 ? 1.324   14.248  -19.549 1.00 66.25  ? 31  NH2 B N   1 
HETATM 474  C  C   . ACE C 1 1  ? -20.063 -14.737 9.578   1.00 93.51  ? 0   ACE C C   1 
HETATM 475  O  O   . ACE C 1 1  ? -19.902 -13.950 10.471  1.00 94.63  ? 0   ACE C O   1 
HETATM 476  C  CH3 . ACE C 1 1  ? -19.018 -15.812 9.309   1.00 88.95  ? 0   ACE C CH3 1 
ATOM   477  N  N   . GLY C 1 2  ? -21.146 -14.743 8.778   1.00 92.96  ? 1   GLY C N   1 
ATOM   478  C  CA  . GLY C 1 2  ? -22.224 -13.700 8.883   1.00 83.65  ? 1   GLY C CA  1 
ATOM   479  C  C   . GLY C 1 2  ? -21.719 -12.332 8.447   1.00 81.08  ? 1   GLY C C   1 
ATOM   480  O  O   . GLY C 1 2  ? -21.524 -12.128 7.232   1.00 74.44  ? 1   GLY C O   1 
ATOM   481  N  N   . GLU C 1 3  ? -21.497 -11.425 9.400   1.00 73.16  ? 2   GLU C N   1 
ATOM   482  C  CA  . GLU C 1 3  ? -20.897 -10.095 9.133   1.00 79.35  ? 2   GLU C CA  1 
ATOM   483  C  C   . GLU C 1 3  ? -19.428 -10.301 8.726   1.00 70.20  ? 2   GLU C C   1 
ATOM   484  O  O   . GLU C 1 3  ? -19.001 -9.653  7.761   1.00 66.19  ? 2   GLU C O   1 
ATOM   485  C  CB  . GLU C 1 3  ? -21.053 -9.169  10.344  1.00 85.67  ? 2   GLU C CB  1 
ATOM   486  C  CG  . GLU C 1 3  ? -21.252 -7.708  9.964   1.00 93.50  ? 2   GLU C CG  1 
ATOM   487  C  CD  . GLU C 1 3  ? -20.507 -6.701  10.829  1.00 106.26 ? 2   GLU C CD  1 
ATOM   488  O  OE1 . GLU C 1 3  ? -20.304 -6.986  12.034  1.00 107.15 ? 2   GLU C OE1 1 
ATOM   489  O  OE2 . GLU C 1 3  ? -20.114 -5.631  10.292  1.00 104.54 ? 2   GLU C OE2 1 
ATOM   490  N  N   . PHE C 1 4  ? -18.693 -11.189 9.405   1.00 67.32  ? 3   PHE C N   1 
ATOM   491  C  CA  . PHE C 1 4  ? -17.250 -11.435 9.137   1.00 68.32  ? 3   PHE C CA  1 
ATOM   492  C  C   . PHE C 1 4  ? -17.086 -11.929 7.699   1.00 70.05  ? 3   PHE C C   1 
ATOM   493  O  O   . PHE C 1 4  ? -16.269 -11.365 6.944   1.00 70.13  ? 3   PHE C O   1 
ATOM   494  C  CB  . PHE C 1 4  ? -16.601 -12.414 10.120  1.00 62.49  ? 3   PHE C CB  1 
ATOM   495  C  CG  . PHE C 1 4  ? -15.127 -12.580 9.852   1.00 67.85  ? 3   PHE C CG  1 
ATOM   496  C  CD1 . PHE C 1 4  ? -14.228 -11.586 10.221  1.00 66.96  ? 3   PHE C CD1 1 
ATOM   497  C  CD2 . PHE C 1 4  ? -14.648 -13.671 9.143   1.00 67.59  ? 3   PHE C CD2 1 
ATOM   498  C  CE1 . PHE C 1 4  ? -12.875 -11.707 9.936   1.00 62.92  ? 3   PHE C CE1 1 
ATOM   499  C  CE2 . PHE C 1 4  ? -13.295 -13.788 8.850   1.00 70.59  ? 3   PHE C CE2 1 
ATOM   500  C  CZ  . PHE C 1 4  ? -12.412 -12.804 9.243   1.00 65.87  ? 3   PHE C CZ  1 
ATOM   501  N  N   . ALA C 1 5  ? -17.856 -12.944 7.321   1.00 68.73  ? 4   ALA C N   1 
ATOM   502  C  CA  . ALA C 1 5  ? -17.863 -13.483 5.943   1.00 69.43  ? 4   ALA C CA  1 
ATOM   503  C  C   . ALA C 1 5  ? -18.116 -12.333 4.962   1.00 62.05  ? 4   ALA C C   1 
ATOM   504  O  O   . ALA C 1 5  ? -17.476 -12.332 3.887   1.00 56.12  ? 4   ALA C O   1 
ATOM   505  C  CB  . ALA C 1 5  ? -18.900 -14.574 5.794   1.00 74.16  ? 4   ALA C CB  1 
ATOM   506  N  N   . GLN C 1 6  ? -19.028 -11.418 5.315   1.00 59.31  ? 5   GLN C N   1 
ATOM   507  C  CA  . GLN C 1 6  ? -19.439 -10.264 4.462   1.00 60.12  ? 5   GLN C CA  1 
ATOM   508  C  C   . GLN C 1 6  ? -18.245 -9.303  4.360   1.00 58.77  ? 5   GLN C C   1 
ATOM   509  O  O   . GLN C 1 6  ? -17.883 -8.886  3.233   1.00 58.37  ? 5   GLN C O   1 
ATOM   510  C  CB  . GLN C 1 6  ? -20.669 -9.582  5.069   1.00 60.93  ? 5   GLN C CB  1 
ATOM   511  C  CG  . GLN C 1 6  ? -21.102 -8.285  4.395   1.00 70.44  ? 5   GLN C CG  1 
ATOM   512  C  CD  . GLN C 1 6  ? -21.344 -8.422  2.911   1.00 76.32  ? 5   GLN C CD  1 
ATOM   513  O  OE1 . GLN C 1 6  ? -21.848 -9.437  2.423   1.00 78.48  ? 5   GLN C OE1 1 
ATOM   514  N  NE2 . GLN C 1 6  ? -20.974 -7.385  2.176   1.00 73.26  ? 5   GLN C NE2 1 
ATOM   515  N  N   . ALA C 1 7  ? -17.670 -8.972  5.511   1.00 52.66  ? 6   ALA C N   1 
ATOM   516  C  CA  . ALA C 1 7  ? -16.501 -8.075  5.640   1.00 57.65  ? 6   ALA C CA  1 
ATOM   517  C  C   . ALA C 1 7  ? -15.370 -8.609  4.757   1.00 54.56  ? 6   ALA C C   1 
ATOM   518  O  O   . ALA C 1 7  ? -14.742 -7.801  4.050   1.00 48.98  ? 6   ALA C O   1 
ATOM   519  C  CB  . ALA C 1 7  ? -16.099 -7.974  7.087   1.00 54.16  ? 6   ALA C CB  1 
ATOM   520  N  N   . VAL C 1 8  ? -15.155 -9.931  4.755   1.00 57.17  ? 7   VAL C N   1 
ATOM   521  C  CA  . VAL C 1 8  ? -14.052 -10.561 3.968   1.00 56.36  ? 7   VAL C CA  1 
ATOM   522  C  C   . VAL C 1 8  ? -14.341 -10.411 2.464   1.00 60.61  ? 7   VAL C C   1 
ATOM   523  O  O   . VAL C 1 8  ? -13.396 -10.095 1.701   1.00 57.61  ? 7   VAL C O   1 
ATOM   524  C  CB  . VAL C 1 8  ? -13.791 -12.017 4.407   1.00 53.59  ? 7   VAL C CB  1 
ATOM   525  C  CG1 . VAL C 1 8  ? -12.892 -12.770 3.438   1.00 54.76  ? 7   VAL C CG1 1 
ATOM   526  C  CG2 . VAL C 1 8  ? -13.208 -12.065 5.813   1.00 54.99  ? 7   VAL C CG2 1 
ATOM   527  N  N   . LYS C 1 9  ? -15.588 -10.594 2.021   1.00 58.92  ? 8   LYS C N   1 
ATOM   528  C  CA  . LYS C 1 9  ? -15.917 -10.451 0.579   1.00 56.33  ? 8   LYS C CA  1 
ATOM   529  C  C   . LYS C 1 9  ? -15.547 -9.026  0.130   1.00 50.86  ? 8   LYS C C   1 
ATOM   530  O  O   . LYS C 1 9  ? -14.938 -8.874  -0.949  1.00 56.27  ? 8   LYS C O   1 
ATOM   531  C  CB  . LYS C 1 9  ? -17.391 -10.791 0.317   1.00 65.10  ? 8   LYS C CB  1 
ATOM   532  C  CG  . LYS C 1 9  ? -17.787 -12.254 0.524   1.00 64.72  ? 8   LYS C CG  1 
ATOM   533  C  CD  . LYS C 1 9  ? -19.218 -12.571 0.075   1.00 65.39  ? 8   LYS C CD  1 
ATOM   534  C  CE  . LYS C 1 9  ? -19.971 -13.488 1.021   1.00 70.56  ? 8   LYS C CE  1 
ATOM   535  N  NZ  . LYS C 1 9  ? -19.283 -14.787 1.212   1.00 73.39  ? 8   LYS C NZ  1 
ATOM   536  N  N   . GLU C 1 10 ? -15.921 -8.015  0.904   1.00 49.16  ? 9   GLU C N   1 
ATOM   537  C  CA  . GLU C 1 10 ? -15.663 -6.594  0.565   1.00 55.14  ? 9   GLU C CA  1 
ATOM   538  C  C   . GLU C 1 10 ? -14.151 -6.322  0.583   1.00 48.53  ? 9   GLU C C   1 
ATOM   539  O  O   . GLU C 1 10 ? -13.673 -5.588  -0.264  1.00 49.13  ? 9   GLU C O   1 
ATOM   540  C  CB  . GLU C 1 10 ? -16.337 -5.674  1.571   1.00 60.79  ? 9   GLU C CB  1 
ATOM   541  C  CG  . GLU C 1 10 ? -17.847 -5.730  1.550   1.00 69.88  ? 9   GLU C CG  1 
ATOM   542  C  CD  . GLU C 1 10 ? -18.490 -4.946  2.685   1.00 73.82  ? 9   GLU C CD  1 
ATOM   543  O  OE1 . GLU C 1 10 ? -17.778 -4.165  3.337   1.00 76.23  ? 9   GLU C OE1 1 
ATOM   544  O  OE2 . GLU C 1 10 ? -19.706 -5.125  2.919   1.00 85.76  ? 9   GLU C OE2 1 
ATOM   545  N  N   . TYR C 1 11 ? -13.426 -6.929  1.528   1.00 49.08  ? 10  TYR C N   1 
ATOM   546  C  CA  . TYR C 1 11 ? -11.947 -6.845  1.606   1.00 47.27  ? 10  TYR C CA  1 
ATOM   547  C  C   . TYR C 1 11 ? -11.348 -7.476  0.336   1.00 48.67  ? 10  TYR C C   1 
ATOM   548  O  O   . TYR C 1 11 ? -10.498 -6.832  -0.358  1.00 49.68  ? 10  TYR C O   1 
ATOM   549  C  CB  . TYR C 1 11 ? -11.470 -7.444  2.931   1.00 45.70  ? 10  TYR C CB  1 
ATOM   550  C  CG  . TYR C 1 11 ? -9.982  -7.596  3.006   1.00 46.00  ? 10  TYR C CG  1 
ATOM   551  C  CD1 . TYR C 1 11 ? -9.162  -6.480  3.129   1.00 43.00  ? 10  TYR C CD1 1 
ATOM   552  C  CD2 . TYR C 1 11 ? -9.394  -8.841  2.892   1.00 45.18  ? 10  TYR C CD2 1 
ATOM   553  C  CE1 . TYR C 1 11 ? -7.792  -6.619  3.176   1.00 45.31  ? 10  TYR C CE1 1 
ATOM   554  C  CE2 . TYR C 1 11 ? -8.018  -8.996  2.945   1.00 44.83  ? 10  TYR C CE2 1 
ATOM   555  C  CZ  . TYR C 1 11 ? -7.218  -7.875  3.062   1.00 45.87  ? 10  TYR C CZ  1 
ATOM   556  O  OH  . TYR C 1 11 ? -5.866  -8.014  3.124   1.00 46.23  ? 10  TYR C OH  1 
ATOM   557  N  N   . ALA C 1 12 ? -11.811 -8.672  -0.040  1.00 44.28  ? 11  ALA C N   1 
ATOM   558  C  CA  . ALA C 1 12 ? -11.281 -9.422  -1.208  1.00 45.11  ? 11  ALA C CA  1 
ATOM   559  C  C   . ALA C 1 12 ? -11.438 -8.569  -2.468  1.00 44.61  ? 11  ALA C C   1 
ATOM   560  O  O   . ALA C 1 12 ? -10.521 -8.519  -3.276  1.00 46.10  ? 11  ALA C O   1 
ATOM   561  C  CB  . ALA C 1 12 ? -12.016 -10.736 -1.358  1.00 45.21  ? 11  ALA C CB  1 
ATOM   562  N  N   . LYS C 1 13 ? -12.585 -7.900  -2.606  1.00 52.88  ? 12  LYS C N   1 
ATOM   563  C  CA  . LYS C 1 13 ? -12.925 -7.037  -3.771  1.00 53.38  ? 12  LYS C CA  1 
ATOM   564  C  C   . LYS C 1 13 ? -12.030 -5.788  -3.733  1.00 46.44  ? 12  LYS C C   1 
ATOM   565  O  O   . LYS C 1 13 ? -11.525 -5.403  -4.783  1.00 47.40  ? 12  LYS C O   1 
ATOM   566  C  CB  . LYS C 1 13 ? -14.427 -6.728  -3.760  1.00 60.19  ? 12  LYS C CB  1 
ATOM   567  C  CG  . LYS C 1 13 ? -14.996 -6.094  -5.023  1.00 70.07  ? 12  LYS C CG  1 
ATOM   568  C  CD  . LYS C 1 13 ? -15.140 -4.582  -4.942  1.00 78.95  ? 12  LYS C CD  1 
ATOM   569  C  CE  . LYS C 1 13 ? -16.117 -4.118  -3.875  1.00 88.30  ? 12  LYS C CE  1 
ATOM   570  N  NZ  . LYS C 1 13 ? -15.517 -3.108  -2.964  1.00 89.33  ? 12  LYS C NZ  1 
ATOM   571  N  N   . ALA C 1 14 ? -11.808 -5.187  -2.568  1.00 48.31  ? 13  ALA C N   1 
ATOM   572  C  CA  . ALA C 1 14 ? -10.880 -4.026  -2.425  1.00 43.89  ? 13  ALA C CA  1 
ATOM   573  C  C   . ALA C 1 14 ? -9.439  -4.436  -2.759  1.00 42.60  ? 13  ALA C C   1 
ATOM   574  O  O   . ALA C 1 14 ? -8.782  -3.702  -3.522  1.00 43.58  ? 13  ALA C O   1 
ATOM   575  C  CB  . ALA C 1 14 ? -11.006 -3.456  -1.059  1.00 43.36  ? 13  ALA C CB  1 
ATOM   576  N  N   . VAL C 1 15 ? -8.988  -5.615  -2.315  1.00 43.52  ? 14  VAL C N   1 
ATOM   577  C  CA  . VAL C 1 15 ? -7.638  -6.141  -2.668  1.00 46.06  ? 14  VAL C CA  1 
ATOM   578  C  C   . VAL C 1 15 ? -7.495  -6.191  -4.190  1.00 52.12  ? 14  VAL C C   1 
ATOM   579  O  O   . VAL C 1 15 ? -6.414  -5.783  -4.708  1.00 45.77  ? 14  VAL C O   1 
ATOM   580  C  CB  . VAL C 1 15 ? -7.344  -7.503  -2.013  1.00 44.47  ? 14  VAL C CB  1 
ATOM   581  C  CG1 . VAL C 1 15 ? -6.114  -8.165  -2.607  1.00 51.41  ? 14  VAL C CG1 1 
ATOM   582  C  CG2 . VAL C 1 15 ? -7.200  -7.381  -0.506  1.00 45.27  ? 14  VAL C CG2 1 
ATOM   583  N  N   . LYS C 1 16 ? -8.516  -6.673  -4.907  1.00 50.73  ? 15  LYS C N   1 
ATOM   584  C  CA  . LYS C 1 16 ? -8.410  -6.844  -6.380  1.00 48.54  ? 15  LYS C CA  1 
ATOM   585  C  C   . LYS C 1 16 ? -8.330  -5.469  -7.039  1.00 44.92  ? 15  LYS C C   1 
ATOM   586  O  O   . LYS C 1 16 ? -7.614  -5.348  -8.055  1.00 47.63  ? 15  LYS C O   1 
ATOM   587  C  CB  . LYS C 1 16 ? -9.574  -7.664  -6.940  1.00 52.66  ? 15  LYS C CB  1 
ATOM   588  C  CG  . LYS C 1 16 ? -9.475  -9.158  -6.639  1.00 56.36  ? 15  LYS C CG  1 
ATOM   589  C  CD  . LYS C 1 16 ? -10.769 -9.909  -6.879  1.00 61.99  ? 15  LYS C CD  1 
ATOM   590  C  CE  . LYS C 1 16 ? -10.815 -11.259 -6.198  1.00 61.38  ? 15  LYS C CE  1 
ATOM   591  N  NZ  . LYS C 1 16 ? -9.671  -12.104 -6.607  1.00 63.63  ? 15  LYS C NZ  1 
ATOM   592  N  N   . GLU C 1 17 ? -9.029  -4.479  -6.492  1.00 45.33  ? 16  GLU C N   1 
ATOM   593  C  CA  . GLU C 1 17 ? -8.964  -3.085  -7.016  1.00 49.49  ? 16  GLU C CA  1 
ATOM   594  C  C   . GLU C 1 17 ? -7.562  -2.531  -6.753  1.00 46.16  ? 16  GLU C C   1 
ATOM   595  O  O   . GLU C 1 17 ? -6.986  -1.955  -7.681  1.00 43.70  ? 16  GLU C O   1 
ATOM   596  C  CB  . GLU C 1 17 ? -10.032 -2.207  -6.389  1.00 48.68  ? 16  GLU C CB  1 
ATOM   597  C  CG  . GLU C 1 17 ? -11.400 -2.845  -6.456  1.00 64.27  ? 16  GLU C CG  1 
ATOM   598  C  CD  . GLU C 1 17 ? -12.463 -1.971  -7.082  1.00 76.70  ? 16  GLU C CD  1 
ATOM   599  O  OE1 . GLU C 1 17 ? -12.175 -1.379  -8.139  1.00 82.45  ? 16  GLU C OE1 1 
ATOM   600  O  OE2 . GLU C 1 17 ? -13.567 -1.884  -6.508  1.00 84.70  ? 16  GLU C OE2 1 
ATOM   601  N  N   . TYR C 1 18 ? -7.002  -2.805  -5.568  1.00 43.85  ? 17  TYR C N   1 
ATOM   602  C  CA  . TYR C 1 18 ? -5.610  -2.397  -5.235  1.00 40.28  ? 17  TYR C CA  1 
ATOM   603  C  C   . TYR C 1 18 ? -4.666  -3.060  -6.238  1.00 39.14  ? 17  TYR C C   1 
ATOM   604  O  O   . TYR C 1 18 ? -3.800  -2.344  -6.835  1.00 38.52  ? 17  TYR C O   1 
ATOM   605  C  CB  . TYR C 1 18 ? -5.283  -2.680  -3.766  1.00 43.75  ? 17  TYR C CB  1 
ATOM   606  C  CG  . TYR C 1 18 ? -3.863  -2.377  -3.334  1.00 41.93  ? 17  TYR C CG  1 
ATOM   607  C  CD1 . TYR C 1 18 ? -3.446  -1.097  -3.006  1.00 53.29  ? 17  TYR C CD1 1 
ATOM   608  C  CD2 . TYR C 1 18 ? -2.933  -3.384  -3.245  1.00 44.01  ? 17  TYR C CD2 1 
ATOM   609  C  CE1 . TYR C 1 18 ? -2.141  -0.830  -2.613  1.00 48.10  ? 17  TYR C CE1 1 
ATOM   610  C  CE2 . TYR C 1 18 ? -1.634  -3.145  -2.838  1.00 47.96  ? 17  TYR C CE2 1 
ATOM   611  C  CZ  . TYR C 1 18 ? -1.234  -1.864  -2.521  1.00 49.62  ? 17  TYR C CZ  1 
ATOM   612  O  OH  . TYR C 1 18 ? 0.048   -1.674  -2.125  1.00 57.43  ? 17  TYR C OH  1 
ATOM   613  N  N   . ALA C 1 19 ? -4.824  -4.372  -6.471  1.00 41.29  ? 18  ALA C N   1 
ATOM   614  C  CA  . ALA C 1 19 ? -3.970  -5.139  -7.408  1.00 37.42  ? 18  ALA C CA  1 
ATOM   615  C  C   . ALA C 1 19 ? -3.980  -4.464  -8.792  1.00 41.60  ? 18  ALA C C   1 
ATOM   616  O  O   . ALA C 1 19 ? -2.852  -4.258  -9.348  1.00 40.09  ? 18  ALA C O   1 
ATOM   617  C  CB  . ALA C 1 19 ? -4.391  -6.595  -7.480  1.00 42.64  ? 18  ALA C CB  1 
HETATM 618  C  CD1 . 4BF C 1 20 ? -6.272  -5.059  -13.167 1.00 65.34  ? 19  4BF C CD1 1 
HETATM 619  C  CE1 . 4BF C 1 20 ? -6.588  -6.271  -13.761 1.00 77.68  ? 19  4BF C CE1 1 
HETATM 620  C  CZ  . 4BF C 1 20 ? -7.531  -7.084  -13.166 1.00 70.30  ? 19  4BF C CZ  1 
HETATM 621  BR BR  . 4BF C 1 20 ? -7.990  -8.723  -14.014 1.00 105.88 ? 19  4BF C BR  1 
HETATM 622  C  CE2 . 4BF C 1 20 ? -8.161  -6.725  -11.994 1.00 62.69  ? 19  4BF C CE2 1 
HETATM 623  C  CD2 . 4BF C 1 20 ? -7.817  -5.522  -11.402 1.00 61.90  ? 19  4BF C CD2 1 
HETATM 624  C  CG  . 4BF C 1 20 ? -6.883  -4.670  -11.987 1.00 59.39  ? 19  4BF C CG  1 
HETATM 625  C  CB  . 4BF C 1 20 ? -6.494  -3.376  -11.330 1.00 50.23  ? 19  4BF C CB  1 
HETATM 626  C  CA  . 4BF C 1 20 ? -5.083  -3.423  -10.722 1.00 46.72  ? 19  4BF C CA  1 
HETATM 627  N  N   . 4BF C 1 20 ? -5.066  -4.085  -9.383  1.00 47.75  ? 19  4BF C N   1 
HETATM 628  C  C   . 4BF C 1 20 ? -4.507  -2.002  -10.632 1.00 45.72  ? 19  4BF C C   1 
HETATM 629  O  O   . 4BF C 1 20 ? -3.849  -1.673  -11.670 1.00 42.89  ? 19  4BF C O   1 
ATOM   630  N  N   . ALA C 1 21 ? -4.786  -1.344  -9.533  1.00 42.66  ? 20  ALA C N   1 
ATOM   631  C  CA  . ALA C 1 21 ? -4.209  0.036   -9.419  1.00 39.61  ? 20  ALA C CA  1 
ATOM   632  C  C   . ALA C 1 21 ? -2.686  -0.038  -9.415  1.00 40.30  ? 20  ALA C C   1 
ATOM   633  O  O   . ALA C 1 21 ? -2.013  0.758   -10.125 1.00 39.06  ? 20  ALA C O   1 
ATOM   634  C  CB  . ALA C 1 21 ? -4.729  0.715   -8.185  1.00 40.74  ? 20  ALA C CB  1 
ATOM   635  N  N   . VAL C 1 22 ? -2.141  -0.989  -8.659  1.00 39.40  ? 21  VAL C N   1 
ATOM   636  C  CA  . VAL C 1 22 ? -0.672  -1.217  -8.649  1.00 39.52  ? 21  VAL C CA  1 
ATOM   637  C  C   . VAL C 1 22 ? -0.156  -1.497  -10.063 1.00 39.22  ? 21  VAL C C   1 
ATOM   638  O  O   . VAL C 1 22 ? 0.899   -0.954  -10.410 1.00 37.27  ? 21  VAL C O   1 
ATOM   639  C  CB  . VAL C 1 22 ? -0.294  -2.337  -7.672  1.00 40.44  ? 21  VAL C CB  1 
ATOM   640  C  CG1 . VAL C 1 22 ? 1.145   -2.740  -7.878  1.00 43.16  ? 21  VAL C CG1 1 
ATOM   641  C  CG2 . VAL C 1 22 ? -0.579  -1.909  -6.228  1.00 40.03  ? 21  VAL C CG2 1 
ATOM   642  N  N   . LYS C 1 23 ? -0.827  -2.345  -10.847 1.00 39.72  ? 22  LYS C N   1 
ATOM   643  C  CA  . LYS C 1 23 ? -0.387  -2.681  -12.234 1.00 40.84  ? 22  LYS C CA  1 
ATOM   644  C  C   . LYS C 1 23 ? -0.362  -1.402  -13.101 1.00 39.09  ? 22  LYS C C   1 
ATOM   645  O  O   . LYS C 1 23 ? 0.593   -1.249  -13.875 1.00 42.30  ? 22  LYS C O   1 
ATOM   646  C  CB  . LYS C 1 23 ? -1.237  -3.818  -12.813 1.00 44.24  ? 22  LYS C CB  1 
ATOM   647  C  CG  . LYS C 1 23 ? -0.971  -5.179  -12.184 1.00 45.77  ? 22  LYS C CG  1 
ATOM   648  C  CD  . LYS C 1 23 ? -1.883  -6.285  -12.687 1.00 49.53  ? 22  LYS C CD  1 
ATOM   649  C  CE  . LYS C 1 23 ? -1.881  -7.550  -11.851 1.00 46.74  ? 22  LYS C CE  1 
ATOM   650  N  NZ  . LYS C 1 23 ? -0.509  -8.079  -11.684 1.00 51.29  ? 22  LYS C NZ  1 
ATOM   651  N  N   . GLU C 1 24 ? -1.308  -0.472  -12.950 1.00 43.70  ? 23  GLU C N   1 
ATOM   652  C  CA  . GLU C 1 24 ? -1.324  0.782   -13.764 1.00 46.34  ? 23  GLU C CA  1 
ATOM   653  C  C   . GLU C 1 24 ? -0.197  1.708   -13.300 1.00 44.85  ? 23  GLU C C   1 
ATOM   654  O  O   . GLU C 1 24 ? 0.428   2.359   -14.153 1.00 40.18  ? 23  GLU C O   1 
ATOM   655  C  CB  . GLU C 1 24 ? -2.709  1.416   -13.742 1.00 50.65  ? 23  GLU C CB  1 
ATOM   656  C  CG  . GLU C 1 24 ? -3.704  0.580   -14.555 1.00 62.61  ? 23  GLU C CG  1 
ATOM   657  C  CD  . GLU C 1 24 ? -3.162  0.084   -15.905 1.00 71.10  ? 23  GLU C CD  1 
ATOM   658  O  OE1 . GLU C 1 24 ? -2.846  0.963   -16.753 1.00 60.74  ? 23  GLU C OE1 1 
ATOM   659  O  OE2 . GLU C 1 24 ? -3.021  -1.181  -16.113 1.00 63.54  ? 23  GLU C OE2 1 
ATOM   660  N  N   . PHE C 1 25 ? 0.089   1.738   -11.995 1.00 44.63  ? 24  PHE C N   1 
ATOM   661  C  CA  . PHE C 1 25 ? 1.243   2.492   -11.440 1.00 41.95  ? 24  PHE C CA  1 
ATOM   662  C  C   . PHE C 1 25 ? 2.540   1.935   -12.053 1.00 38.93  ? 24  PHE C C   1 
ATOM   663  O  O   . PHE C 1 25 ? 3.390   2.731   -12.524 1.00 40.88  ? 24  PHE C O   1 
ATOM   664  C  CB  . PHE C 1 25 ? 1.208   2.436   -9.909  1.00 41.61  ? 24  PHE C CB  1 
ATOM   665  C  CG  . PHE C 1 25 ? 2.380   3.118   -9.270  1.00 39.23  ? 24  PHE C CG  1 
ATOM   666  C  CD1 . PHE C 1 25 ? 2.479   4.491   -9.312  1.00 44.72  ? 24  PHE C CD1 1 
ATOM   667  C  CD2 . PHE C 1 25 ? 3.375   2.398   -8.630  1.00 38.99  ? 24  PHE C CD2 1 
ATOM   668  C  CE1 . PHE C 1 25 ? 3.572   5.137   -8.749  1.00 50.25  ? 24  PHE C CE1 1 
ATOM   669  C  CE2 . PHE C 1 25 ? 4.461   3.051   -8.049  1.00 42.24  ? 24  PHE C CE2 1 
ATOM   670  C  CZ  . PHE C 1 25 ? 4.556   4.426   -8.108  1.00 43.48  ? 24  PHE C CZ  1 
ATOM   671  N  N   . ALA C 1 26 ? 2.719   0.607   -12.004 1.00 40.87  ? 25  ALA C N   1 
ATOM   672  C  CA  . ALA C 1 26 ? 3.885   -0.124  -12.576 1.00 43.29  ? 25  ALA C CA  1 
ATOM   673  C  C   . ALA C 1 26 ? 4.068   0.240   -14.050 1.00 42.67  ? 25  ALA C C   1 
ATOM   674  O  O   . ALA C 1 26 ? 5.202   0.531   -14.440 1.00 42.21  ? 25  ALA C O   1 
ATOM   675  C  CB  . ALA C 1 26 ? 3.741   -1.616  -12.408 1.00 44.22  ? 25  ALA C CB  1 
ATOM   676  N  N   . GLN C 1 27 ? 2.991   0.245   -14.831 1.00 41.62  ? 26  GLN C N   1 
ATOM   677  C  CA  . GLN C 1 27 ? 3.052   0.590   -16.275 1.00 44.40  ? 26  GLN C CA  1 
ATOM   678  C  C   . GLN C 1 27 ? 3.409   2.071   -16.425 1.00 41.14  ? 26  GLN C C   1 
ATOM   679  O  O   . GLN C 1 27 ? 4.220   2.391   -17.284 1.00 46.41  ? 26  GLN C O   1 
ATOM   680  C  CB  . GLN C 1 27 ? 1.752   0.217   -16.999 1.00 47.87  ? 26  GLN C CB  1 
ATOM   681  C  CG  . GLN C 1 27 ? 1.869   0.353   -18.521 1.00 54.18  ? 26  GLN C CG  1 
ATOM   682  C  CD  . GLN C 1 27 ? 3.067   -0.377  -19.085 1.00 58.38  ? 26  GLN C CD  1 
ATOM   683  O  OE1 . GLN C 1 27 ? 4.041   0.229   -19.543 1.00 60.45  ? 26  GLN C OE1 1 
ATOM   684  N  NE2 . GLN C 1 27 ? 3.020   -1.699  -19.010 1.00 53.76  ? 26  GLN C NE2 1 
ATOM   685  N  N   . ALA C 1 28 ? 2.887   2.954   -15.591 1.00 42.07  ? 27  ALA C N   1 
ATOM   686  C  CA  . ALA C 1 28 ? 3.175   4.405   -15.711 1.00 38.80  ? 27  ALA C CA  1 
ATOM   687  C  C   . ALA C 1 28 ? 4.669   4.634   -15.472 1.00 40.85  ? 27  ALA C C   1 
ATOM   688  O  O   . ALA C 1 28 ? 5.329   5.349   -16.243 1.00 37.67  ? 27  ALA C O   1 
ATOM   689  C  CB  . ALA C 1 28 ? 2.324   5.185   -14.734 1.00 39.67  ? 27  ALA C CB  1 
ATOM   690  N  N   . VAL C 1 29 ? 5.199   4.001   -14.438 1.00 41.64  ? 28  VAL C N   1 
ATOM   691  C  CA  . VAL C 1 29 ? 6.627   4.160   -14.049 1.00 45.28  ? 28  VAL C CA  1 
ATOM   692  C  C   . VAL C 1 29 ? 7.529   3.570   -15.142 1.00 47.21  ? 28  VAL C C   1 
ATOM   693  O  O   . VAL C 1 29 ? 8.509   4.218   -15.459 1.00 56.90  ? 28  VAL C O   1 
ATOM   694  C  CB  . VAL C 1 29 ? 6.852   3.531   -12.663 1.00 47.84  ? 28  VAL C CB  1 
ATOM   695  C  CG1 . VAL C 1 29 ? 8.315   3.270   -12.384 1.00 53.95  ? 28  VAL C CG1 1 
ATOM   696  C  CG2 . VAL C 1 29 ? 6.222   4.410   -11.602 1.00 46.00  ? 28  VAL C CG2 1 
ATOM   697  N  N   . LYS C 1 30 ? 7.178   2.413   -15.713 1.00 50.88  ? 29  LYS C N   1 
ATOM   698  C  CA  . LYS C 1 30 ? 7.940   1.738   -16.805 1.00 57.66  ? 29  LYS C CA  1 
ATOM   699  C  C   . LYS C 1 30 ? 7.844   2.497   -18.145 1.00 59.06  ? 29  LYS C C   1 
ATOM   700  O  O   . LYS C 1 30 ? 8.903   2.693   -18.783 1.00 53.00  ? 29  LYS C O   1 
ATOM   701  C  CB  . LYS C 1 30 ? 7.417   0.316   -17.035 1.00 61.52  ? 29  LYS C CB  1 
ATOM   702  C  CG  . LYS C 1 30 ? 7.933   -0.358  -18.312 1.00 73.64  ? 29  LYS C CG  1 
ATOM   703  C  CD  . LYS C 1 30 ? 7.228   -1.664  -18.646 1.00 73.81  ? 29  LYS C CD  1 
ATOM   704  C  CE  . LYS C 1 30 ? 7.945   -2.501  -19.687 1.00 78.07  ? 29  LYS C CE  1 
ATOM   705  N  NZ  . LYS C 1 30 ? 8.054   -3.918  -19.255 1.00 74.07  ? 29  LYS C NZ  1 
ATOM   706  N  N   . GLY C 1 31 ? 6.622   2.794   -18.614 1.00 67.39  ? 30  GLY C N   1 
ATOM   707  C  CA  . GLY C 1 31 ? 6.303   3.101   -20.033 1.00 66.50  ? 30  GLY C CA  1 
ATOM   708  C  C   . GLY C 1 31 ? 6.865   4.440   -20.444 1.00 65.64  ? 30  GLY C C   1 
ATOM   709  O  O   . GLY C 1 31 ? 7.246   5.167   -19.511 1.00 71.79  ? 30  GLY C O   1 
HETATM 710  C  C   . ACE D 1 1  ? -9.156  -19.201 5.897   1.00 68.77  ? 0   ACE D C   1 
HETATM 711  O  O   . ACE D 1 1  ? -9.442  -18.040 5.808   1.00 63.68  ? 0   ACE D O   1 
HETATM 712  C  CH3 . ACE D 1 1  ? -8.275  -19.731 7.043   1.00 70.72  ? 0   ACE D CH3 1 
ATOM   713  N  N   . GLY D 1 2  ? -9.527  -20.136 5.019   1.00 65.38  ? 1   GLY D N   1 
ATOM   714  C  CA  . GLY D 1 2  ? -10.421 -19.960 3.827   1.00 64.78  ? 1   GLY D CA  1 
ATOM   715  C  C   . GLY D 1 2  ? -10.220 -18.641 3.097   1.00 69.03  ? 1   GLY D C   1 
ATOM   716  O  O   . GLY D 1 2  ? -9.103  -18.380 2.582   1.00 64.36  ? 1   GLY D O   1 
ATOM   717  N  N   . GLU D 1 3  ? -11.278 -17.834 3.038   1.00 62.97  ? 2   GLU D N   1 
ATOM   718  C  CA  . GLU D 1 3  ? -11.428 -16.731 2.053   1.00 64.74  ? 2   GLU D CA  1 
ATOM   719  C  C   . GLU D 1 3  ? -10.530 -15.550 2.451   1.00 56.39  ? 2   GLU D C   1 
ATOM   720  O  O   . GLU D 1 3  ? -10.008 -14.890 1.545   1.00 53.66  ? 2   GLU D O   1 
ATOM   721  C  CB  . GLU D 1 3  ? -12.900 -16.337 1.930   1.00 69.31  ? 2   GLU D CB  1 
ATOM   722  C  CG  . GLU D 1 3  ? -13.595 -16.136 3.269   1.00 83.23  ? 2   GLU D CG  1 
ATOM   723  C  CD  . GLU D 1 3  ? -14.254 -17.349 3.919   1.00 91.62  ? 2   GLU D CD  1 
ATOM   724  O  OE1 . GLU D 1 3  ? -13.718 -18.484 3.798   1.00 84.96  ? 2   GLU D OE1 1 
ATOM   725  O  OE2 . GLU D 1 3  ? -15.303 -17.151 4.571   1.00 94.70  ? 2   GLU D OE2 1 
ATOM   726  N  N   . PHE D 1 4  ? -10.342 -15.323 3.749   1.00 51.11  ? 3   PHE D N   1 
ATOM   727  C  CA  . PHE D 1 4  ? -9.570  -14.186 4.310   1.00 56.37  ? 3   PHE D CA  1 
ATOM   728  C  C   . PHE D 1 4  ? -8.076  -14.451 4.144   1.00 57.18  ? 3   PHE D C   1 
ATOM   729  O  O   . PHE D 1 4  ? -7.361  -13.511 3.834   1.00 53.38  ? 3   PHE D O   1 
ATOM   730  C  CB  . PHE D 1 4  ? -9.880  -13.970 5.793   1.00 56.45  ? 3   PHE D CB  1 
ATOM   731  C  CG  . PHE D 1 4  ? -9.242  -12.742 6.389   1.00 53.84  ? 3   PHE D CG  1 
ATOM   732  C  CD1 . PHE D 1 4  ? -9.546  -11.483 5.903   1.00 54.85  ? 3   PHE D CD1 1 
ATOM   733  C  CD2 . PHE D 1 4  ? -8.332  -12.850 7.432   1.00 57.08  ? 3   PHE D CD2 1 
ATOM   734  C  CE1 . PHE D 1 4  ? -8.977  -10.356 6.469   1.00 51.47  ? 3   PHE D CE1 1 
ATOM   735  C  CE2 . PHE D 1 4  ? -7.762  -11.719 7.992   1.00 59.11  ? 3   PHE D CE2 1 
ATOM   736  C  CZ  . PHE D 1 4  ? -8.089  -10.476 7.507   1.00 52.60  ? 3   PHE D CZ  1 
ATOM   737  N  N   . ALA D 1 5  ? -7.623  -15.680 4.399   1.00 52.36  ? 4   ALA D N   1 
ATOM   738  C  CA  . ALA D 1 5  ? -6.238  -16.105 4.114   1.00 54.85  ? 4   ALA D CA  1 
ATOM   739  C  C   . ALA D 1 5  ? -5.974  -15.875 2.619   1.00 51.90  ? 4   ALA D C   1 
ATOM   740  O  O   . ALA D 1 5  ? -4.922  -15.332 2.288   1.00 51.95  ? 4   ALA D O   1 
ATOM   741  C  CB  . ALA D 1 5  ? -6.024  -17.542 4.544   1.00 57.30  ? 4   ALA D CB  1 
ATOM   742  N  N   . GLN D 1 6  ? -6.940  -16.193 1.752   1.00 52.68  ? 5   GLN D N   1 
ATOM   743  C  CA  . GLN D 1 6  ? -6.816  -16.039 0.275   1.00 53.59  ? 5   GLN D CA  1 
ATOM   744  C  C   . GLN D 1 6  ? -6.696  -14.550 -0.101  1.00 50.71  ? 5   GLN D C   1 
ATOM   745  O  O   . GLN D 1 6  ? -5.846  -14.201 -0.955  1.00 51.10  ? 5   GLN D O   1 
ATOM   746  C  CB  . GLN D 1 6  ? -8.010  -16.704 -0.416  1.00 56.67  ? 5   GLN D CB  1 
ATOM   747  C  CG  . GLN D 1 6  ? -8.166  -16.381 -1.901  1.00 58.88  ? 5   GLN D CG  1 
ATOM   748  C  CD  . GLN D 1 6  ? -6.999  -16.844 -2.734  1.00 65.62  ? 5   GLN D CD  1 
ATOM   749  O  OE1 . GLN D 1 6  ? -6.275  -17.770 -2.366  1.00 73.30  ? 5   GLN D OE1 1 
ATOM   750  N  NE2 . GLN D 1 6  ? -6.808  -16.192 -3.874  1.00 61.52  ? 5   GLN D NE2 1 
ATOM   751  N  N   . ALA D 1 7  ? -7.530  -13.697 0.476   1.00 47.18  ? 6   ALA D N   1 
ATOM   752  C  CA  . ALA D 1 7  ? -7.506  -12.242 0.211   1.00 48.45  ? 6   ALA D CA  1 
ATOM   753  C  C   . ALA D 1 7  ? -6.169  -11.658 0.705   1.00 44.20  ? 6   ALA D C   1 
ATOM   754  O  O   . ALA D 1 7  ? -5.592  -10.825 -0.004  1.00 47.03  ? 6   ALA D O   1 
ATOM   755  C  CB  . ALA D 1 7  ? -8.702  -11.588 0.849   1.00 46.15  ? 6   ALA D CB  1 
ATOM   756  N  N   . VAL D 1 8  ? -5.648  -12.136 1.834   1.00 44.36  ? 7   VAL D N   1 
ATOM   757  C  CA  . VAL D 1 8  ? -4.369  -11.639 2.415   1.00 42.64  ? 7   VAL D CA  1 
ATOM   758  C  C   . VAL D 1 8  ? -3.218  -12.018 1.484   1.00 50.44  ? 7   VAL D C   1 
ATOM   759  O  O   . VAL D 1 8  ? -2.295  -11.195 1.319   1.00 42.26  ? 7   VAL D O   1 
ATOM   760  C  CB  . VAL D 1 8  ? -4.181  -12.158 3.851   1.00 43.06  ? 7   VAL D CB  1 
ATOM   761  C  CG1 . VAL D 1 8  ? -2.757  -11.972 4.382   1.00 40.14  ? 7   VAL D CG1 1 
ATOM   762  C  CG2 . VAL D 1 8  ? -5.185  -11.495 4.776   1.00 42.52  ? 7   VAL D CG2 1 
ATOM   763  N  N   . LYS D 1 9  ? -3.267  -13.231 0.918   1.00 46.50  ? 8   LYS D N   1 
ATOM   764  C  CA  . LYS D 1 9  ? -2.262  -13.743 -0.046  1.00 45.68  ? 8   LYS D CA  1 
ATOM   765  C  C   . LYS D 1 9  ? -2.282  -12.870 -1.292  1.00 40.60  ? 8   LYS D C   1 
ATOM   766  O  O   . LYS D 1 9  ? -1.187  -12.533 -1.807  1.00 49.13  ? 8   LYS D O   1 
ATOM   767  C  CB  . LYS D 1 9  ? -2.538  -15.207 -0.412  1.00 49.42  ? 8   LYS D CB  1 
ATOM   768  C  CG  . LYS D 1 9  ? -2.150  -16.208 0.672   1.00 58.88  ? 8   LYS D CG  1 
ATOM   769  C  CD  . LYS D 1 9  ? -2.258  -17.666 0.235   1.00 66.95  ? 8   LYS D CD  1 
ATOM   770  C  CE  . LYS D 1 9  ? -1.912  -18.634 1.343   1.00 71.79  ? 8   LYS D CE  1 
ATOM   771  N  NZ  . LYS D 1 9  ? -2.007  -20.037 0.881   1.00 81.12  ? 8   LYS D NZ  1 
ATOM   772  N  N   . GLU D 1 10 ? -3.459  -12.520 -1.782  1.00 42.28  ? 9   GLU D N   1 
ATOM   773  C  CA  . GLU D 1 10 ? -3.579  -11.660 -2.985  1.00 43.29  ? 9   GLU D CA  1 
ATOM   774  C  C   . GLU D 1 10 ? -3.008  -10.272 -2.674  1.00 40.83  ? 9   GLU D C   1 
ATOM   775  O  O   . GLU D 1 10 ? -2.364  -9.690  -3.567  1.00 39.70  ? 9   GLU D O   1 
ATOM   776  C  CB  . GLU D 1 10 ? -5.030  -11.554 -3.458  1.00 47.77  ? 9   GLU D CB  1 
ATOM   777  C  CG  . GLU D 1 10 ? -5.531  -12.823 -4.130  1.00 53.89  ? 9   GLU D CG  1 
ATOM   778  C  CD  . GLU D 1 10 ? -6.891  -12.701 -4.798  1.00 62.79  ? 9   GLU D CD  1 
ATOM   779  O  OE1 . GLU D 1 10 ? -7.272  -11.566 -5.203  1.00 58.46  ? 9   GLU D OE1 1 
ATOM   780  O  OE2 . GLU D 1 10 ? -7.571  -13.749 -4.934  1.00 74.76  ? 9   GLU D OE2 1 
ATOM   781  N  N   . TYR D 1 11 ? -3.271  -9.762  -1.473  1.00 40.46  ? 10  TYR D N   1 
ATOM   782  C  CA  . TYR D 1 11 ? -2.802  -8.411  -1.040  1.00 38.52  ? 10  TYR D CA  1 
ATOM   783  C  C   . TYR D 1 11 ? -1.282  -8.446  -0.993  1.00 35.40  ? 10  TYR D C   1 
ATOM   784  O  O   . TYR D 1 11 ? -0.643  -7.546  -1.557  1.00 38.56  ? 10  TYR D O   1 
ATOM   785  C  CB  . TYR D 1 11 ? -3.455  -7.958  0.271   1.00 38.78  ? 10  TYR D CB  1 
ATOM   786  C  CG  . TYR D 1 11 ? -3.136  -6.514  0.587   1.00 37.95  ? 10  TYR D CG  1 
ATOM   787  C  CD1 . TYR D 1 11 ? -3.798  -5.479  -0.043  1.00 40.74  ? 10  TYR D CD1 1 
ATOM   788  C  CD2 . TYR D 1 11 ? -2.053  -6.193  1.384   1.00 35.33  ? 10  TYR D CD2 1 
ATOM   789  C  CE1 . TYR D 1 11 ? -3.473  -4.143  0.204   1.00 39.15  ? 10  TYR D CE1 1 
ATOM   790  C  CE2 . TYR D 1 11 ? -1.695  -4.869  1.625   1.00 40.88  ? 10  TYR D CE2 1 
ATOM   791  C  CZ  . TYR D 1 11 ? -2.390  -3.839  1.013   1.00 38.22  ? 10  TYR D CZ  1 
ATOM   792  O  OH  . TYR D 1 11 ? -2.004  -2.550  1.226   1.00 37.81  ? 10  TYR D OH  1 
ATOM   793  N  N   . ALA D 1 12 ? -0.709  -9.478  -0.347  1.00 38.70  ? 11  ALA D N   1 
ATOM   794  C  CA  . ALA D 1 12 ? 0.743   -9.725  -0.316  1.00 38.05  ? 11  ALA D CA  1 
ATOM   795  C  C   . ALA D 1 12 ? 1.316   -9.672  -1.736  1.00 39.18  ? 11  ALA D C   1 
ATOM   796  O  O   . ALA D 1 12 ? 2.356   -9.041  -1.909  1.00 37.01  ? 11  ALA D O   1 
ATOM   797  C  CB  . ALA D 1 12 ? 1.057   -11.039 0.359   1.00 41.77  ? 11  ALA D CB  1 
ATOM   798  N  N   . LYS D 1 13 ? 0.694   -10.313 -2.732  1.00 40.31  ? 12  LYS D N   1 
ATOM   799  C  CA  . LYS D 1 13 ? 1.254   -10.327 -4.120  1.00 42.49  ? 12  LYS D CA  1 
ATOM   800  C  C   . LYS D 1 13 ? 1.206   -8.900  -4.691  1.00 38.82  ? 12  LYS D C   1 
ATOM   801  O  O   . LYS D 1 13 ? 2.206   -8.484  -5.262  1.00 39.44  ? 12  LYS D O   1 
ATOM   802  C  CB  . LYS D 1 13 ? 0.518   -11.350 -4.995  1.00 50.48  ? 12  LYS D CB  1 
ATOM   803  C  CG  . LYS D 1 13 ? 0.766   -11.255 -6.498  1.00 57.79  ? 12  LYS D CG  1 
ATOM   804  C  CD  . LYS D 1 13 ? 2.241   -11.286 -6.933  1.00 65.08  ? 12  LYS D CD  1 
ATOM   805  C  CE  . LYS D 1 13 ? 2.406   -11.580 -8.414  1.00 71.60  ? 12  LYS D CE  1 
ATOM   806  N  NZ  . LYS D 1 13 ? 3.669   -11.026 -8.958  1.00 74.00  ? 12  LYS D NZ  1 
ATOM   807  N  N   . ALA D 1 14 ? 0.115   -8.164  -4.457  1.00 38.22  ? 13  ALA D N   1 
ATOM   808  C  CA  . ALA D 1 14 ? -0.063  -6.741  -4.830  1.00 39.86  ? 13  ALA D CA  1 
ATOM   809  C  C   . ALA D 1 14 ? 1.034   -5.860  -4.194  1.00 39.72  ? 13  ALA D C   1 
ATOM   810  O  O   . ALA D 1 14 ? 1.622   -5.004  -4.896  1.00 38.00  ? 13  ALA D O   1 
ATOM   811  C  CB  . ALA D 1 14 ? -1.418  -6.293  -4.382  1.00 43.03  ? 13  ALA D CB  1 
ATOM   812  N  N   . VAL D 1 15 ? 1.317   -6.074  -2.910  1.00 37.41  ? 14  VAL D N   1 
ATOM   813  C  CA  . VAL D 1 15 ? 2.372   -5.300  -2.170  1.00 39.15  ? 14  VAL D CA  1 
ATOM   814  C  C   . VAL D 1 15 ? 3.728   -5.557  -2.814  1.00 37.13  ? 14  VAL D C   1 
ATOM   815  O  O   . VAL D 1 15 ? 4.505   -4.604  -2.969  1.00 35.55  ? 14  VAL D O   1 
ATOM   816  C  CB  . VAL D 1 15 ? 2.374   -5.593  -0.659  1.00 39.00  ? 14  VAL D CB  1 
ATOM   817  C  CG1 . VAL D 1 15 ? 3.613   -5.049  0.067   1.00 40.30  ? 14  VAL D CG1 1 
ATOM   818  C  CG2 . VAL D 1 15 ? 1.110   -5.018  -0.056  1.00 36.89  ? 14  VAL D CG2 1 
ATOM   819  N  N   . LYS D 1 16 ? 4.047   -6.810  -3.142  1.00 37.88  ? 15  LYS D N   1 
ATOM   820  C  CA  . LYS D 1 16 ? 5.350   -7.131  -3.776  1.00 39.05  ? 15  LYS D CA  1 
ATOM   821  C  C   . LYS D 1 16 ? 5.434   -6.411  -5.102  1.00 34.90  ? 15  LYS D C   1 
ATOM   822  O  O   . LYS D 1 16 ? 6.523   -5.904  -5.405  1.00 37.87  ? 15  LYS D O   1 
ATOM   823  C  CB  . LYS D 1 16 ? 5.557   -8.635  -4.009  1.00 46.72  ? 15  LYS D CB  1 
ATOM   824  C  CG  . LYS D 1 16 ? 5.815   -9.441  -2.749  1.00 53.44  ? 15  LYS D CG  1 
ATOM   825  C  CD  . LYS D 1 16 ? 5.365   -10.889 -2.865  1.00 64.54  ? 15  LYS D CD  1 
ATOM   826  C  CE  . LYS D 1 16 ? 5.992   -11.606 -4.038  1.00 67.58  ? 15  LYS D CE  1 
ATOM   827  N  NZ  . LYS D 1 16 ? 7.463   -11.458 -4.007  1.00 75.03  ? 15  LYS D NZ  1 
ATOM   828  N  N   . GLU D 1 17 ? 4.358   -6.404  -5.888  1.00 36.40  ? 16  GLU D N   1 
ATOM   829  C  CA  . GLU D 1 17 ? 4.389   -5.725  -7.210  1.00 38.47  ? 16  GLU D CA  1 
ATOM   830  C  C   . GLU D 1 17 ? 4.606   -4.223  -6.981  1.00 35.37  ? 16  GLU D C   1 
ATOM   831  O  O   . GLU D 1 17 ? 5.348   -3.622  -7.714  1.00 38.65  ? 16  GLU D O   1 
ATOM   832  C  CB  . GLU D 1 17 ? 3.114   -5.959  -8.014  1.00 42.15  ? 16  GLU D CB  1 
ATOM   833  C  CG  . GLU D 1 17 ? 2.974   -7.381  -8.501  1.00 53.10  ? 16  GLU D CG  1 
ATOM   834  C  CD  . GLU D 1 17 ? 1.863   -7.636  -9.514  1.00 58.32  ? 16  GLU D CD  1 
ATOM   835  O  OE1 . GLU D 1 17 ? 1.233   -6.645  -10.008 1.00 55.40  ? 16  GLU D OE1 1 
ATOM   836  O  OE2 . GLU D 1 17 ? 1.632   -8.838  -9.825  1.00 69.59  ? 16  GLU D OE2 1 
ATOM   837  N  N   . TYR D 1 18 ? 3.987   -3.658  -5.956  1.00 36.59  ? 17  TYR D N   1 
ATOM   838  C  CA  . TYR D 1 18 ? 4.077   -2.198  -5.663  1.00 36.01  ? 17  TYR D CA  1 
ATOM   839  C  C   . TYR D 1 18 ? 5.521   -1.893  -5.258  1.00 35.03  ? 17  TYR D C   1 
ATOM   840  O  O   . TYR D 1 18 ? 6.085   -0.931  -5.740  1.00 37.67  ? 17  TYR D O   1 
ATOM   841  C  CB  . TYR D 1 18 ? 3.084   -1.816  -4.563  1.00 35.93  ? 17  TYR D CB  1 
ATOM   842  C  CG  . TYR D 1 18 ? 2.752   -0.342  -4.412  1.00 41.88  ? 17  TYR D CG  1 
ATOM   843  C  CD1 . TYR D 1 18 ? 2.624   0.528   -5.493  1.00 47.34  ? 17  TYR D CD1 1 
ATOM   844  C  CD2 . TYR D 1 18 ? 2.431   0.161   -3.165  1.00 51.50  ? 17  TYR D CD2 1 
ATOM   845  C  CE1 . TYR D 1 18 ? 2.237   1.859   -5.330  1.00 49.98  ? 17  TYR D CE1 1 
ATOM   846  C  CE2 . TYR D 1 18 ? 2.035   1.483   -2.983  1.00 51.36  ? 17  TYR D CE2 1 
ATOM   847  C  CZ  . TYR D 1 18 ? 1.913   2.335   -4.069  1.00 46.52  ? 17  TYR D CZ  1 
ATOM   848  O  OH  . TYR D 1 18 ? 1.531   3.629   -3.824  1.00 43.52  ? 17  TYR D OH  1 
ATOM   849  N  N   . ALA D 1 19 ? 6.126   -2.755  -4.437  1.00 34.82  ? 18  ALA D N   1 
ATOM   850  C  CA  . ALA D 1 19 ? 7.542   -2.625  -4.023  1.00 37.70  ? 18  ALA D CA  1 
ATOM   851  C  C   . ALA D 1 19 ? 8.438   -2.567  -5.262  1.00 41.38  ? 18  ALA D C   1 
ATOM   852  O  O   . ALA D 1 19 ? 9.346   -1.732  -5.332  1.00 38.79  ? 18  ALA D O   1 
ATOM   853  C  CB  . ALA D 1 19 ? 7.906   -3.773  -3.118  1.00 38.38  ? 18  ALA D CB  1 
HETATM 854  C  CD1 . 4BF D 1 20 ? 8.565   -4.367  -10.766 1.00 54.49  ? 19  4BF D CD1 1 
HETATM 855  C  CE1 . 4BF D 1 20 ? 9.117   -4.520  -12.026 1.00 61.97  ? 19  4BF D CE1 1 
HETATM 856  C  CZ  . 4BF D 1 20 ? 10.331  -5.150  -12.148 1.00 60.29  ? 19  4BF D CZ  1 
HETATM 857  BR BR  . 4BF D 1 20 ? 11.108  -5.360  -13.878 1.00 76.10  ? 19  4BF D BR  1 
HETATM 858  C  CE2 . 4BF D 1 20 ? 11.003  -5.620  -11.055 1.00 53.12  ? 19  4BF D CE2 1 
HETATM 859  C  CD2 . 4BF D 1 20 ? 10.432  -5.478  -9.806  1.00 56.08  ? 19  4BF D CD2 1 
HETATM 860  C  CG  . 4BF D 1 20 ? 9.213   -4.843  -9.642  1.00 44.85  ? 19  4BF D CG  1 
HETATM 861  C  CB  . 4BF D 1 20 ? 8.596   -4.703  -8.283  1.00 43.02  ? 19  4BF D CB  1 
HETATM 862  C  CA  . 4BF D 1 20 ? 9.024   -3.472  -7.480  1.00 38.85  ? 19  4BF D CA  1 
HETATM 863  N  N   . 4BF D 1 20 ? 8.268   -3.472  -6.201  1.00 42.94  ? 19  4BF D N   1 
HETATM 864  C  C   . 4BF D 1 20 ? 8.774   -2.169  -8.249  1.00 38.59  ? 19  4BF D C   1 
HETATM 865  O  O   . 4BF D 1 20 ? 9.803   -1.624  -8.777  1.00 39.63  ? 19  4BF D O   1 
ATOM   866  N  N   . ALA D 1 21 ? 7.549   -1.700  -8.306  1.00 37.51  ? 20  ALA D N   1 
ATOM   867  C  CA  . ALA D 1 21 ? 7.326   -0.412  -9.024  1.00 40.23  ? 20  ALA D CA  1 
ATOM   868  C  C   . ALA D 1 21 ? 7.944   0.764   -8.252  1.00 37.20  ? 20  ALA D C   1 
ATOM   869  O  O   . ALA D 1 21 ? 8.419   1.726   -8.887  1.00 37.29  ? 20  ALA D O   1 
ATOM   870  C  CB  . ALA D 1 21 ? 5.848   -0.190  -9.219  1.00 44.36  ? 20  ALA D CB  1 
ATOM   871  N  N   . VAL D 1 22 ? 7.935   0.709   -6.932  1.00 36.37  ? 21  VAL D N   1 
ATOM   872  C  CA  . VAL D 1 22 ? 8.516   1.813   -6.109  1.00 39.29  ? 21  VAL D CA  1 
ATOM   873  C  C   . VAL D 1 22 ? 10.022  1.853   -6.374  1.00 37.13  ? 21  VAL D C   1 
ATOM   874  O  O   . VAL D 1 22 ? 10.529  2.962   -6.530  1.00 37.26  ? 21  VAL D O   1 
ATOM   875  C  CB  . VAL D 1 22 ? 8.132   1.677   -4.630  1.00 35.52  ? 21  VAL D CB  1 
ATOM   876  C  CG1 . VAL D 1 22 ? 9.009   2.511   -3.716  1.00 38.86  ? 21  VAL D CG1 1 
ATOM   877  C  CG2 . VAL D 1 22 ? 6.653   1.996   -4.445  1.00 38.92  ? 21  VAL D CG2 1 
ATOM   878  N  N   . LYS D 1 23 ? 10.684  0.696   -6.512  1.00 37.71  ? 22  LYS D N   1 
ATOM   879  C  CA  . LYS D 1 23 ? 12.146  0.619   -6.825  1.00 40.93  ? 22  LYS D CA  1 
ATOM   880  C  C   . LYS D 1 23 ? 12.432  1.172   -8.219  1.00 40.92  ? 22  LYS D C   1 
ATOM   881  O  O   . LYS D 1 23 ? 13.420  1.918   -8.381  1.00 44.78  ? 22  LYS D O   1 
ATOM   882  C  CB  . LYS D 1 23 ? 12.663  -0.815  -6.710  1.00 44.06  ? 22  LYS D CB  1 
ATOM   883  C  CG  . LYS D 1 23 ? 12.747  -1.316  -5.278  1.00 53.36  ? 22  LYS D CG  1 
ATOM   884  C  CD  . LYS D 1 23 ? 13.222  -2.766  -5.155  1.00 63.45  ? 22  LYS D CD  1 
ATOM   885  C  CE  . LYS D 1 23 ? 14.551  -3.012  -5.846  1.00 70.58  ? 22  LYS D CE  1 
ATOM   886  N  NZ  . LYS D 1 23 ? 15.040  -4.405  -5.670  1.00 72.14  ? 22  LYS D NZ  1 
ATOM   887  N  N   . GLU D 1 24 ? 11.578  0.864   -9.181  1.00 40.76  ? 23  GLU D N   1 
ATOM   888  C  CA  . GLU D 1 24 ? 11.657  1.423   -10.548 1.00 45.31  ? 23  GLU D CA  1 
ATOM   889  C  C   . GLU D 1 24 ? 11.422  2.940   -10.446 1.00 42.88  ? 23  GLU D C   1 
ATOM   890  O  O   . GLU D 1 24 ? 12.218  3.663   -10.996 1.00 44.19  ? 23  GLU D O   1 
ATOM   891  C  CB  . GLU D 1 24 ? 10.702  0.650   -11.459 1.00 43.54  ? 23  GLU D CB  1 
ATOM   892  C  CG  . GLU D 1 24 ? 11.026  -0.836  -11.537 1.00 49.08  ? 23  GLU D CG  1 
ATOM   893  C  CD  . GLU D 1 24 ? 12.420  -1.117  -12.079 1.00 60.77  ? 23  GLU D CD  1 
ATOM   894  O  OE1 . GLU D 1 24 ? 12.712  -0.585  -13.159 1.00 59.59  ? 23  GLU D OE1 1 
ATOM   895  O  OE2 . GLU D 1 24 ? 13.224  -1.809  -11.398 1.00 67.05  ? 23  GLU D OE2 1 
ATOM   896  N  N   . PHE D 1 25 ? 10.407  3.401   -9.711  1.00 39.55  ? 24  PHE D N   1 
ATOM   897  C  CA  . PHE D 1 25 ? 10.172  4.851   -9.446  1.00 40.59  ? 24  PHE D CA  1 
ATOM   898  C  C   . PHE D 1 25 ? 11.474  5.465   -8.887  1.00 43.66  ? 24  PHE D C   1 
ATOM   899  O  O   . PHE D 1 25 ? 11.914  6.480   -9.410  1.00 44.73  ? 24  PHE D O   1 
ATOM   900  C  CB  . PHE D 1 25 ? 8.943   5.004   -8.547  1.00 40.10  ? 24  PHE D CB  1 
ATOM   901  C  CG  . PHE D 1 25 ? 8.420   6.386   -8.233  1.00 40.59  ? 24  PHE D CG  1 
ATOM   902  C  CD1 . PHE D 1 25 ? 8.637   7.474   -9.058  1.00 45.64  ? 24  PHE D CD1 1 
ATOM   903  C  CD2 . PHE D 1 25 ? 7.597   6.562   -7.141  1.00 43.15  ? 24  PHE D CD2 1 
ATOM   904  C  CE1 . PHE D 1 25 ? 8.101   8.714   -8.752  1.00 45.99  ? 24  PHE D CE1 1 
ATOM   905  C  CE2 . PHE D 1 25 ? 7.044   7.796   -6.837  1.00 49.12  ? 24  PHE D CE2 1 
ATOM   906  C  CZ  . PHE D 1 25 ? 7.315   8.881   -7.637  1.00 50.29  ? 24  PHE D CZ  1 
ATOM   907  N  N   . ALA D 1 26 ? 12.111  4.822   -7.899  1.00 39.16  ? 25  ALA D N   1 
ATOM   908  C  CA  . ALA D 1 26 ? 13.396  5.270   -7.314  1.00 40.51  ? 25  ALA D CA  1 
ATOM   909  C  C   . ALA D 1 26 ? 14.453  5.433   -8.402  1.00 40.94  ? 25  ALA D C   1 
ATOM   910  O  O   . ALA D 1 26 ? 15.144  6.506   -8.406  1.00 43.99  ? 25  ALA D O   1 
ATOM   911  C  CB  . ALA D 1 26 ? 13.838  4.325   -6.211  1.00 40.65  ? 25  ALA D CB  1 
ATOM   912  N  N   . GLN D 1 27 ? 14.532  4.482   -9.338  1.00 42.44  ? 26  GLN D N   1 
ATOM   913  C  CA  . GLN D 1 27 ? 15.490  4.551   -10.464 1.00 46.64  ? 26  GLN D CA  1 
ATOM   914  C  C   . GLN D 1 27 ? 15.155  5.785   -11.306 1.00 50.07  ? 26  GLN D C   1 
ATOM   915  O  O   . GLN D 1 27 ? 16.085  6.535   -11.624 1.00 56.97  ? 26  GLN D O   1 
ATOM   916  C  CB  . GLN D 1 27 ? 15.536  3.261   -11.295 1.00 53.59  ? 26  GLN D CB  1 
ATOM   917  C  CG  . GLN D 1 27 ? 15.647  1.960   -10.500 1.00 60.92  ? 26  GLN D CG  1 
ATOM   918  C  CD  . GLN D 1 27 ? 16.721  1.945   -9.429  1.00 76.97  ? 26  GLN D CD  1 
ATOM   919  O  OE1 . GLN D 1 27 ? 17.834  2.452   -9.624  1.00 69.42  ? 26  GLN D OE1 1 
ATOM   920  N  NE2 . GLN D 1 27 ? 16.398  1.340   -8.285  1.00 70.08  ? 26  GLN D NE2 1 
ATOM   921  N  N   . ALA D 1 28 ? 13.885  6.021   -11.635 1.00 49.16  ? 27  ALA D N   1 
ATOM   922  C  CA  . ALA D 1 28 ? 13.450  7.225   -12.389 1.00 50.37  ? 27  ALA D CA  1 
ATOM   923  C  C   . ALA D 1 28 ? 13.870  8.500   -11.652 1.00 52.93  ? 27  ALA D C   1 
ATOM   924  O  O   . ALA D 1 28 ? 14.341  9.442   -12.333 1.00 50.76  ? 27  ALA D O   1 
ATOM   925  C  CB  . ALA D 1 28 ? 11.956  7.229   -12.628 1.00 48.80  ? 27  ALA D CB  1 
ATOM   926  N  N   . VAL D 1 29 ? 13.649  8.565   -10.334 1.00 46.65  ? 28  VAL D N   1 
ATOM   927  C  CA  . VAL D 1 29 ? 13.926  9.784   -9.513  1.00 48.81  ? 28  VAL D CA  1 
ATOM   928  C  C   . VAL D 1 29 ? 15.444  10.042  -9.534  1.00 56.36  ? 28  VAL D C   1 
ATOM   929  O  O   . VAL D 1 29 ? 15.831  11.227  -9.594  1.00 59.82  ? 28  VAL D O   1 
ATOM   930  C  CB  . VAL D 1 29 ? 13.377  9.660   -8.073  1.00 52.51  ? 28  VAL D CB  1 
ATOM   931  C  CG1 . VAL D 1 29 ? 13.984  10.682  -7.125  1.00 54.86  ? 28  VAL D CG1 1 
ATOM   932  C  CG2 . VAL D 1 29 ? 11.857  9.746   -8.021  1.00 49.04  ? 28  VAL D CG2 1 
ATOM   933  N  N   . LYS D 1 30 ? 16.267  8.986   -9.501  1.00 55.23  ? 29  LYS D N   1 
ATOM   934  C  CA  . LYS D 1 30 ? 17.749  9.095   -9.567  1.00 65.16  ? 29  LYS D CA  1 
ATOM   935  C  C   . LYS D 1 30 ? 18.172  9.622   -10.941 1.00 69.20  ? 29  LYS D C   1 
ATOM   936  O  O   . LYS D 1 30 ? 19.200  10.290  -10.988 1.00 72.54  ? 29  LYS D O   1 
ATOM   937  C  CB  . LYS D 1 30 ? 18.443  7.756   -9.321  1.00 62.39  ? 29  LYS D CB  1 
ATOM   938  C  CG  . LYS D 1 30 ? 18.258  7.188   -7.928  1.00 69.32  ? 29  LYS D CG  1 
ATOM   939  C  CD  . LYS D 1 30 ? 19.336  6.200   -7.546  1.00 76.05  ? 29  LYS D CD  1 
ATOM   940  C  CE  . LYS D 1 30 ? 19.298  4.926   -8.357  1.00 73.21  ? 29  LYS D CE  1 
ATOM   941  N  NZ  . LYS D 1 30 ? 20.265  3.930   -7.843  1.00 73.44  ? 29  LYS D NZ  1 
ATOM   942  N  N   . GLY D 1 31 ? 17.415  9.311   -12.002 1.00 71.83  ? 30  GLY D N   1 
ATOM   943  C  CA  . GLY D 1 31 ? 17.626  9.830   -13.369 1.00 74.95  ? 30  GLY D CA  1 
ATOM   944  C  C   . GLY D 1 31 ? 17.512  11.346  -13.423 1.00 78.98  ? 30  GLY D C   1 
ATOM   945  O  O   . GLY D 1 31 ? 16.705  11.979  -12.734 1.00 84.75  ? 30  GLY D O   1 
HETATM 946  N  N   . NH2 D 1 32 ? 18.236  12.007  -14.164 1.00 79.80  ? 31  NH2 D N   1 
ATOM   947  N  N   . GLY E 1 2  ? 0.811   -11.595 18.167  1.00 66.53  ? 1   GLY E N   1 
ATOM   948  C  CA  . GLY E 1 2  ? 0.639   -12.512 17.040  1.00 57.71  ? 1   GLY E CA  1 
ATOM   949  C  C   . GLY E 1 2  ? 1.437   -12.042 15.844  1.00 56.83  ? 1   GLY E C   1 
ATOM   950  O  O   . GLY E 1 2  ? 1.761   -10.823 15.749  1.00 51.90  ? 1   GLY E O   1 
ATOM   951  N  N   . GLU E 1 3  ? 1.735   -12.967 14.946  1.00 51.09  ? 2   GLU E N   1 
ATOM   952  C  CA  . GLU E 1 3  ? 2.616   -12.716 13.778  1.00 53.38  ? 2   GLU E CA  1 
ATOM   953  C  C   . GLU E 1 3  ? 1.904   -11.733 12.844  1.00 50.32  ? 2   GLU E C   1 
ATOM   954  O  O   . GLU E 1 3  ? 2.586   -10.890 12.236  1.00 47.99  ? 2   GLU E O   1 
ATOM   955  C  CB  . GLU E 1 3  ? 2.952   -14.016 13.040  1.00 61.74  ? 2   GLU E CB  1 
ATOM   956  C  CG  . GLU E 1 3  ? 3.760   -15.013 13.865  1.00 73.44  ? 2   GLU E CG  1 
ATOM   957  C  CD  . GLU E 1 3  ? 3.026   -15.799 14.956  1.00 74.18  ? 2   GLU E CD  1 
ATOM   958  O  OE1 . GLU E 1 3  ? 1.766   -15.734 15.043  1.00 67.57  ? 2   GLU E OE1 1 
ATOM   959  O  OE2 . GLU E 1 3  ? 3.725   -16.480 15.742  1.00 74.68  ? 2   GLU E OE2 1 
ATOM   960  N  N   . PHE E 1 4  ? 0.585   -11.848 12.707  1.00 43.92  ? 3   PHE E N   1 
ATOM   961  C  CA  . PHE E 1 4  ? -0.170  -11.006 11.749  1.00 45.32  ? 3   PHE E CA  1 
ATOM   962  C  C   . PHE E 1 4  ? -0.118  -9.570  12.269  1.00 43.66  ? 3   PHE E C   1 
ATOM   963  O  O   . PHE E 1 4  ? 0.256   -8.689  11.489  1.00 42.45  ? 3   PHE E O   1 
ATOM   964  C  CB  . PHE E 1 4  ? -1.597  -11.502 11.560  1.00 42.15  ? 3   PHE E CB  1 
ATOM   965  C  CG  . PHE E 1 4  ? -2.373  -10.792 10.476  1.00 44.65  ? 3   PHE E CG  1 
ATOM   966  C  CD1 . PHE E 1 4  ? -1.776  -10.432 9.286   1.00 43.12  ? 3   PHE E CD1 1 
ATOM   967  C  CD2 . PHE E 1 4  ? -3.725  -10.515 10.644  1.00 44.14  ? 3   PHE E CD2 1 
ATOM   968  C  CE1 . PHE E 1 4  ? -2.506  -9.810  8.282   1.00 43.72  ? 3   PHE E CE1 1 
ATOM   969  C  CE2 . PHE E 1 4  ? -4.440  -9.851  9.660   1.00 46.45  ? 3   PHE E CE2 1 
ATOM   970  C  CZ  . PHE E 1 4  ? -3.833  -9.517  8.470   1.00 41.77  ? 3   PHE E CZ  1 
ATOM   971  N  N   . ALA E 1 5  ? -0.428  -9.367  13.553  1.00 42.05  ? 4   ALA E N   1 
ATOM   972  C  CA  . ALA E 1 5  ? -0.414  -8.039  14.206  1.00 47.67  ? 4   ALA E CA  1 
ATOM   973  C  C   . ALA E 1 5  ? 0.953   -7.394  13.990  1.00 42.46  ? 4   ALA E C   1 
ATOM   974  O  O   . ALA E 1 5  ? 0.973   -6.206  13.634  1.00 43.02  ? 4   ALA E O   1 
ATOM   975  C  CB  . ALA E 1 5  ? -0.780  -8.138  15.672  1.00 45.87  ? 4   ALA E CB  1 
ATOM   976  N  N   . GLN E 1 6  ? 2.042   -8.161  14.156  1.00 45.57  ? 5   GLN E N   1 
ATOM   977  C  CA  . GLN E 1 6  ? 3.440   -7.665  14.046  1.00 47.27  ? 5   GLN E CA  1 
ATOM   978  C  C   . GLN E 1 6  ? 3.685   -7.215  12.599  1.00 43.41  ? 5   GLN E C   1 
ATOM   979  O  O   . GLN E 1 6  ? 4.306   -6.150  12.407  1.00 39.62  ? 5   GLN E O   1 
ATOM   980  C  CB  . GLN E 1 6  ? 4.448   -8.731  14.502  1.00 54.01  ? 5   GLN E CB  1 
ATOM   981  C  CG  . GLN E 1 6  ? 5.902   -8.414  14.146  1.00 53.11  ? 5   GLN E CG  1 
ATOM   982  C  CD  . GLN E 1 6  ? 6.476   -7.215  14.866  1.00 63.01  ? 5   GLN E CD  1 
ATOM   983  O  OE1 . GLN E 1 6  ? 6.111   -6.902  16.001  1.00 65.30  ? 5   GLN E OE1 1 
ATOM   984  N  NE2 . GLN E 1 6  ? 7.409   -6.536  14.217  1.00 59.98  ? 5   GLN E NE2 1 
ATOM   985  N  N   . ALA E 1 7  ? 3.220   -7.997  11.620  1.00 42.07  ? 6   ALA E N   1 
ATOM   986  C  CA  . ALA E 1 7  ? 3.458   -7.710  10.185  1.00 40.45  ? 6   ALA E CA  1 
ATOM   987  C  C   . ALA E 1 7  ? 2.662   -6.450  9.791   1.00 36.35  ? 6   ALA E C   1 
ATOM   988  O  O   . ALA E 1 7  ? 3.217   -5.637  9.060   1.00 36.99  ? 6   ALA E O   1 
ATOM   989  C  CB  . ALA E 1 7  ? 3.099   -8.897  9.334   1.00 37.00  ? 6   ALA E CB  1 
ATOM   990  N  N   . VAL E 1 8  ? 1.424   -6.277  10.267  1.00 34.24  ? 7   VAL E N   1 
ATOM   991  C  CA  . VAL E 1 8  ? 0.613   -5.074  9.892   1.00 35.34  ? 7   VAL E CA  1 
ATOM   992  C  C   . VAL E 1 8  ? 1.238   -3.845  10.562  1.00 40.97  ? 7   VAL E C   1 
ATOM   993  O  O   . VAL E 1 8  ? 1.276   -2.779  9.917   1.00 40.04  ? 7   VAL E O   1 
ATOM   994  C  CB  . VAL E 1 8  ? -0.868  -5.260  10.221  1.00 37.45  ? 7   VAL E CB  1 
ATOM   995  C  CG1 . VAL E 1 8  ? -1.695  -4.087  9.708   1.00 37.48  ? 7   VAL E CG1 1 
ATOM   996  C  CG2 . VAL E 1 8  ? -1.370  -6.578  9.645   1.00 36.79  ? 7   VAL E CG2 1 
ATOM   997  N  N   . LYS E 1 9  ? 1.812   -4.015  11.758  1.00 39.81  ? 8   LYS E N   1 
ATOM   998  C  CA  . LYS E 1 9  ? 2.537   -2.933  12.457  1.00 46.04  ? 8   LYS E CA  1 
ATOM   999  C  C   . LYS E 1 9  ? 3.718   -2.494  11.597  1.00 39.29  ? 8   LYS E C   1 
ATOM   1000 O  O   . LYS E 1 9  ? 3.852   -1.283  11.392  1.00 37.42  ? 8   LYS E O   1 
ATOM   1001 C  CB  . LYS E 1 9  ? 2.982   -3.343  13.868  1.00 58.25  ? 8   LYS E CB  1 
ATOM   1002 C  CG  . LYS E 1 9  ? 2.036   -2.946  14.995  1.00 70.47  ? 8   LYS E CG  1 
ATOM   1003 C  CD  . LYS E 1 9  ? 2.741   -2.569  16.283  1.00 81.25  ? 8   LYS E CD  1 
ATOM   1004 C  CE  . LYS E 1 9  ? 3.432   -1.219  16.202  1.00 91.31  ? 8   LYS E CE  1 
ATOM   1005 N  NZ  . LYS E 1 9  ? 3.813   -0.698  17.541  1.00 90.36  ? 8   LYS E NZ  1 
ATOM   1006 N  N   . GLU E 1 10 ? 4.505   -3.429  11.075  1.00 36.85  ? 9   GLU E N   1 
ATOM   1007 C  CA  . GLU E 1 10 ? 5.698   -3.118  10.236  1.00 35.99  ? 9   GLU E CA  1 
ATOM   1008 C  C   . GLU E 1 10 ? 5.207   -2.428  8.955   1.00 36.80  ? 9   GLU E C   1 
ATOM   1009 O  O   . GLU E 1 10 ? 5.840   -1.456  8.512   1.00 37.94  ? 9   GLU E O   1 
ATOM   1010 C  CB  . GLU E 1 10 ? 6.513   -4.365  9.901   1.00 41.52  ? 9   GLU E CB  1 
ATOM   1011 C  CG  . GLU E 1 10 ? 7.251   -4.968  11.090  1.00 52.83  ? 9   GLU E CG  1 
ATOM   1012 C  CD  . GLU E 1 10 ? 8.022   -6.244  10.751  1.00 61.76  ? 9   GLU E CD  1 
ATOM   1013 O  OE1 . GLU E 1 10 ? 8.426   -6.415  9.562   1.00 57.20  ? 9   GLU E OE1 1 
ATOM   1014 O  OE2 . GLU E 1 10 ? 8.224   -7.068  11.674  1.00 69.03  ? 9   GLU E OE2 1 
ATOM   1015 N  N   . TYR E 1 11 ? 4.088   -2.870  8.392   1.00 35.52  ? 10  TYR E N   1 
ATOM   1016 C  CA  . TYR E 1 11 ? 3.550   -2.278  7.136   1.00 32.64  ? 10  TYR E CA  1 
ATOM   1017 C  C   . TYR E 1 11 ? 3.169   -0.819  7.381   1.00 33.13  ? 10  TYR E C   1 
ATOM   1018 O  O   . TYR E 1 11 ? 3.535   0.045   6.555   1.00 35.13  ? 10  TYR E O   1 
ATOM   1019 C  CB  . TYR E 1 11 ? 2.365   -3.112  6.635   1.00 33.43  ? 10  TYR E CB  1 
ATOM   1020 C  CG  . TYR E 1 11 ? 1.829   -2.733  5.277   1.00 32.93  ? 10  TYR E CG  1 
ATOM   1021 C  CD1 . TYR E 1 11 ? 2.682   -2.495  4.207   1.00 35.15  ? 10  TYR E CD1 1 
ATOM   1022 C  CD2 . TYR E 1 11 ? 0.458   -2.727  5.041   1.00 34.65  ? 10  TYR E CD2 1 
ATOM   1023 C  CE1 . TYR E 1 11 ? 2.193   -2.231  2.937   1.00 35.97  ? 10  TYR E CE1 1 
ATOM   1024 C  CE2 . TYR E 1 11 ? -0.042  -2.416  3.790   1.00 34.80  ? 10  TYR E CE2 1 
ATOM   1025 C  CZ  . TYR E 1 11 ? 0.827   -2.166  2.745   1.00 32.22  ? 10  TYR E CZ  1 
ATOM   1026 O  OH  . TYR E 1 11 ? 0.362   -1.896  1.503   1.00 33.80  ? 10  TYR E OH  1 
ATOM   1027 N  N   . ALA E 1 12 ? 2.470   -0.558  8.490   1.00 34.30  ? 11  ALA E N   1 
ATOM   1028 C  CA  . ALA E 1 12 ? 2.011   0.788   8.902   1.00 37.54  ? 11  ALA E CA  1 
ATOM   1029 C  C   . ALA E 1 12 ? 3.209   1.743   8.942   1.00 37.56  ? 11  ALA E C   1 
ATOM   1030 O  O   . ALA E 1 12 ? 3.115   2.832   8.370   1.00 35.95  ? 11  ALA E O   1 
ATOM   1031 C  CB  . ALA E 1 12 ? 1.282   0.699   10.223  1.00 40.54  ? 11  ALA E CB  1 
ATOM   1032 N  N   . LYS E 1 13 ? 4.324   1.288   9.502   1.00 37.12  ? 12  LYS E N   1 
ATOM   1033 C  CA  . LYS E 1 13 ? 5.612   2.027   9.574   1.00 39.73  ? 12  LYS E CA  1 
ATOM   1034 C  C   . LYS E 1 13 ? 6.139   2.305   8.163   1.00 38.56  ? 12  LYS E C   1 
ATOM   1035 O  O   . LYS E 1 13 ? 6.560   3.446   7.889   1.00 39.36  ? 12  LYS E O   1 
ATOM   1036 C  CB  . LYS E 1 13 ? 6.634   1.230   10.389  1.00 45.56  ? 12  LYS E CB  1 
ATOM   1037 C  CG  . LYS E 1 13 ? 7.979   1.927   10.598  1.00 53.27  ? 12  LYS E CG  1 
ATOM   1038 C  CD  . LYS E 1 13 ? 7.858   3.338   11.164  1.00 62.97  ? 12  LYS E CD  1 
ATOM   1039 C  CE  . LYS E 1 13 ? 9.107   3.845   11.867  1.00 69.69  ? 12  LYS E CE  1 
ATOM   1040 N  NZ  . LYS E 1 13 ? 10.243  4.024   10.926  1.00 61.68  ? 12  LYS E NZ  1 
ATOM   1041 N  N   . ALA E 1 14 ? 6.116   1.304   7.287   1.00 35.58  ? 13  ALA E N   1 
ATOM   1042 C  CA  . ALA E 1 14 ? 6.670   1.425   5.922   1.00 34.80  ? 13  ALA E CA  1 
ATOM   1043 C  C   . ALA E 1 14 ? 5.835   2.417   5.113   1.00 33.80  ? 13  ALA E C   1 
ATOM   1044 O  O   . ALA E 1 14 ? 6.407   3.219   4.377   1.00 35.40  ? 13  ALA E O   1 
ATOM   1045 C  CB  . ALA E 1 14 ? 6.754   0.067   5.248   1.00 36.10  ? 13  ALA E CB  1 
ATOM   1046 N  N   . VAL E 1 15 ? 4.525   2.299   5.167   1.00 34.19  ? 14  VAL E N   1 
ATOM   1047 C  CA  . VAL E 1 15 ? 3.631   3.241   4.440   1.00 36.33  ? 14  VAL E CA  1 
ATOM   1048 C  C   . VAL E 1 15 ? 3.832   4.679   4.951   1.00 36.74  ? 14  VAL E C   1 
ATOM   1049 O  O   . VAL E 1 15 ? 3.831   5.593   4.114   1.00 35.44  ? 14  VAL E O   1 
ATOM   1050 C  CB  . VAL E 1 15 ? 2.159   2.812   4.525   1.00 34.55  ? 14  VAL E CB  1 
ATOM   1051 C  CG1 . VAL E 1 15 ? 1.302   3.709   3.651   1.00 35.36  ? 14  VAL E CG1 1 
ATOM   1052 C  CG2 . VAL E 1 15 ? 1.978   1.378   4.061   1.00 32.99  ? 14  VAL E CG2 1 
ATOM   1053 N  N   . LYS E 1 16 ? 3.949   4.854   6.264   1.00 36.64  ? 15  LYS E N   1 
ATOM   1054 C  CA  . LYS E 1 16 ? 4.229   6.166   6.905   1.00 39.55  ? 15  LYS E CA  1 
ATOM   1055 C  C   . LYS E 1 16 ? 5.544   6.741   6.364   1.00 39.12  ? 15  LYS E C   1 
ATOM   1056 O  O   . LYS E 1 16 ? 5.545   7.938   5.987   1.00 38.17  ? 15  LYS E O   1 
ATOM   1057 C  CB  . LYS E 1 16 ? 4.265   6.014   8.422   1.00 43.91  ? 15  LYS E CB  1 
ATOM   1058 C  CG  . LYS E 1 16 ? 4.279   7.347   9.171   1.00 48.70  ? 15  LYS E CG  1 
ATOM   1059 C  CD  . LYS E 1 16 ? 4.421   7.193   10.674  1.00 47.21  ? 15  LYS E CD  1 
ATOM   1060 C  CE  . LYS E 1 16 ? 4.226   8.543   11.341  1.00 53.59  ? 15  LYS E CE  1 
ATOM   1061 N  NZ  . LYS E 1 16 ? 4.241   8.427   12.811  1.00 53.99  ? 15  LYS E NZ  1 
ATOM   1062 N  N   . GLU E 1 17 ? 6.595   5.919   6.234   1.00 40.44  ? 16  GLU E N   1 
ATOM   1063 C  CA  . GLU E 1 17 ? 7.898   6.369   5.658   1.00 42.41  ? 16  GLU E CA  1 
ATOM   1064 C  C   . GLU E 1 17 ? 7.693   6.769   4.195   1.00 35.94  ? 16  GLU E C   1 
ATOM   1065 O  O   . GLU E 1 17 ? 8.266   7.762   3.753   1.00 34.99  ? 16  GLU E O   1 
ATOM   1066 C  CB  . GLU E 1 17 ? 8.968   5.280   5.715   1.00 44.85  ? 16  GLU E CB  1 
ATOM   1067 C  CG  . GLU E 1 17 ? 9.533   5.014   7.089   1.00 57.41  ? 16  GLU E CG  1 
ATOM   1068 C  CD  . GLU E 1 17 ? 10.727  4.060   7.140   1.00 62.86  ? 16  GLU E CD  1 
ATOM   1069 O  OE1 . GLU E 1 17 ? 11.308  3.735   6.060   1.00 52.70  ? 16  GLU E OE1 1 
ATOM   1070 O  OE2 . GLU E 1 17 ? 11.090  3.657   8.266   1.00 67.63  ? 16  GLU E OE2 1 
ATOM   1071 N  N   . TYR E 1 18 ? 6.901   5.998   3.441   1.00 34.41  ? 17  TYR E N   1 
ATOM   1072 C  CA  . TYR E 1 18 ? 6.670   6.274   2.006   1.00 38.24  ? 17  TYR E CA  1 
ATOM   1073 C  C   . TYR E 1 18 ? 6.003   7.646   1.906   1.00 33.48  ? 17  TYR E C   1 
ATOM   1074 O  O   . TYR E 1 18 ? 6.401   8.435   1.024   1.00 33.98  ? 17  TYR E O   1 
ATOM   1075 C  CB  . TYR E 1 18 ? 5.854   5.159   1.348   1.00 38.81  ? 17  TYR E CB  1 
ATOM   1076 C  CG  . TYR E 1 18 ? 5.742   5.270   -0.152  1.00 34.74  ? 17  TYR E CG  1 
ATOM   1077 C  CD1 . TYR E 1 18 ? 6.852   5.565   -0.936  1.00 35.23  ? 17  TYR E CD1 1 
ATOM   1078 C  CD2 . TYR E 1 18 ? 4.544   5.002   -0.790  1.00 33.49  ? 17  TYR E CD2 1 
ATOM   1079 C  CE1 . TYR E 1 18 ? 6.759   5.631   -2.314  1.00 34.25  ? 17  TYR E CE1 1 
ATOM   1080 C  CE2 . TYR E 1 18 ? 4.418   5.099   -2.164  1.00 35.14  ? 17  TYR E CE2 1 
ATOM   1081 C  CZ  . TYR E 1 18 ? 5.535   5.408   -2.930  1.00 35.78  ? 17  TYR E CZ  1 
ATOM   1082 O  OH  . TYR E 1 18 ? 5.438   5.491   -4.282  1.00 36.52  ? 17  TYR E OH  1 
ATOM   1083 N  N   . ALA E 1 19 ? 5.001   7.881   2.751   1.00 34.12  ? 18  ALA E N   1 
ATOM   1084 C  CA  . ALA E 1 19 ? 4.220   9.155   2.805   1.00 38.58  ? 18  ALA E CA  1 
ATOM   1085 C  C   . ALA E 1 19 ? 5.151   10.352  3.037   1.00 38.23  ? 18  ALA E C   1 
ATOM   1086 O  O   . ALA E 1 19 ? 5.127   11.327  2.283   1.00 39.23  ? 18  ALA E O   1 
ATOM   1087 C  CB  . ALA E 1 19 ? 3.179   9.080   3.887   1.00 40.53  ? 18  ALA E CB  1 
HETATM 1088 C  CD1 . 4BF E 1 20 ? 10.369  11.121  5.378   1.00 59.83  ? 19  4BF E CD1 1 
HETATM 1089 C  CE1 . 4BF E 1 20 ? 11.539  11.836  5.610   1.00 63.50  ? 19  4BF E CE1 1 
HETATM 1090 C  CZ  . 4BF E 1 20 ? 11.460  13.070  6.222   1.00 63.92  ? 19  4BF E CZ  1 
HETATM 1091 BR BR  . 4BF E 1 20 ? 13.065  14.034  6.593   1.00 84.34  ? 19  4BF E BR  1 
HETATM 1092 C  CE2 . 4BF E 1 20 ? 10.243  13.603  6.583   1.00 56.04  ? 19  4BF E CE2 1 
HETATM 1093 C  CD2 . 4BF E 1 20 ? 9.083   12.877  6.327   1.00 60.42  ? 19  4BF E CD2 1 
HETATM 1094 C  CG  . 4BF E 1 20 ? 9.122   11.626  5.722   1.00 49.70  ? 19  4BF E CG  1 
HETATM 1095 C  CB  . 4BF E 1 20 ? 7.860   10.830  5.460   1.00 42.89  ? 19  4BF E CB  1 
HETATM 1096 C  CA  . 4BF E 1 20 ? 7.126   11.205  4.169   1.00 41.48  ? 19  4BF E CA  1 
HETATM 1097 N  N   . 4BF E 1 20 ? 6.068   10.205  3.874   1.00 41.08  ? 19  4BF E N   1 
HETATM 1098 C  C   . 4BF E 1 20 ? 8.057   11.335  2.962   1.00 44.10  ? 19  4BF E C   1 
HETATM 1099 O  O   . 4BF E 1 20 ? 8.229   12.516  2.578   1.00 37.56  ? 19  4BF E O   1 
ATOM   1100 N  N   . ALA E 1 21 ? 8.603   10.371  2.257   1.00 37.87  ? 20  ALA E N   1 
ATOM   1101 C  CA  . ALA E 1 21 ? 9.460   10.414  1.078   1.00 33.96  ? 20  ALA E CA  1 
ATOM   1102 C  C   . ALA E 1 21 ? 8.680   10.996  -0.110  1.00 38.07  ? 20  ALA E C   1 
ATOM   1103 O  O   . ALA E 1 21 ? 9.251   11.810  -0.819  1.00 38.58  ? 20  ALA E O   1 
ATOM   1104 C  CB  . ALA E 1 21 ? 10.009  9.048   0.784   1.00 37.67  ? 20  ALA E CB  1 
ATOM   1105 N  N   . VAL E 1 22 ? 7.414   10.626  -0.334  1.00 35.71  ? 21  VAL E N   1 
ATOM   1106 C  CA  . VAL E 1 22 ? 6.656   11.233  -1.472  1.00 38.51  ? 21  VAL E CA  1 
ATOM   1107 C  C   . VAL E 1 22 ? 6.466   12.737  -1.215  1.00 41.16  ? 21  VAL E C   1 
ATOM   1108 O  O   . VAL E 1 22 ? 6.550   13.511  -2.167  1.00 40.62  ? 21  VAL E O   1 
ATOM   1109 C  CB  . VAL E 1 22 ? 5.319   10.521  -1.746  1.00 37.16  ? 21  VAL E CB  1 
ATOM   1110 C  CG1 . VAL E 1 22 ? 4.562   11.179  -2.889  1.00 38.80  ? 21  VAL E CG1 1 
ATOM   1111 C  CG2 . VAL E 1 22 ? 5.571   9.062   -2.123  1.00 39.92  ? 21  VAL E CG2 1 
ATOM   1112 N  N   . LYS E 1 23 ? 6.184   13.128  0.013   1.00 37.26  ? 22  LYS E N   1 
ATOM   1113 C  CA  . LYS E 1 23 ? 6.019   14.564  0.395   1.00 42.79  ? 22  LYS E CA  1 
ATOM   1114 C  C   . LYS E 1 23 ? 7.340   15.317  0.130   1.00 47.55  ? 22  LYS E C   1 
ATOM   1115 O  O   . LYS E 1 23 ? 7.288   16.404  -0.522  1.00 50.22  ? 22  LYS E O   1 
ATOM   1116 C  CB  . LYS E 1 23 ? 5.541   14.659  1.847   1.00 45.59  ? 22  LYS E CB  1 
ATOM   1117 C  CG  . LYS E 1 23 ? 5.583   16.061  2.445   1.00 56.13  ? 22  LYS E CG  1 
ATOM   1118 C  CD  . LYS E 1 23 ? 4.607   16.245  3.582   1.00 60.30  ? 22  LYS E CD  1 
ATOM   1119 C  CE  . LYS E 1 23 ? 4.763   17.595  4.252   1.00 66.95  ? 22  LYS E CE  1 
ATOM   1120 N  NZ  . LYS E 1 23 ? 3.737   17.797  5.297   1.00 65.94  ? 22  LYS E NZ  1 
ATOM   1121 N  N   . GLU E 1 24 ? 8.479   14.755  0.543   1.00 42.54  ? 23  GLU E N   1 
ATOM   1122 C  CA  . GLU E 1 24 ? 9.822   15.331  0.249   1.00 47.40  ? 23  GLU E CA  1 
ATOM   1123 C  C   . GLU E 1 24 ? 9.977   15.430  -1.274  1.00 45.09  ? 23  GLU E C   1 
ATOM   1124 O  O   . GLU E 1 24 ? 10.478  16.458  -1.758  1.00 46.38  ? 23  GLU E O   1 
ATOM   1125 C  CB  . GLU E 1 24 ? 10.939  14.503  0.890   1.00 50.43  ? 23  GLU E CB  1 
ATOM   1126 C  CG  . GLU E 1 24 ? 10.840  14.427  2.400   1.00 55.30  ? 23  GLU E CG  1 
ATOM   1127 C  CD  . GLU E 1 24 ? 11.003  15.775  3.100   1.00 65.26  ? 23  GLU E CD  1 
ATOM   1128 O  OE1 . GLU E 1 24 ? 12.036  16.435  2.853   1.00 56.60  ? 23  GLU E OE1 1 
ATOM   1129 O  OE2 . GLU E 1 24 ? 10.097  16.171  3.875   1.00 71.84  ? 23  GLU E OE2 1 
ATOM   1130 N  N   . PHE E 1 25 ? 9.499   14.444  -2.032  1.00 39.05  ? 24  PHE E N   1 
ATOM   1131 C  CA  . PHE E 1 25 ? 9.608   14.458  -3.511  1.00 44.71  ? 24  PHE E CA  1 
ATOM   1132 C  C   . PHE E 1 25 ? 8.732   15.602  -4.071  1.00 43.22  ? 24  PHE E C   1 
ATOM   1133 O  O   . PHE E 1 25 ? 9.195   16.280  -5.016  1.00 49.49  ? 24  PHE E O   1 
ATOM   1134 C  CB  . PHE E 1 25 ? 9.336   13.080  -4.117  1.00 41.89  ? 24  PHE E CB  1 
ATOM   1135 C  CG  . PHE E 1 25 ? 9.478   13.007  -5.618  1.00 44.64  ? 24  PHE E CG  1 
ATOM   1136 C  CD1 . PHE E 1 25 ? 10.679  13.331  -6.241  1.00 44.92  ? 24  PHE E CD1 1 
ATOM   1137 C  CD2 . PHE E 1 25 ? 8.425   12.571  -6.411  1.00 42.47  ? 24  PHE E CD2 1 
ATOM   1138 C  CE1 . PHE E 1 25 ? 10.809  13.272  -7.624  1.00 43.82  ? 24  PHE E CE1 1 
ATOM   1139 C  CE2 . PHE E 1 25 ? 8.559   12.513  -7.790  1.00 42.95  ? 24  PHE E CE2 1 
ATOM   1140 C  CZ  . PHE E 1 25 ? 9.743   12.866  -8.395  1.00 43.73  ? 24  PHE E CZ  1 
ATOM   1141 N  N   . ALA E 1 26 ? 7.528   15.809  -3.536  1.00 44.53  ? 25  ALA E N   1 
ATOM   1142 C  CA  . ALA E 1 26 ? 6.601   16.877  -3.983  1.00 49.50  ? 25  ALA E CA  1 
ATOM   1143 C  C   . ALA E 1 26 ? 7.310   18.234  -3.857  1.00 51.69  ? 25  ALA E C   1 
ATOM   1144 O  O   . ALA E 1 26 ? 7.343   18.979  -4.865  1.00 56.90  ? 25  ALA E O   1 
ATOM   1145 C  CB  . ALA E 1 26 ? 5.332   16.828  -3.189  1.00 47.72  ? 25  ALA E CB  1 
ATOM   1146 N  N   . GLN E 1 27 ? 7.923   18.486  -2.699  1.00 51.55  ? 26  GLN E N   1 
ATOM   1147 C  CA  . GLN E 1 27 ? 8.761   19.695  -2.420  1.00 57.42  ? 26  GLN E CA  1 
ATOM   1148 C  C   . GLN E 1 27 ? 9.886   19.813  -3.458  1.00 56.37  ? 26  GLN E C   1 
ATOM   1149 O  O   . GLN E 1 27 ? 10.053  20.896  -4.022  1.00 66.55  ? 26  GLN E O   1 
ATOM   1150 C  CB  . GLN E 1 27 ? 9.237   19.659  -0.962  1.00 59.21  ? 26  GLN E CB  1 
ATOM   1151 C  CG  . GLN E 1 27 ? 8.072   19.791  0.016   1.00 68.20  ? 26  GLN E CG  1 
ATOM   1152 C  CD  . GLN E 1 27 ? 8.397   19.548  1.471   1.00 76.56  ? 26  GLN E CD  1 
ATOM   1153 O  OE1 . GLN E 1 27 ? 9.551   19.580  1.893   1.00 87.60  ? 26  GLN E OE1 1 
ATOM   1154 N  NE2 . GLN E 1 27 ? 7.359   19.325  2.264   1.00 77.61  ? 26  GLN E NE2 1 
ATOM   1155 N  N   . ALA E 1 28 ? 10.582  18.724  -3.780  1.00 58.04  ? 27  ALA E N   1 
ATOM   1156 C  CA  . ALA E 1 28 ? 11.679  18.690  -4.776  1.00 55.78  ? 27  ALA E CA  1 
ATOM   1157 C  C   . ALA E 1 28 ? 11.169  19.065  -6.176  1.00 62.27  ? 27  ALA E C   1 
ATOM   1158 O  O   . ALA E 1 28 ? 11.796  19.915  -6.824  1.00 61.11  ? 27  ALA E O   1 
ATOM   1159 C  CB  . ALA E 1 28 ? 12.342  17.337  -4.773  1.00 55.46  ? 27  ALA E CB  1 
ATOM   1160 N  N   . VAL E 1 29 ? 10.083  18.446  -6.645  1.00 60.81  ? 28  VAL E N   1 
ATOM   1161 C  CA  . VAL E 1 29 ? 9.489   18.715  -7.989  1.00 62.48  ? 28  VAL E CA  1 
ATOM   1162 C  C   . VAL E 1 29 ? 9.037   20.184  -8.048  1.00 67.92  ? 28  VAL E C   1 
ATOM   1163 O  O   . VAL E 1 29 ? 9.093   20.768  -9.154  1.00 71.35  ? 28  VAL E O   1 
ATOM   1164 C  CB  . VAL E 1 29 ? 8.326   17.746  -8.311  1.00 61.34  ? 28  VAL E CB  1 
ATOM   1165 C  CG1 . VAL E 1 29 ? 7.572   18.149  -9.572  1.00 62.71  ? 28  VAL E CG1 1 
ATOM   1166 C  CG2 . VAL E 1 29 ? 8.803   16.304  -8.438  1.00 58.60  ? 28  VAL E CG2 1 
ATOM   1167 N  N   . LYS E 1 30 ? 8.587   20.753  -6.922  1.00 70.17  ? 29  LYS E N   1 
ATOM   1168 C  CA  . LYS E 1 30 ? 7.986   22.116  -6.866  1.00 76.29  ? 29  LYS E CA  1 
ATOM   1169 C  C   . LYS E 1 30 ? 9.100   23.168  -6.918  1.00 77.16  ? 29  LYS E C   1 
ATOM   1170 O  O   . LYS E 1 30 ? 9.142   23.909  -7.906  1.00 87.75  ? 29  LYS E O   1 
ATOM   1171 C  CB  . LYS E 1 30 ? 7.110   22.269  -5.621  1.00 74.10  ? 29  LYS E CB  1 
ATOM   1172 C  CG  . LYS E 1 30 ? 6.249   23.523  -5.572  1.00 81.94  ? 29  LYS E CG  1 
ATOM   1173 C  CD  . LYS E 1 30 ? 5.354   23.582  -4.345  1.00 82.67  ? 29  LYS E CD  1 
ATOM   1174 C  CE  . LYS E 1 30 ? 4.628   24.899  -4.182  1.00 87.10  ? 29  LYS E CE  1 
ATOM   1175 N  NZ  . LYS E 1 30 ? 3.751   24.892  -2.986  1.00 87.28  ? 29  LYS E NZ  1 
ATOM   1176 N  N   . GLY E 1 31 ? 9.963   23.213  -5.896  1.00 86.60  ? 30  GLY E N   1 
ATOM   1177 C  CA  . GLY E 1 31 ? 11.022  24.229  -5.710  1.00 84.90  ? 30  GLY E CA  1 
ATOM   1178 C  C   . GLY E 1 31 ? 12.310  23.842  -6.416  1.00 78.80  ? 30  GLY E C   1 
ATOM   1179 O  O   . GLY E 1 31 ? 12.232  23.387  -7.551  1.00 72.68  ? 30  GLY E O   1 
HETATM 1180 C  C   . ACE F 1 1  ? -3.203  -21.927 10.832  1.00 69.52  ? 0   ACE F C   1 
HETATM 1181 O  O   . ACE F 1 1  ? -2.584  -20.957 10.484  1.00 54.45  ? 0   ACE F O   1 
HETATM 1182 C  CH3 . ACE F 1 1  ? -4.190  -21.831 11.975  1.00 68.16  ? 0   ACE F CH3 1 
ATOM   1183 N  N   . GLY F 1 2  ? -3.135  -23.124 10.224  1.00 61.76  ? 1   GLY F N   1 
ATOM   1184 C  CA  . GLY F 1 2  ? -2.009  -23.481 9.291   1.00 55.62  ? 1   GLY F CA  1 
ATOM   1185 C  C   . GLY F 1 2  ? -2.067  -22.725 7.971   1.00 63.37  ? 1   GLY F C   1 
ATOM   1186 O  O   . GLY F 1 2  ? -1.005  -22.209 7.546   1.00 62.76  ? 1   GLY F O   1 
ATOM   1187 N  N   . GLU F 1 3  ? -3.232  -22.669 7.316   1.00 59.72  ? 2   GLU F N   1 
ATOM   1188 C  CA  . GLU F 1 3  ? -3.385  -21.987 5.997   1.00 54.55  ? 2   GLU F CA  1 
ATOM   1189 C  C   . GLU F 1 3  ? -3.264  -20.470 6.181   1.00 56.93  ? 2   GLU F C   1 
ATOM   1190 O  O   . GLU F 1 3  ? -2.707  -19.765 5.274   1.00 50.68  ? 2   GLU F O   1 
ATOM   1191 C  CB  . GLU F 1 3  ? -4.717  -22.373 5.374   1.00 61.07  ? 2   GLU F CB  1 
ATOM   1192 C  CG  . GLU F 1 3  ? -4.779  -23.845 4.995   1.00 67.30  ? 2   GLU F CG  1 
ATOM   1193 C  CD  . GLU F 1 3  ? -6.126  -24.293 4.447   1.00 74.42  ? 2   GLU F CD  1 
ATOM   1194 O  OE1 . GLU F 1 3  ? -6.982  -23.417 4.171   1.00 79.40  ? 2   GLU F OE1 1 
ATOM   1195 O  OE2 . GLU F 1 3  ? -6.320  -25.515 4.294   1.00 80.32  ? 2   GLU F OE2 1 
ATOM   1196 N  N   . PHE F 1 4  ? -3.711  -19.972 7.334   1.00 51.89  ? 3   PHE F N   1 
ATOM   1197 C  CA  . PHE F 1 4  ? -3.596  -18.529 7.650   1.00 51.35  ? 3   PHE F CA  1 
ATOM   1198 C  C   . PHE F 1 4  ? -2.125  -18.197 7.932   1.00 53.98  ? 3   PHE F C   1 
ATOM   1199 O  O   . PHE F 1 4  ? -1.647  -17.163 7.442   1.00 50.00  ? 3   PHE F O   1 
ATOM   1200 C  CB  . PHE F 1 4  ? -4.569  -18.136 8.762   1.00 55.40  ? 3   PHE F CB  1 
ATOM   1201 C  CG  . PHE F 1 4  ? -4.656  -16.646 8.964   1.00 57.85  ? 3   PHE F CG  1 
ATOM   1202 C  CD1 . PHE F 1 4  ? -5.147  -15.826 7.951   1.00 62.61  ? 3   PHE F CD1 1 
ATOM   1203 C  CD2 . PHE F 1 4  ? -4.191  -16.056 10.127  1.00 56.81  ? 3   PHE F CD2 1 
ATOM   1204 C  CE1 . PHE F 1 4  ? -5.191  -14.448 8.113   1.00 54.18  ? 3   PHE F CE1 1 
ATOM   1205 C  CE2 . PHE F 1 4  ? -4.261  -14.681 10.295  1.00 57.94  ? 3   PHE F CE2 1 
ATOM   1206 C  CZ  . PHE F 1 4  ? -4.762  -13.884 9.288   1.00 51.36  ? 3   PHE F CZ  1 
ATOM   1207 N  N   . ALA F 1 5  ? -1.420  -19.046 8.688   1.00 52.52  ? 4   ALA F N   1 
ATOM   1208 C  CA  . ALA F 1 5  ? 0.025   -18.901 9.015   1.00 57.80  ? 4   ALA F CA  1 
ATOM   1209 C  C   . ALA F 1 5  ? 0.847   -18.797 7.723   1.00 54.81  ? 4   ALA F C   1 
ATOM   1210 O  O   . ALA F 1 5  ? 1.839   -18.042 7.710   1.00 52.45  ? 4   ALA F O   1 
ATOM   1211 C  CB  . ALA F 1 5  ? 0.519   -20.048 9.878   1.00 63.96  ? 4   ALA F CB  1 
ATOM   1212 N  N   A GLN F 1 6  ? 0.458   -19.507 6.659   0.50 49.70  ? 5   GLN F N   1 
ATOM   1213 N  N   B GLN F 1 6  ? 0.440   -19.521 6.680   0.50 50.22  ? 5   GLN F N   1 
ATOM   1214 C  CA  A GLN F 1 6  ? 1.133   -19.390 5.335   0.50 51.00  ? 5   GLN F CA  1 
ATOM   1215 C  CA  B GLN F 1 6  ? 1.060   -19.430 5.334   0.50 52.04  ? 5   GLN F CA  1 
ATOM   1216 C  C   A GLN F 1 6  ? 0.824   -18.016 4.720   0.50 50.26  ? 5   GLN F C   1 
ATOM   1217 C  C   B GLN F 1 6  ? 0.820   -18.023 4.765   0.50 50.85  ? 5   GLN F C   1 
ATOM   1218 O  O   A GLN F 1 6  ? 1.759   -17.404 4.197   0.50 50.37  ? 5   GLN F O   1 
ATOM   1219 O  O   B GLN F 1 6  ? 1.796   -17.393 4.346   0.50 50.82  ? 5   GLN F O   1 
ATOM   1220 C  CB  A GLN F 1 6  ? 0.739   -20.507 4.366   0.50 54.97  ? 5   GLN F CB  1 
ATOM   1221 C  CB  B GLN F 1 6  ? 0.500   -20.496 4.395   0.50 56.74  ? 5   GLN F CB  1 
ATOM   1222 C  CG  A GLN F 1 6  ? 1.449   -20.418 3.017   0.50 54.06  ? 5   GLN F CG  1 
ATOM   1223 C  CG  B GLN F 1 6  ? 1.537   -21.005 3.405   0.50 57.81  ? 5   GLN F CG  1 
ATOM   1224 C  CD  A GLN F 1 6  ? 2.952   -20.565 3.111   0.50 57.62  ? 5   GLN F CD  1 
ATOM   1225 C  CD  B GLN F 1 6  ? 1.022   -20.967 1.990   0.50 57.61  ? 5   GLN F CD  1 
ATOM   1226 O  OE1 A GLN F 1 6  ? 3.486   -21.222 4.005   0.50 55.63  ? 5   GLN F OE1 1 
ATOM   1227 O  OE1 B GLN F 1 6  ? -0.145  -21.245 1.731   0.50 57.72  ? 5   GLN F OE1 1 
ATOM   1228 N  NE2 A GLN F 1 6  ? 3.655   -19.944 2.177   0.50 54.77  ? 5   GLN F NE2 1 
ATOM   1229 N  NE2 B GLN F 1 6  ? 1.900   -20.618 1.065   0.50 54.25  ? 5   GLN F NE2 1 
ATOM   1230 N  N   . ALA F 1 7  ? -0.431  -17.559 4.752   1.00 46.91  ? 6   ALA F N   1 
ATOM   1231 C  CA  . ALA F 1 7  ? -0.815  -16.229 4.207   1.00 51.22  ? 6   ALA F CA  1 
ATOM   1232 C  C   . ALA F 1 7  ? -0.048  -15.128 4.952   1.00 45.80  ? 6   ALA F C   1 
ATOM   1233 O  O   . ALA F 1 7  ? 0.418   -14.175 4.322   1.00 46.20  ? 6   ALA F O   1 
ATOM   1234 C  CB  . ALA F 1 7  ? -2.299  -16.023 4.310   1.00 49.15  ? 6   ALA F CB  1 
ATOM   1235 N  N   . VAL F 1 8  ? 0.056   -15.255 6.266   1.00 42.01  ? 7   VAL F N   1 
ATOM   1236 C  CA  . VAL F 1 8  ? 0.758   -14.264 7.126   1.00 47.92  ? 7   VAL F CA  1 
ATOM   1237 C  C   . VAL F 1 8  ? 2.245   -14.282 6.788   1.00 49.19  ? 7   VAL F C   1 
ATOM   1238 O  O   . VAL F 1 8  ? 2.843   -13.230 6.822   1.00 42.59  ? 7   VAL F O   1 
ATOM   1239 C  CB  . VAL F 1 8  ? 0.511   -14.534 8.618   1.00 46.37  ? 7   VAL F CB  1 
ATOM   1240 C  CG1 . VAL F 1 8  ? 1.399   -13.677 9.488   1.00 47.59  ? 7   VAL F CG1 1 
ATOM   1241 C  CG2 . VAL F 1 8  ? -0.952  -14.346 8.983   1.00 52.34  ? 7   VAL F CG2 1 
ATOM   1242 N  N   . LYS F 1 9  ? 2.822   -15.453 6.493   1.00 47.34  ? 8   LYS F N   1 
ATOM   1243 C  CA  . LYS F 1 9  ? 4.262   -15.573 6.131   1.00 49.89  ? 8   LYS F CA  1 
ATOM   1244 C  C   . LYS F 1 9  ? 4.504   -14.809 4.820   1.00 42.15  ? 8   LYS F C   1 
ATOM   1245 O  O   . LYS F 1 9  ? 5.529   -14.072 4.701   1.00 41.18  ? 8   LYS F O   1 
ATOM   1246 C  CB  . LYS F 1 9  ? 4.656   -17.053 6.027   1.00 58.27  ? 8   LYS F CB  1 
ATOM   1247 C  CG  . LYS F 1 9  ? 5.952   -17.350 5.279   1.00 67.38  ? 8   LYS F CG  1 
ATOM   1248 C  CD  . LYS F 1 9  ? 5.953   -18.685 4.531   1.00 75.97  ? 8   LYS F CD  1 
ATOM   1249 C  CE  . LYS F 1 9  ? 6.295   -18.517 3.060   1.00 88.42  ? 8   LYS F CE  1 
ATOM   1250 N  NZ  . LYS F 1 9  ? 6.380   -19.810 2.336   1.00 90.29  ? 8   LYS F NZ  1 
ATOM   1251 N  N   . GLU F 1 10 ? 3.635   -15.020 3.839   1.00 40.18  ? 9   GLU F N   1 
ATOM   1252 C  CA  . GLU F 1 10 ? 3.743   -14.355 2.513   1.00 45.18  ? 9   GLU F CA  1 
ATOM   1253 C  C   . GLU F 1 10 ? 3.550   -12.843 2.681   1.00 41.85  ? 9   GLU F C   1 
ATOM   1254 O  O   . GLU F 1 10 ? 4.310   -12.080 2.052   1.00 44.22  ? 9   GLU F O   1 
ATOM   1255 C  CB  . GLU F 1 10 ? 2.710   -14.912 1.540   1.00 49.48  ? 9   GLU F CB  1 
ATOM   1256 C  CG  . GLU F 1 10 ? 3.003   -16.352 1.158   1.00 60.25  ? 9   GLU F CG  1 
ATOM   1257 C  CD  . GLU F 1 10 ? 2.014   -16.953 0.172   1.00 72.45  ? 9   GLU F CD  1 
ATOM   1258 O  OE1 . GLU F 1 10 ? 1.133   -16.198 -0.329  1.00 71.06  ? 9   GLU F OE1 1 
ATOM   1259 O  OE2 . GLU F 1 10 ? 2.133   -18.179 -0.100  1.00 79.87  ? 9   GLU F OE2 1 
ATOM   1260 N  N   . TYR F 1 11 ? 2.583   -12.432 3.501   1.00 41.62  ? 10  TYR F N   1 
ATOM   1261 C  CA  . TYR F 1 11 ? 2.325   -10.996 3.806   1.00 37.99  ? 10  TYR F CA  1 
ATOM   1262 C  C   . TYR F 1 11 ? 3.542   -10.397 4.513   1.00 39.43  ? 10  TYR F C   1 
ATOM   1263 O  O   . TYR F 1 11 ? 4.035   -9.336  4.084   1.00 35.39  ? 10  TYR F O   1 
ATOM   1264 C  CB  . TYR F 1 11 ? 1.005   -10.833 4.557   1.00 41.35  ? 10  TYR F CB  1 
ATOM   1265 C  CG  . TYR F 1 11 ? 0.725   -9.424  5.045   1.00 39.56  ? 10  TYR F CG  1 
ATOM   1266 C  CD1 . TYR F 1 11 ? 0.285   -8.426  4.182   1.00 42.56  ? 10  TYR F CD1 1 
ATOM   1267 C  CD2 . TYR F 1 11 ? 0.984   -9.062  6.355   1.00 37.16  ? 10  TYR F CD2 1 
ATOM   1268 C  CE1 . TYR F 1 11 ? 0.028   -7.134  4.645   1.00 38.01  ? 10  TYR F CE1 1 
ATOM   1269 C  CE2 . TYR F 1 11 ? 0.753   -7.774  6.825   1.00 38.23  ? 10  TYR F CE2 1 
ATOM   1270 C  CZ  . TYR F 1 11 ? 0.275   -6.802  5.964   1.00 39.78  ? 10  TYR F CZ  1 
ATOM   1271 O  OH  . TYR F 1 11 ? 0.027   -5.537  6.445   1.00 39.24  ? 10  TYR F OH  1 
ATOM   1272 N  N   . ALA F 1 12 ? 4.022   -11.026 5.589   1.00 38.09  ? 11  ALA F N   1 
ATOM   1273 C  CA  . ALA F 1 12 ? 5.227   -10.570 6.319   1.00 41.12  ? 11  ALA F CA  1 
ATOM   1274 C  C   . ALA F 1 12 ? 6.379   -10.347 5.328   1.00 41.26  ? 11  ALA F C   1 
ATOM   1275 O  O   . ALA F 1 12 ? 7.102   -9.363  5.474   1.00 37.98  ? 11  ALA F O   1 
ATOM   1276 C  CB  . ALA F 1 12 ? 5.607   -11.562 7.391   1.00 42.50  ? 11  ALA F CB  1 
ATOM   1277 N  N   . LYS F 1 13 ? 6.618   -11.278 4.400   1.00 41.90  ? 12  LYS F N   1 
ATOM   1278 C  CA  . LYS F 1 13 ? 7.762   -11.180 3.462   1.00 45.27  ? 12  LYS F CA  1 
ATOM   1279 C  C   . LYS F 1 13 ? 7.525   -10.029 2.473   1.00 35.77  ? 12  LYS F C   1 
ATOM   1280 O  O   . LYS F 1 13 ? 8.476   -9.321  2.178   1.00 36.98  ? 12  LYS F O   1 
ATOM   1281 C  CB  . LYS F 1 13 ? 7.991   -12.520 2.758   1.00 49.48  ? 12  LYS F CB  1 
ATOM   1282 C  CG  . LYS F 1 13 ? 8.716   -13.536 3.633   1.00 58.61  ? 12  LYS F CG  1 
ATOM   1283 C  CD  . LYS F 1 13 ? 8.914   -14.888 2.983   1.00 70.24  ? 12  LYS F CD  1 
ATOM   1284 C  CE  . LYS F 1 13 ? 9.574   -15.882 3.919   1.00 81.59  ? 12  LYS F CE  1 
ATOM   1285 N  NZ  . LYS F 1 13 ? 10.105  -17.060 3.188   1.00 87.07  ? 12  LYS F NZ  1 
ATOM   1286 N  N   . ALA F 1 14 ? 6.311   -9.891  1.957   1.00 35.21  ? 13  ALA F N   1 
ATOM   1287 C  CA  . ALA F 1 14 ? 5.923   -8.800  1.029   1.00 36.69  ? 13  ALA F CA  1 
ATOM   1288 C  C   . ALA F 1 14 ? 6.127   -7.444  1.712   1.00 35.88  ? 13  ALA F C   1 
ATOM   1289 O  O   . ALA F 1 14 ? 6.740   -6.556  1.095   1.00 34.22  ? 13  ALA F O   1 
ATOM   1290 C  CB  . ALA F 1 14 ? 4.501   -8.963  0.585   1.00 36.40  ? 13  ALA F CB  1 
ATOM   1291 N  N   . VAL F 1 15 ? 5.654   -7.314  2.957   1.00 34.30  ? 14  VAL F N   1 
ATOM   1292 C  CA  . VAL F 1 15 ? 5.811   -6.071  3.767   1.00 34.95  ? 14  VAL F CA  1 
ATOM   1293 C  C   . VAL F 1 15 ? 7.298   -5.706  3.864   1.00 39.04  ? 14  VAL F C   1 
ATOM   1294 O  O   . VAL F 1 15 ? 7.630   -4.524  3.738   1.00 34.64  ? 14  VAL F O   1 
ATOM   1295 C  CB  . VAL F 1 15 ? 5.179   -6.232  5.153   1.00 36.28  ? 14  VAL F CB  1 
ATOM   1296 C  CG1 . VAL F 1 15 ? 5.614   -5.145  6.124   1.00 40.01  ? 14  VAL F CG1 1 
ATOM   1297 C  CG2 . VAL F 1 15 ? 3.675   -6.290  5.020   1.00 38.41  ? 14  VAL F CG2 1 
ATOM   1298 N  N   . LYS F 1 16 ? 8.152   -6.679  4.170   1.00 40.88  ? 15  LYS F N   1 
ATOM   1299 C  CA  . LYS F 1 16 ? 9.621   -6.469  4.287   1.00 41.56  ? 15  LYS F CA  1 
ATOM   1300 C  C   . LYS F 1 16 ? 10.191  -5.941  2.962   1.00 36.95  ? 15  LYS F C   1 
ATOM   1301 O  O   . LYS F 1 16 ? 11.003  -5.013  3.012   1.00 41.24  ? 15  LYS F O   1 
ATOM   1302 C  CB  . LYS F 1 16 ? 10.353  -7.757  4.676   1.00 47.56  ? 15  LYS F CB  1 
ATOM   1303 C  CG  . LYS F 1 16 ? 10.857  -7.811  6.111   1.00 64.48  ? 15  LYS F CG  1 
ATOM   1304 C  CD  . LYS F 1 16 ? 12.269  -8.379  6.248   1.00 72.64  ? 15  LYS F CD  1 
ATOM   1305 C  CE  . LYS F 1 16 ? 12.909  -8.045  7.582   1.00 80.54  ? 15  LYS F CE  1 
ATOM   1306 N  NZ  . LYS F 1 16 ? 11.929  -8.142  8.696   1.00 82.60  ? 15  LYS F NZ  1 
ATOM   1307 N  N   . GLU F 1 17 ? 9.865   -6.564  1.847   1.00 37.56  ? 16  GLU F N   1 
ATOM   1308 C  CA  . GLU F 1 17 ? 10.336  -6.094  0.509   1.00 41.96  ? 16  GLU F CA  1 
ATOM   1309 C  C   . GLU F 1 17 ? 9.850   -4.659  0.271   1.00 37.60  ? 16  GLU F C   1 
ATOM   1310 O  O   . GLU F 1 17 ? 10.644  -3.843  -0.206  1.00 37.09  ? 16  GLU F O   1 
ATOM   1311 C  CB  . GLU F 1 17 ? 9.785   -6.945  -0.625  1.00 43.93  ? 16  GLU F CB  1 
ATOM   1312 C  CG  . GLU F 1 17 ? 9.997   -8.425  -0.428  1.00 55.61  ? 16  GLU F CG  1 
ATOM   1313 C  CD  . GLU F 1 17 ? 11.005  -9.021  -1.384  1.00 68.12  ? 16  GLU F CD  1 
ATOM   1314 O  OE1 . GLU F 1 17 ? 11.942  -8.291  -1.768  1.00 70.83  ? 16  GLU F OE1 1 
ATOM   1315 O  OE2 . GLU F 1 17 ? 10.847  -10.212 -1.735  1.00 78.60  ? 16  GLU F OE2 1 
ATOM   1316 N  N   . TYR F 1 18 ? 8.595   -4.370  0.618   1.00 38.03  ? 17  TYR F N   1 
ATOM   1317 C  CA  . TYR F 1 18 ? 8.011   -3.010  0.459   1.00 38.35  ? 17  TYR F CA  1 
ATOM   1318 C  C   . TYR F 1 18 ? 8.769   -2.019  1.355   1.00 37.14  ? 17  TYR F C   1 
ATOM   1319 O  O   . TYR F 1 18 ? 9.108   -0.894  0.909   1.00 36.92  ? 17  TYR F O   1 
ATOM   1320 C  CB  . TYR F 1 18 ? 6.493   -3.056  0.632   1.00 38.72  ? 17  TYR F CB  1 
ATOM   1321 C  CG  . TYR F 1 18 ? 5.860   -1.681  0.655   1.00 37.70  ? 17  TYR F CG  1 
ATOM   1322 C  CD1 . TYR F 1 18 ? 5.451   -1.014  -0.489  1.00 42.08  ? 17  TYR F CD1 1 
ATOM   1323 C  CD2 . TYR F 1 18 ? 5.665   -1.051  1.864   1.00 38.00  ? 17  TYR F CD2 1 
ATOM   1324 C  CE1 . TYR F 1 18 ? 4.896   0.267   -0.421  1.00 40.30  ? 17  TYR F CE1 1 
ATOM   1325 C  CE2 . TYR F 1 18 ? 5.127   0.228   1.949   1.00 41.68  ? 17  TYR F CE2 1 
ATOM   1326 C  CZ  . TYR F 1 18 ? 4.719   0.882   0.806   1.00 41.41  ? 17  TYR F CZ  1 
ATOM   1327 O  OH  . TYR F 1 18 ? 4.216   2.147   0.974   1.00 40.48  ? 17  TYR F OH  1 
ATOM   1328 N  N   . ALA F 1 19 ? 9.094   -2.420  2.579   1.00 35.28  ? 18  ALA F N   1 
ATOM   1329 C  CA  . ALA F 1 19 ? 9.851   -1.572  3.525   1.00 36.12  ? 18  ALA F CA  1 
ATOM   1330 C  C   . ALA F 1 19 ? 11.208  -1.214  2.914   1.00 35.90  ? 18  ALA F C   1 
ATOM   1331 O  O   . ALA F 1 19 ? 11.601  -0.015  2.986   1.00 34.87  ? 18  ALA F O   1 
ATOM   1332 C  CB  . ALA F 1 19 ? 9.976   -2.245  4.869   1.00 39.20  ? 18  ALA F CB  1 
HETATM 1333 C  CD1 . 4BF F 1 20 ? 14.276  -4.977  3.037   1.00 48.64  ? 19  4BF F CD1 1 
HETATM 1334 C  CE1 . 4BF F 1 20 ? 14.832  -5.597  4.142   1.00 50.58  ? 19  4BF F CE1 1 
HETATM 1335 C  CZ  . 4BF F 1 20 ? 15.836  -4.943  4.822   1.00 52.74  ? 19  4BF F CZ  1 
HETATM 1336 BR BR  . 4BF F 1 20 ? 16.644  -5.783  6.331   1.00 93.63  ? 19  4BF F BR  1 
HETATM 1337 C  CE2 . 4BF F 1 20 ? 16.268  -3.692  4.447   1.00 47.15  ? 19  4BF F CE2 1 
HETATM 1338 C  CD2 . 4BF F 1 20 ? 15.712  -3.093  3.333   1.00 43.56  ? 19  4BF F CD2 1 
HETATM 1339 C  CG  . 4BF F 1 20 ? 14.713  -3.730  2.611   1.00 43.48  ? 19  4BF F CG  1 
HETATM 1340 C  CB  . 4BF F 1 20 ? 14.084  -3.062  1.419   1.00 41.44  ? 19  4BF F CB  1 
HETATM 1341 C  CA  . 4BF F 1 20 ? 13.315  -1.780  1.739   1.00 37.15  ? 19  4BF F CA  1 
HETATM 1342 N  N   . 4BF F 1 20 ? 12.002  -2.093  2.377   1.00 42.20  ? 19  4BF F N   1 
HETATM 1343 C  C   . 4BF F 1 20 ? 13.112  -0.989  0.444   1.00 39.42  ? 19  4BF F C   1 
HETATM 1344 O  O   . 4BF F 1 20 ? 13.970  -0.109  0.235   1.00 36.93  ? 19  4BF F O   1 
ATOM   1345 N  N   . ALA F 1 21 ? 12.114  -1.222  -0.359  1.00 36.80  ? 20  ALA F N   1 
ATOM   1346 C  CA  . ALA F 1 21 ? 11.771  -0.420  -1.577  1.00 37.67  ? 20  ALA F CA  1 
ATOM   1347 C  C   . ALA F 1 21 ? 11.546  1.048   -1.190  1.00 36.48  ? 20  ALA F C   1 
ATOM   1348 O  O   . ALA F 1 21 ? 12.116  1.966   -1.844  1.00 36.41  ? 20  ALA F O   1 
ATOM   1349 C  CB  . ALA F 1 21 ? 10.563  -1.027  -2.253  1.00 36.96  ? 20  ALA F CB  1 
ATOM   1350 N  N   . VAL F 1 22 ? 10.813  1.256   -0.099  1.00 34.69  ? 21  VAL F N   1 
ATOM   1351 C  CA  . VAL F 1 22 ? 10.499  2.626   0.390   1.00 34.17  ? 21  VAL F CA  1 
ATOM   1352 C  C   . VAL F 1 22 ? 11.804  3.331   0.795   1.00 37.58  ? 21  VAL F C   1 
ATOM   1353 O  O   . VAL F 1 22 ? 11.962  4.492   0.421   1.00 35.12  ? 21  VAL F O   1 
ATOM   1354 C  CB  . VAL F 1 22 ? 9.450   2.573   1.512   1.00 37.85  ? 21  VAL F CB  1 
ATOM   1355 C  CG1 . VAL F 1 22 ? 9.355   3.890   2.271   1.00 37.57  ? 21  VAL F CG1 1 
ATOM   1356 C  CG2 . VAL F 1 22 ? 8.075   2.163   0.959   1.00 38.91  ? 21  VAL F CG2 1 
ATOM   1357 N  N   . LYS F 1 23 ? 12.717  2.657   1.504   1.00 37.23  ? 22  LYS F N   1 
ATOM   1358 C  CA  . LYS F 1 23 ? 14.028  3.255   1.918   1.00 38.12  ? 22  LYS F CA  1 
ATOM   1359 C  C   . LYS F 1 23 ? 14.871  3.582   0.678   1.00 38.76  ? 22  LYS F C   1 
ATOM   1360 O  O   . LYS F 1 23 ? 15.545  4.649   0.688   1.00 42.88  ? 22  LYS F O   1 
ATOM   1361 C  CB  . LYS F 1 23 ? 14.717  2.311   2.908   1.00 44.12  ? 22  LYS F CB  1 
ATOM   1362 C  CG  . LYS F 1 23 ? 14.015  2.296   4.261   1.00 43.28  ? 22  LYS F CG  1 
ATOM   1363 C  CD  . LYS F 1 23 ? 14.539  1.292   5.230   1.00 45.78  ? 22  LYS F CD  1 
ATOM   1364 C  CE  . LYS F 1 23 ? 13.640  1.100   6.431   1.00 49.63  ? 22  LYS F CE  1 
ATOM   1365 N  NZ  . LYS F 1 23 ? 13.626  2.310   7.286   1.00 52.69  ? 22  LYS F NZ  1 
ATOM   1366 N  N   . GLU F 1 24 ? 14.803  2.753   -0.366  1.00 39.11  ? 23  GLU F N   1 
ATOM   1367 C  CA  . GLU F 1 24 ? 15.493  2.992   -1.659  1.00 41.78  ? 23  GLU F CA  1 
ATOM   1368 C  C   . GLU F 1 24 ? 14.897  4.229   -2.357  1.00 38.57  ? 23  GLU F C   1 
ATOM   1369 O  O   . GLU F 1 24 ? 15.668  5.016   -2.921  1.00 40.73  ? 23  GLU F O   1 
ATOM   1370 C  CB  . GLU F 1 24 ? 15.355  1.840   -2.651  1.00 46.19  ? 23  GLU F CB  1 
ATOM   1371 C  CG  . GLU F 1 24 ? 16.125  0.591   -2.330  1.00 60.96  ? 23  GLU F CG  1 
ATOM   1372 C  CD  . GLU F 1 24 ? 16.147  -0.440  -3.467  1.00 68.92  ? 23  GLU F CD  1 
ATOM   1373 O  OE1 . GLU F 1 24 ? 16.636  -0.108  -4.584  1.00 66.44  ? 23  GLU F OE1 1 
ATOM   1374 O  OE2 . GLU F 1 24 ? 15.659  -1.571  -3.245  1.00 81.74  ? 23  GLU F OE2 1 
ATOM   1375 N  N   . PHE F 1 25 ? 13.578  4.362   -2.369  1.00 38.51  ? 24  PHE F N   1 
ATOM   1376 C  CA  . PHE F 1 25 ? 12.896  5.570   -2.894  1.00 40.53  ? 24  PHE F CA  1 
ATOM   1377 C  C   . PHE F 1 25 ? 13.313  6.781   -2.052  1.00 38.60  ? 24  PHE F C   1 
ATOM   1378 O  O   . PHE F 1 25 ? 13.630  7.817   -2.643  1.00 38.39  ? 24  PHE F O   1 
ATOM   1379 C  CB  . PHE F 1 25 ? 11.382  5.365   -2.989  1.00 41.70  ? 24  PHE F CB  1 
ATOM   1380 C  CG  . PHE F 1 25 ? 10.641  6.594   -3.459  1.00 37.79  ? 24  PHE F CG  1 
ATOM   1381 C  CD1 . PHE F 1 25 ? 10.613  6.953   -4.803  1.00 40.64  ? 24  PHE F CD1 1 
ATOM   1382 C  CD2 . PHE F 1 25 ? 10.018  7.433   -2.551  1.00 39.80  ? 24  PHE F CD2 1 
ATOM   1383 C  CE1 . PHE F 1 25 ? 9.949   8.107   -5.227  1.00 38.56  ? 24  PHE F CE1 1 
ATOM   1384 C  CE2 . PHE F 1 25 ? 9.381   8.595   -2.975  1.00 40.20  ? 24  PHE F CE2 1 
ATOM   1385 C  CZ  . PHE F 1 25 ? 9.352   8.934   -4.304  1.00 36.15  ? 24  PHE F CZ  1 
ATOM   1386 N  N   . ALA F 1 26 ? 13.290  6.654   -0.719  1.00 40.69  ? 25  ALA F N   1 
ATOM   1387 C  CA  . ALA F 1 26 ? 13.703  7.710   0.237   1.00 44.20  ? 25  ALA F CA  1 
ATOM   1388 C  C   . ALA F 1 26 ? 15.142  8.162   -0.096  1.00 42.20  ? 25  ALA F C   1 
ATOM   1389 O  O   . ALA F 1 26 ? 15.343  9.399   -0.205  1.00 39.79  ? 25  ALA F O   1 
ATOM   1390 C  CB  . ALA F 1 26 ? 13.539  7.236   1.666   1.00 43.48  ? 25  ALA F CB  1 
ATOM   1391 N  N   . GLN F 1 27 ? 16.067  7.233   -0.401  1.00 41.00  ? 26  GLN F N   1 
ATOM   1392 C  CA  . GLN F 1 27 ? 17.494  7.583   -0.711  1.00 46.00  ? 26  GLN F CA  1 
ATOM   1393 C  C   . GLN F 1 27 ? 17.570  8.298   -2.071  1.00 46.60  ? 26  GLN F C   1 
ATOM   1394 O  O   . GLN F 1 27 ? 18.397  9.193   -2.225  1.00 42.27  ? 26  GLN F O   1 
ATOM   1395 C  CB  . GLN F 1 27 ? 18.427  6.367   -0.706  1.00 51.49  ? 26  GLN F CB  1 
ATOM   1396 C  CG  . GLN F 1 27 ? 18.817  5.867   0.692   1.00 54.96  ? 26  GLN F CG  1 
ATOM   1397 C  CD  . GLN F 1 27 ? 19.487  6.890   1.593   1.00 60.69  ? 26  GLN F CD  1 
ATOM   1398 O  OE1 . GLN F 1 27 ? 19.308  6.864   2.805   1.00 63.91  ? 26  GLN F OE1 1 
ATOM   1399 N  NE2 . GLN F 1 27 ? 20.232  7.831   1.026   1.00 47.08  ? 26  GLN F NE2 1 
ATOM   1400 N  N   . ALA F 1 28 ? 16.763  7.889   -3.045  1.00 41.58  ? 27  ALA F N   1 
ATOM   1401 C  CA  . ALA F 1 28 ? 16.703  8.505   -4.390  1.00 44.93  ? 27  ALA F CA  1 
ATOM   1402 C  C   . ALA F 1 28 ? 16.216  9.954   -4.270  1.00 46.48  ? 27  ALA F C   1 
ATOM   1403 O  O   . ALA F 1 28 ? 16.790  10.869  -4.906  1.00 45.92  ? 27  ALA F O   1 
ATOM   1404 C  CB  . ALA F 1 28 ? 15.794  7.687   -5.283  1.00 47.05  ? 27  ALA F CB  1 
ATOM   1405 N  N   . VAL F 1 29 ? 15.158  10.174  -3.496  1.00 42.26  ? 28  VAL F N   1 
ATOM   1406 C  CA  . VAL F 1 29 ? 14.624  11.540  -3.259  1.00 44.12  ? 28  VAL F CA  1 
ATOM   1407 C  C   . VAL F 1 29 ? 15.700  12.373  -2.536  1.00 49.98  ? 28  VAL F C   1 
ATOM   1408 O  O   . VAL F 1 29 ? 15.937  13.487  -2.966  1.00 46.59  ? 28  VAL F O   1 
ATOM   1409 C  CB  . VAL F 1 29 ? 13.296  11.476  -2.490  1.00 46.13  ? 28  VAL F CB  1 
ATOM   1410 C  CG1 . VAL F 1 29 ? 12.878  12.853  -2.009  1.00 47.85  ? 28  VAL F CG1 1 
ATOM   1411 C  CG2 . VAL F 1 29 ? 12.207  10.832  -3.354  1.00 44.49  ? 28  VAL F CG2 1 
ATOM   1412 N  N   . LYS F 1 30 ? 16.324  11.840  -1.485  1.00 49.04  ? 29  LYS F N   1 
ATOM   1413 C  CA  . LYS F 1 30 ? 17.358  12.539  -0.662  1.00 55.10  ? 29  LYS F CA  1 
ATOM   1414 C  C   . LYS F 1 30 ? 18.552  13.010  -1.508  1.00 52.69  ? 29  LYS F C   1 
ATOM   1415 O  O   . LYS F 1 30 ? 19.121  14.054  -1.171  1.00 54.98  ? 29  LYS F O   1 
ATOM   1416 C  CB  . LYS F 1 30 ? 17.892  11.592  0.418   1.00 52.24  ? 29  LYS F CB  1 
ATOM   1417 C  CG  . LYS F 1 30 ? 18.561  12.276  1.601   1.00 56.43  ? 29  LYS F CG  1 
ATOM   1418 C  CD  . LYS F 1 30 ? 19.222  11.303  2.556   1.00 57.69  ? 29  LYS F CD  1 
ATOM   1419 C  CE  . LYS F 1 30 ? 20.321  11.948  3.369   1.00 65.99  ? 29  LYS F CE  1 
ATOM   1420 N  NZ  . LYS F 1 30 ? 21.222  10.925  3.942   1.00 73.37  ? 29  LYS F NZ  1 
ATOM   1421 N  N   . GLY F 1 31 ? 18.959  12.238  -2.517  1.00 50.19  ? 30  GLY F N   1 
ATOM   1422 C  CA  . GLY F 1 31 ? 20.271  12.359  -3.183  1.00 60.98  ? 30  GLY F CA  1 
ATOM   1423 C  C   . GLY F 1 31 ? 20.289  13.413  -4.273  1.00 61.76  ? 30  GLY F C   1 
ATOM   1424 O  O   . GLY F 1 31 ? 19.300  13.551  -4.974  1.00 70.16  ? 30  GLY F O   1 
HETATM 1425 C  C1  . OXM G 2 .  ? 6.660   12.968  -15.445 1.00 74.86  ? 101 OXM B C1  1 
HETATM 1426 N  N1  . OXM G 2 .  ? 7.631   13.801  -15.099 1.00 68.71  ? 101 OXM B N1  1 
HETATM 1427 O  O1  . OXM G 2 .  ? 6.704   11.754  -15.264 1.00 72.25  ? 101 OXM B O1  1 
HETATM 1428 C  C2  . OXM G 2 .  ? 5.451   13.583  -16.096 1.00 78.84  ? 101 OXM B C2  1 
HETATM 1429 O  O2  . OXM G 2 .  ? 4.647   12.795  -16.601 1.00 78.85  ? 101 OXM B O2  1 
HETATM 1430 O  O3  . OXM G 2 .  ? 5.360   14.820  -16.052 1.00 74.30  ? 101 OXM B O3  1 
HETATM 1431 C  C1  . EDO H 3 .  ? -3.168  -5.681  5.783   1.00 47.24  ? 101 EDO F C1  1 
HETATM 1432 O  O1  . EDO H 3 .  ? -2.241  -4.760  5.254   1.00 39.05  ? 101 EDO F O1  1 
HETATM 1433 C  C2  . EDO H 3 .  ? -3.498  -6.798  4.846   1.00 40.45  ? 101 EDO F C2  1 
HETATM 1434 O  O2  . EDO H 3 .  ? -4.237  -6.310  3.756   1.00 40.64  ? 101 EDO F O2  1 
HETATM 1435 O  O   . HOH I 4 .  ? -5.530  6.962   0.578   1.00 37.02  ? 101 HOH A O   1 
HETATM 1436 O  O   . HOH I 4 .  ? 6.488   22.859  -10.255 1.00 69.20  ? 102 HOH A O   1 
HETATM 1437 O  O   . HOH I 4 .  ? -1.934  12.160  -7.793  1.00 39.96  ? 103 HOH A O   1 
HETATM 1438 O  O   . HOH I 4 .  ? -7.453  7.218   6.268   1.00 46.43  ? 104 HOH A O   1 
HETATM 1439 O  O   . HOH I 4 .  ? -8.456  0.923   8.878   1.00 40.57  ? 105 HOH A O   1 
HETATM 1440 O  O   . HOH J 4 .  ? 1.677   2.619   0.018   1.00 41.22  ? 201 HOH B O   1 
HETATM 1441 O  O   . HOH J 4 .  ? -9.756  -1.009  10.416  1.00 42.10  ? 202 HOH B O   1 
HETATM 1442 O  O   . HOH J 4 .  ? -6.768  4.959   2.334   1.00 37.39  ? 203 HOH B O   1 
HETATM 1443 O  O   . HOH J 4 .  ? -3.125  10.324  -6.016  1.00 40.02  ? 204 HOH B O   1 
HETATM 1444 O  O   . HOH J 4 .  ? -0.449  9.299   -22.087 1.00 50.94  ? 205 HOH B O   1 
HETATM 1445 O  O   . HOH J 4 .  ? -9.554  3.042   8.875   1.00 54.74  ? 206 HOH B O   1 
HETATM 1446 O  O   . HOH J 4 .  ? -7.155  9.031   -0.203  1.00 44.71  ? 207 HOH B O   1 
HETATM 1447 O  O   . HOH J 4 .  ? -10.983 -0.035  12.567  1.00 55.61  ? 208 HOH B O   1 
HETATM 1448 O  O   . HOH K 4 .  ? 1.016   -2.334  -18.120 1.00 59.98  ? 101 HOH C O   1 
HETATM 1449 O  O   . HOH K 4 .  ? -16.179 -2.111  3.111   1.00 56.38  ? 102 HOH C O   1 
HETATM 1450 O  O   . HOH K 4 .  ? 8.734   -5.503  -21.350 1.00 42.88  ? 103 HOH C O   1 
HETATM 1451 O  O   . HOH L 4 .  ? -11.214 -14.281 -0.435  1.00 60.30  ? 101 HOH D O   1 
HETATM 1452 O  O   . HOH L 4 .  ? -0.719  -6.205  -8.386  1.00 49.85  ? 102 HOH D O   1 
HETATM 1453 O  O   . HOH L 4 .  ? -2.950  -9.954  -6.091  1.00 45.50  ? 103 HOH D O   1 
HETATM 1454 O  O   . HOH L 4 .  ? 2.559   -4.565  -11.416 1.00 48.25  ? 104 HOH D O   1 
HETATM 1455 O  O   . HOH L 4 .  ? -12.137 -16.663 6.087   1.00 53.54  ? 105 HOH D O   1 
HETATM 1456 O  O   . HOH L 4 .  ? -1.325  -8.675  -7.856  1.00 44.42  ? 106 HOH D O   1 
HETATM 1457 O  O   . HOH M 4 .  ? 10.402  1.563   5.127   1.00 40.24  ? 101 HOH E O   1 
HETATM 1458 O  O   . HOH M 4 .  ? 0.982   0.098   -0.048  1.00 43.78  ? 102 HOH E O   1 
HETATM 1459 O  O   . HOH M 4 .  ? 8.598   -1.628  8.314   1.00 42.80  ? 103 HOH E O   1 
HETATM 1460 O  O   . HOH M 4 .  ? 9.432   -4.261  7.765   1.00 52.56  ? 104 HOH E O   1 
HETATM 1461 O  O   . HOH M 4 .  ? 6.630   -9.308  10.389  1.00 54.64  ? 105 HOH E O   1 
HETATM 1462 O  O   . HOH M 4 .  ? 10.080  0.426   7.544   1.00 46.08  ? 106 HOH E O   1 
HETATM 1463 O  O   . HOH N 4 .  ? 20.783  9.055   -0.790  1.00 45.62  ? 201 HOH F O   1 
HETATM 1464 O  O   . HOH N 4 .  ? 1.203   -14.000 -1.871  1.00 56.00  ? 202 HOH F O   1 
HETATM 1465 O  O   . HOH N 4 .  ? 5.536   -12.719 -0.341  1.00 52.51  ? 203 HOH F O   1 
HETATM 1466 O  O   . HOH N 4 .  ? 15.270  5.730   5.152   1.00 55.15  ? 204 HOH F O   1 
# 
